data_7MQI
#
_entry.id   7MQI
#
_cell.length_a   1.00
_cell.length_b   1.00
_cell.length_c   1.00
_cell.angle_alpha   90.00
_cell.angle_beta   90.00
_cell.angle_gamma   90.00
#
_symmetry.space_group_name_H-M   'P 1'
#
loop_
_entity.id
_entity.type
_entity.pdbx_description
1 polymer 'NanoRNase C'
2 polymer "RNA (5'-R(P*AP*AP*AP*GP*G)-3')"
#
loop_
_entity_poly.entity_id
_entity_poly.type
_entity_poly.pdbx_seq_one_letter_code
_entity_poly.pdbx_strand_id
1 'polypeptide(L)'
;SMTEIRVHQGDLPNLDNYRIDAVAVDTETLGLQPHRDRLCVVQLSSGDGTADVIQIAKGQKSAPNLVRLLSDRDITKIFH
FGRFDLAILAHTFGVMPDVVFCTKIASKLTRTYTDRHGLKEICGELLNVNISKQQQSSDWAAETLSRAQIEYAASDVLYL
HRLKDIFEERLKREERESVAKACFQFLPMRANLDLLGWSEIDIFAHS
;
A,C,E,G,I,K,M,O
2 'polyribonucleotide' AAAGG B,D,F,H,J,L,N,P
#
# COMPACT_ATOMS: atom_id res chain seq x y z
N THR A 3 -20.93 7.87 -40.90
CA THR A 3 -19.88 8.56 -41.62
C THR A 3 -19.27 7.66 -42.69
N GLU A 4 -18.69 8.25 -43.72
CA GLU A 4 -17.96 7.49 -44.73
C GLU A 4 -16.61 7.12 -44.17
N ILE A 5 -16.33 5.83 -44.12
CA ILE A 5 -15.05 5.32 -43.66
C ILE A 5 -14.47 4.47 -44.78
N ARG A 6 -13.34 4.90 -45.32
CA ARG A 6 -12.66 4.17 -46.40
C ARG A 6 -11.60 3.30 -45.75
N VAL A 7 -11.66 2.00 -45.98
CA VAL A 7 -10.73 1.05 -45.40
C VAL A 7 -9.72 0.61 -46.45
N HIS A 8 -8.43 0.67 -46.09
CA HIS A 8 -7.37 0.31 -47.01
C HIS A 8 -6.45 -0.72 -46.38
N GLN A 9 -5.77 -1.47 -47.24
CA GLN A 9 -4.70 -2.39 -46.86
C GLN A 9 -3.36 -1.79 -47.25
N GLY A 10 -2.49 -1.64 -46.27
CA GLY A 10 -1.10 -1.21 -46.45
C GLY A 10 -0.83 0.27 -46.53
N ASP A 11 -1.58 1.01 -47.34
CA ASP A 11 -1.23 2.42 -47.51
C ASP A 11 -2.41 3.15 -48.14
N LEU A 12 -2.38 4.48 -48.01
CA LEU A 12 -3.22 5.35 -48.79
C LEU A 12 -2.90 5.22 -50.28
N PRO A 13 -3.90 5.35 -51.15
CA PRO A 13 -3.59 5.35 -52.58
C PRO A 13 -2.86 6.60 -53.01
N ASN A 14 -3.13 7.72 -52.35
CA ASN A 14 -2.49 9.00 -52.63
C ASN A 14 -2.78 9.95 -51.47
N LEU A 15 -2.27 11.17 -51.58
CA LEU A 15 -2.46 12.17 -50.54
C LEU A 15 -3.43 13.26 -51.02
N ASP A 16 -4.30 12.92 -51.96
CA ASP A 16 -5.21 13.89 -52.55
C ASP A 16 -6.16 14.47 -51.51
N ASN A 17 -6.53 13.68 -50.50
CA ASN A 17 -7.44 14.12 -49.45
C ASN A 17 -6.72 14.76 -48.28
N TYR A 18 -5.39 14.91 -48.35
CA TYR A 18 -4.62 15.35 -47.18
C TYR A 18 -3.70 16.50 -47.54
N ARG A 19 -4.15 17.40 -48.42
CA ARG A 19 -3.46 18.67 -48.66
C ARG A 19 -4.02 19.72 -47.70
N ILE A 20 -3.67 19.54 -46.42
CA ILE A 20 -4.29 20.25 -45.31
C ILE A 20 -3.20 20.59 -44.31
N ASP A 21 -3.53 21.48 -43.37
CA ASP A 21 -2.55 21.94 -42.39
C ASP A 21 -2.44 21.03 -41.17
N ALA A 22 -3.43 20.19 -40.89
CA ALA A 22 -3.36 19.32 -39.72
C ALA A 22 -4.17 18.06 -39.98
N VAL A 23 -3.63 16.92 -39.55
CA VAL A 23 -4.29 15.63 -39.74
C VAL A 23 -4.39 14.93 -38.39
N ALA A 24 -5.55 14.38 -38.09
CA ALA A 24 -5.73 13.59 -36.89
C ALA A 24 -5.29 12.15 -37.12
N VAL A 25 -4.53 11.60 -36.18
CA VAL A 25 -3.90 10.30 -36.34
C VAL A 25 -4.16 9.48 -35.09
N ASP A 26 -4.45 8.19 -35.28
CA ASP A 26 -4.54 7.26 -34.17
C ASP A 26 -4.13 5.89 -34.68
N THR A 27 -3.87 4.97 -33.76
CA THR A 27 -3.44 3.62 -34.12
C THR A 27 -4.22 2.60 -33.30
N GLU A 28 -4.19 1.35 -33.76
CA GLU A 28 -4.58 0.21 -32.94
C GLU A 28 -3.52 -0.87 -33.06
N THR A 29 -3.32 -1.61 -31.98
CA THR A 29 -2.24 -2.57 -31.89
C THR A 29 -2.74 -3.81 -31.16
N LEU A 30 -1.86 -4.80 -31.02
CA LEU A 30 -2.14 -5.95 -30.16
C LEU A 30 -1.86 -5.73 -28.68
N GLY A 31 -1.44 -4.54 -28.25
CA GLY A 31 -1.23 -4.31 -26.84
C GLY A 31 -0.33 -3.11 -26.61
N LEU A 32 0.04 -2.94 -25.34
CA LEU A 32 0.73 -1.74 -24.88
C LEU A 32 2.25 -1.77 -25.02
N GLN A 33 2.84 -2.86 -25.50
CA GLN A 33 4.30 -3.01 -25.52
C GLN A 33 4.81 -3.08 -26.95
N PRO A 34 5.35 -1.99 -27.50
CA PRO A 34 5.67 -1.96 -28.93
C PRO A 34 6.60 -3.06 -29.41
N HIS A 35 7.51 -3.54 -28.56
CA HIS A 35 8.39 -4.61 -29.01
C HIS A 35 7.69 -5.94 -29.18
N ARG A 36 6.58 -6.16 -28.49
CA ARG A 36 5.84 -7.41 -28.62
C ARG A 36 4.60 -7.29 -29.50
N ASP A 37 3.90 -6.16 -29.44
CA ASP A 37 2.54 -6.04 -29.95
C ASP A 37 2.52 -5.19 -31.21
N ARG A 38 2.28 -5.82 -32.36
CA ARG A 38 2.46 -5.16 -33.64
C ARG A 38 1.33 -4.16 -33.92
N LEU A 39 1.65 -3.15 -34.73
CA LEU A 39 0.66 -2.24 -35.28
C LEU A 39 -0.29 -2.94 -36.24
N CYS A 40 -1.59 -2.79 -36.02
CA CYS A 40 -2.61 -3.46 -36.83
C CYS A 40 -3.44 -2.51 -37.69
N VAL A 41 -3.75 -1.31 -37.20
CA VAL A 41 -4.63 -0.36 -37.88
C VAL A 41 -4.07 1.04 -37.65
N VAL A 42 -4.12 1.89 -38.67
CA VAL A 42 -3.90 3.33 -38.54
C VAL A 42 -5.10 4.09 -39.05
N GLN A 43 -5.57 5.06 -38.29
CA GLN A 43 -6.72 5.87 -38.67
C GLN A 43 -6.28 7.30 -38.89
N LEU A 44 -6.89 7.94 -39.89
CA LEU A 44 -6.56 9.30 -40.28
C LEU A 44 -7.87 10.06 -40.51
N SER A 45 -7.83 11.36 -40.25
CA SER A 45 -8.93 12.23 -40.64
C SER A 45 -8.40 13.61 -41.02
N SER A 46 -9.02 14.17 -42.04
CA SER A 46 -8.80 15.53 -42.52
C SER A 46 -9.58 16.56 -41.73
N GLY A 47 -10.39 16.12 -40.77
CA GLY A 47 -11.26 16.99 -40.01
C GLY A 47 -12.65 17.10 -40.59
N ASP A 48 -12.91 16.38 -41.67
CA ASP A 48 -14.20 16.40 -42.34
C ASP A 48 -15.05 15.29 -41.72
N GLY A 49 -16.16 14.97 -42.37
CA GLY A 49 -17.05 13.95 -41.88
C GLY A 49 -16.67 12.54 -42.30
N THR A 50 -15.55 12.38 -42.98
CA THR A 50 -15.04 11.07 -43.35
C THR A 50 -13.69 10.79 -42.69
N ALA A 51 -13.32 9.52 -42.69
CA ALA A 51 -12.09 9.04 -42.09
C ALA A 51 -11.51 7.95 -42.99
N ASP A 52 -10.20 7.78 -42.92
CA ASP A 52 -9.52 6.68 -43.60
C ASP A 52 -8.94 5.70 -42.58
N VAL A 53 -9.22 4.42 -42.78
CA VAL A 53 -8.74 3.36 -41.91
C VAL A 53 -7.86 2.42 -42.71
N ILE A 54 -6.59 2.34 -42.37
CA ILE A 54 -5.60 1.60 -43.16
C ILE A 54 -5.22 0.42 -42.29
N GLN A 55 -5.56 -0.78 -42.77
CA GLN A 55 -5.17 -2.00 -42.08
C GLN A 55 -3.73 -2.33 -42.44
N ILE A 56 -2.90 -2.55 -41.43
CA ILE A 56 -1.47 -2.84 -41.60
C ILE A 56 -1.22 -4.33 -41.43
N ALA A 57 -0.53 -4.92 -42.41
CA ALA A 57 -0.26 -6.34 -42.41
C ALA A 57 0.89 -6.68 -41.47
N LYS A 58 0.89 -7.92 -40.98
CA LYS A 58 2.01 -8.44 -40.21
C LYS A 58 3.32 -8.37 -40.97
N GLY A 59 4.35 -7.86 -40.30
CA GLY A 59 5.67 -7.71 -40.87
C GLY A 59 5.86 -6.57 -41.85
N GLN A 60 4.84 -5.75 -42.08
CA GLN A 60 4.97 -4.66 -43.04
C GLN A 60 5.97 -3.63 -42.54
N LYS A 61 6.93 -3.28 -43.39
CA LYS A 61 8.01 -2.38 -43.02
C LYS A 61 7.88 -1.00 -43.66
N SER A 62 7.04 -0.85 -44.67
CA SER A 62 6.98 0.35 -45.50
C SER A 62 5.52 0.74 -45.70
N ALA A 63 5.27 2.05 -45.68
CA ALA A 63 3.96 2.61 -46.05
C ALA A 63 4.20 4.00 -46.60
N PRO A 64 4.67 4.11 -47.84
CA PRO A 64 5.27 5.38 -48.29
C PRO A 64 4.37 6.59 -48.22
N ASN A 65 3.09 6.47 -48.55
CA ASN A 65 2.22 7.64 -48.53
C ASN A 65 1.92 8.07 -47.10
N LEU A 66 1.57 7.10 -46.26
CA LEU A 66 1.39 7.39 -44.84
C LEU A 66 2.65 8.00 -44.24
N VAL A 67 3.81 7.42 -44.54
CA VAL A 67 5.04 7.93 -43.94
C VAL A 67 5.36 9.32 -44.47
N ARG A 68 5.04 9.60 -45.74
CA ARG A 68 5.18 10.97 -46.23
C ARG A 68 4.37 11.94 -45.38
N LEU A 69 3.14 11.58 -45.08
CA LEU A 69 2.31 12.43 -44.23
C LEU A 69 2.92 12.57 -42.83
N LEU A 70 3.34 11.46 -42.24
CA LEU A 70 3.90 11.47 -40.89
C LEU A 70 5.20 12.27 -40.79
N SER A 71 5.99 12.32 -41.85
CA SER A 71 7.26 13.03 -41.87
C SER A 71 7.15 14.49 -42.27
N ASP A 72 6.00 14.94 -42.78
CA ASP A 72 5.87 16.28 -43.33
C ASP A 72 5.81 17.30 -42.20
N ARG A 73 6.88 18.07 -42.03
CA ARG A 73 6.96 19.07 -40.97
C ARG A 73 5.98 20.24 -41.13
N ASP A 74 5.37 20.41 -42.29
CA ASP A 74 4.36 21.45 -42.47
C ASP A 74 2.96 21.03 -42.04
N ILE A 75 2.79 19.78 -41.59
CA ILE A 75 1.49 19.26 -41.21
C ILE A 75 1.56 18.83 -39.75
N THR A 76 0.72 19.44 -38.92
CA THR A 76 0.63 19.06 -37.52
C THR A 76 -0.16 17.77 -37.37
N LYS A 77 0.42 16.80 -36.68
CA LYS A 77 -0.26 15.54 -36.36
C LYS A 77 -0.95 15.66 -35.01
N ILE A 78 -2.26 15.50 -34.99
CA ILE A 78 -3.04 15.60 -33.75
C ILE A 78 -3.26 14.20 -33.21
N PHE A 79 -2.93 13.99 -31.94
CA PHE A 79 -3.13 12.72 -31.28
C PHE A 79 -3.89 12.94 -29.98
N HIS A 80 -4.49 11.88 -29.46
CA HIS A 80 -4.83 11.79 -28.05
C HIS A 80 -3.90 10.77 -27.41
N PHE A 81 -3.11 11.22 -26.42
CA PHE A 81 -2.03 10.43 -25.85
C PHE A 81 -1.06 9.95 -26.93
N GLY A 82 -0.51 10.93 -27.63
CA GLY A 82 0.45 10.64 -28.69
C GLY A 82 1.71 9.95 -28.22
N ARG A 83 2.00 9.99 -26.92
CA ARG A 83 3.14 9.25 -26.39
C ARG A 83 3.18 7.80 -26.89
N PHE A 84 2.03 7.14 -26.95
CA PHE A 84 1.99 5.77 -27.43
C PHE A 84 2.05 5.67 -28.95
N ASP A 85 1.17 6.42 -29.63
CA ASP A 85 1.10 6.34 -31.08
C ASP A 85 2.43 6.68 -31.73
N LEU A 86 3.11 7.72 -31.23
CA LEU A 86 4.40 8.08 -31.79
C LEU A 86 5.39 6.94 -31.64
N ALA A 87 5.38 6.28 -30.48
CA ALA A 87 6.28 5.18 -30.22
C ALA A 87 6.04 4.04 -31.19
N ILE A 88 4.78 3.63 -31.34
CA ILE A 88 4.49 2.46 -32.18
C ILE A 88 4.70 2.80 -33.66
N LEU A 89 4.39 4.02 -34.07
CA LEU A 89 4.63 4.43 -35.45
C LEU A 89 6.12 4.44 -35.76
N ALA A 90 6.93 5.02 -34.87
CA ALA A 90 8.37 5.06 -35.10
C ALA A 90 8.95 3.66 -35.10
N HIS A 91 8.47 2.80 -34.19
CA HIS A 91 8.97 1.43 -34.16
C HIS A 91 8.61 0.69 -35.45
N THR A 92 7.43 0.97 -36.01
CA THR A 92 6.98 0.18 -37.14
C THR A 92 7.56 0.67 -38.45
N PHE A 93 7.56 1.99 -38.68
CA PHE A 93 7.96 2.53 -39.97
C PHE A 93 9.28 3.29 -39.94
N GLY A 94 9.90 3.45 -38.77
CA GLY A 94 11.22 4.01 -38.70
C GLY A 94 11.28 5.51 -38.78
N VAL A 95 10.15 6.19 -38.72
CA VAL A 95 10.08 7.65 -38.81
C VAL A 95 9.33 8.18 -37.59
N MET A 96 9.97 9.07 -36.84
CA MET A 96 9.33 9.70 -35.70
C MET A 96 8.81 11.07 -36.09
N PRO A 97 7.49 11.29 -36.07
CA PRO A 97 6.96 12.64 -36.33
C PRO A 97 7.54 13.64 -35.34
N ASP A 98 7.73 14.89 -35.80
CA ASP A 98 8.29 15.91 -34.92
C ASP A 98 7.47 17.19 -34.85
N VAL A 99 6.29 17.23 -35.45
CA VAL A 99 5.37 18.36 -35.33
C VAL A 99 4.04 17.77 -34.89
N VAL A 100 3.72 17.89 -33.60
CA VAL A 100 2.60 17.16 -33.02
C VAL A 100 1.82 18.07 -32.09
N PHE A 101 0.57 17.66 -31.84
CA PHE A 101 -0.31 18.23 -30.83
C PHE A 101 -0.95 17.06 -30.12
N CYS A 102 -0.99 17.11 -28.79
CA CYS A 102 -1.58 16.04 -27.99
C CYS A 102 -2.74 16.62 -27.18
N THR A 103 -3.93 16.07 -27.38
CA THR A 103 -5.09 16.56 -26.65
C THR A 103 -5.08 16.16 -25.18
N LYS A 104 -4.34 15.12 -24.81
CA LYS A 104 -4.30 14.75 -23.39
C LYS A 104 -3.43 15.71 -22.59
N ILE A 105 -2.26 16.07 -23.11
CA ILE A 105 -1.45 17.10 -22.45
C ILE A 105 -2.21 18.41 -22.37
N ALA A 106 -2.89 18.80 -23.45
CA ALA A 106 -3.67 20.04 -23.44
C ALA A 106 -4.76 19.97 -22.38
N SER A 107 -5.42 18.81 -22.26
CA SER A 107 -6.44 18.67 -21.22
C SER A 107 -5.81 18.83 -19.84
N LYS A 108 -4.66 18.19 -19.63
CA LYS A 108 -4.01 18.31 -18.33
C LYS A 108 -3.55 19.73 -18.03
N LEU A 109 -3.34 20.53 -19.08
CA LEU A 109 -2.93 21.92 -18.91
C LEU A 109 -4.09 22.89 -18.82
N THR A 110 -5.31 22.45 -19.09
CA THR A 110 -6.40 23.42 -19.12
C THR A 110 -7.58 22.97 -18.29
N ARG A 111 -7.95 21.71 -18.35
CA ARG A 111 -9.07 21.17 -17.58
C ARG A 111 -8.57 20.76 -16.20
N THR A 112 -8.14 21.78 -15.44
CA THR A 112 -7.55 21.59 -14.13
C THR A 112 -8.56 21.27 -13.04
N TYR A 113 -9.85 21.36 -13.35
CA TYR A 113 -10.93 21.10 -12.40
C TYR A 113 -11.39 19.65 -12.39
N THR A 114 -10.69 18.74 -13.07
CA THR A 114 -11.07 17.35 -13.08
C THR A 114 -9.82 16.49 -13.15
N ASP A 115 -9.96 15.22 -12.78
CA ASP A 115 -8.86 14.27 -12.91
C ASP A 115 -9.09 13.23 -14.01
N ARG A 116 -10.18 13.37 -14.77
CA ARG A 116 -10.53 12.43 -15.84
C ARG A 116 -10.25 13.11 -17.17
N HIS A 117 -9.21 12.63 -17.85
CA HIS A 117 -8.71 13.22 -19.10
C HIS A 117 -8.85 12.30 -20.29
N GLY A 118 -9.63 11.22 -20.18
CA GLY A 118 -9.82 10.35 -21.31
C GLY A 118 -10.61 11.01 -22.43
N LEU A 119 -10.48 10.45 -23.64
CA LEU A 119 -11.10 11.04 -24.82
C LEU A 119 -12.61 11.07 -24.71
N LYS A 120 -13.23 10.03 -24.16
CA LYS A 120 -14.69 10.02 -24.04
C LYS A 120 -15.18 11.18 -23.20
N GLU A 121 -14.53 11.41 -22.05
CA GLU A 121 -14.96 12.47 -21.14
C GLU A 121 -14.71 13.84 -21.75
N ILE A 122 -13.57 14.01 -22.43
CA ILE A 122 -13.26 15.29 -23.07
C ILE A 122 -14.29 15.60 -24.14
N CYS A 123 -14.58 14.61 -25.00
CA CYS A 123 -15.55 14.85 -26.07
C CYS A 123 -16.93 15.14 -25.49
N GLY A 124 -17.29 14.45 -24.41
CA GLY A 124 -18.58 14.71 -23.79
C GLY A 124 -18.69 16.12 -23.24
N GLU A 125 -17.65 16.58 -22.54
CA GLU A 125 -17.70 17.90 -21.93
C GLU A 125 -17.60 19.00 -22.98
N LEU A 126 -16.64 18.89 -23.90
CA LEU A 126 -16.33 19.98 -24.79
C LEU A 126 -17.26 20.06 -25.98
N LEU A 127 -17.82 18.94 -26.43
CA LEU A 127 -18.61 18.93 -27.66
C LEU A 127 -20.02 18.38 -27.47
N ASN A 128 -20.36 17.88 -26.28
CA ASN A 128 -21.62 17.17 -26.06
C ASN A 128 -21.80 16.03 -27.06
N VAL A 129 -20.71 15.34 -27.35
CA VAL A 129 -20.72 14.19 -28.25
C VAL A 129 -20.50 12.94 -27.44
N ASN A 130 -21.34 11.93 -27.66
CA ASN A 130 -21.26 10.68 -26.92
C ASN A 130 -20.49 9.66 -27.75
N ILE A 131 -19.32 9.26 -27.25
CA ILE A 131 -18.56 8.17 -27.83
C ILE A 131 -18.97 6.88 -27.15
N SER A 132 -19.33 5.88 -27.94
CA SER A 132 -19.67 4.56 -27.44
C SER A 132 -18.49 3.61 -27.62
N LYS A 133 -18.06 3.00 -26.53
CA LYS A 133 -16.85 2.19 -26.51
C LYS A 133 -17.24 0.74 -26.70
N GLN A 134 -16.35 -0.03 -27.32
CA GLN A 134 -16.70 -1.40 -27.71
C GLN A 134 -17.12 -2.23 -26.50
N GLN A 135 -16.44 -2.05 -25.36
CA GLN A 135 -16.68 -2.84 -24.16
C GLN A 135 -16.39 -4.32 -24.38
N GLN A 136 -16.02 -4.66 -25.62
CA GLN A 136 -15.71 -6.01 -26.06
C GLN A 136 -14.23 -6.26 -26.25
N SER A 137 -13.51 -5.32 -26.88
CA SER A 137 -12.05 -5.39 -27.02
C SER A 137 -11.79 -6.61 -27.88
N SER A 138 -11.84 -6.41 -29.19
CA SER A 138 -11.59 -7.45 -30.18
C SER A 138 -10.17 -7.47 -30.71
N ASP A 139 -9.92 -8.52 -31.50
CA ASP A 139 -8.68 -8.88 -32.19
C ASP A 139 -8.55 -8.04 -33.45
N TRP A 140 -7.86 -6.91 -33.32
CA TRP A 140 -7.66 -5.96 -34.40
C TRP A 140 -6.77 -6.50 -35.50
N ALA A 141 -6.13 -7.64 -35.31
CA ALA A 141 -5.30 -8.23 -36.35
C ALA A 141 -6.09 -9.14 -37.29
N ALA A 142 -7.40 -9.25 -37.09
CA ALA A 142 -8.24 -10.09 -37.94
C ALA A 142 -8.10 -9.67 -39.39
N GLU A 143 -8.12 -10.67 -40.29
CA GLU A 143 -8.01 -10.38 -41.72
C GLU A 143 -9.11 -9.46 -42.22
N THR A 144 -10.35 -9.68 -41.79
CA THR A 144 -11.46 -8.80 -42.16
C THR A 144 -12.03 -8.15 -40.91
N LEU A 145 -11.96 -6.82 -40.85
CA LEU A 145 -12.56 -6.09 -39.74
C LEU A 145 -14.08 -6.06 -39.87
N SER A 146 -14.77 -6.15 -38.72
CA SER A 146 -16.21 -6.01 -38.71
C SER A 146 -16.61 -4.56 -38.91
N ARG A 147 -17.88 -4.35 -39.25
CA ARG A 147 -18.41 -2.99 -39.37
C ARG A 147 -18.31 -2.23 -38.06
N ALA A 148 -18.61 -2.90 -36.94
CA ALA A 148 -18.49 -2.26 -35.63
C ALA A 148 -17.05 -1.85 -35.35
N GLN A 149 -16.09 -2.70 -35.71
CA GLN A 149 -14.70 -2.36 -35.51
C GLN A 149 -14.33 -1.13 -36.33
N ILE A 150 -14.77 -1.08 -37.59
CA ILE A 150 -14.45 0.05 -38.46
C ILE A 150 -15.03 1.34 -37.91
N GLU A 151 -16.30 1.30 -37.48
CA GLU A 151 -16.92 2.50 -36.94
C GLU A 151 -16.25 2.95 -35.65
N TYR A 152 -15.92 2.01 -34.76
CA TYR A 152 -15.23 2.38 -33.53
C TYR A 152 -13.87 3.00 -33.84
N ALA A 153 -13.13 2.41 -34.78
CA ALA A 153 -11.81 2.93 -35.12
C ALA A 153 -11.89 4.32 -35.70
N ALA A 154 -12.87 4.58 -36.56
CA ALA A 154 -13.02 5.91 -37.12
C ALA A 154 -13.43 6.93 -36.06
N SER A 155 -14.24 6.51 -35.08
CA SER A 155 -14.74 7.46 -34.08
C SER A 155 -13.63 8.12 -33.27
N ASP A 156 -12.46 7.50 -33.19
CA ASP A 156 -11.34 8.04 -32.42
C ASP A 156 -10.61 9.20 -33.09
N VAL A 157 -10.81 9.41 -34.40
CA VAL A 157 -10.17 10.52 -35.11
C VAL A 157 -11.14 11.58 -35.59
N LEU A 158 -12.44 11.32 -35.62
CA LEU A 158 -13.40 12.24 -36.22
C LEU A 158 -13.49 13.59 -35.50
N TYR A 159 -13.09 13.68 -34.24
CA TYR A 159 -13.36 14.88 -33.45
C TYR A 159 -12.12 15.62 -32.98
N LEU A 160 -10.91 15.18 -33.33
CA LEU A 160 -9.70 15.77 -32.76
C LEU A 160 -9.46 17.20 -33.22
N HIS A 161 -9.84 17.55 -34.45
CA HIS A 161 -9.69 18.94 -34.90
C HIS A 161 -10.50 19.91 -34.04
N ARG A 162 -11.75 19.56 -33.75
CA ARG A 162 -12.59 20.43 -32.94
C ARG A 162 -12.03 20.59 -31.54
N LEU A 163 -11.50 19.50 -30.99
CA LEU A 163 -10.86 19.56 -29.69
C LEU A 163 -9.62 20.44 -29.75
N LYS A 164 -8.80 20.27 -30.78
CA LYS A 164 -7.61 21.11 -30.90
C LYS A 164 -7.98 22.59 -30.93
N ASP A 165 -9.02 22.95 -31.69
CA ASP A 165 -9.46 24.35 -31.72
C ASP A 165 -9.85 24.85 -30.33
N ILE A 166 -10.63 24.05 -29.61
CA ILE A 166 -11.06 24.49 -28.28
C ILE A 166 -9.90 24.57 -27.31
N PHE A 167 -9.02 23.56 -27.31
CA PHE A 167 -7.88 23.59 -26.43
C PHE A 167 -6.96 24.76 -26.73
N GLU A 168 -6.81 25.12 -28.01
CA GLU A 168 -6.01 26.29 -28.33
C GLU A 168 -6.65 27.56 -27.76
N GLU A 169 -7.98 27.66 -27.83
CA GLU A 169 -8.65 28.80 -27.20
C GLU A 169 -8.39 28.85 -25.70
N ARG A 170 -8.49 27.70 -25.02
CA ARG A 170 -8.26 27.71 -23.57
C ARG A 170 -6.80 27.99 -23.22
N LEU A 171 -5.86 27.44 -24.00
CA LEU A 171 -4.45 27.68 -23.71
C LEU A 171 -4.14 29.16 -23.86
N LYS A 172 -4.76 29.82 -24.85
CA LYS A 172 -4.57 31.26 -24.99
C LYS A 172 -5.19 31.99 -23.81
N ARG A 173 -6.38 31.58 -23.39
CA ARG A 173 -7.08 32.29 -22.32
C ARG A 173 -6.32 32.27 -21.00
N GLU A 174 -5.76 31.12 -20.62
CA GLU A 174 -5.03 30.97 -19.38
C GLU A 174 -3.53 31.23 -19.51
N GLU A 175 -3.08 31.68 -20.68
CA GLU A 175 -1.70 32.12 -20.90
C GLU A 175 -0.69 30.99 -20.69
N ARG A 176 -1.00 29.82 -21.27
CA ARG A 176 -0.17 28.63 -21.17
C ARG A 176 0.29 28.15 -22.53
N GLU A 177 0.27 29.01 -23.54
CA GLU A 177 0.62 28.60 -24.89
C GLU A 177 2.07 28.13 -24.98
N SER A 178 3.00 28.84 -24.33
CA SER A 178 4.41 28.44 -24.43
C SER A 178 4.69 27.17 -23.66
N VAL A 179 3.95 26.91 -22.58
CA VAL A 179 4.09 25.64 -21.87
C VAL A 179 3.69 24.50 -22.80
N ALA A 180 2.53 24.62 -23.44
CA ALA A 180 2.07 23.58 -24.34
C ALA A 180 3.06 23.38 -25.47
N LYS A 181 3.58 24.48 -26.04
CA LYS A 181 4.53 24.35 -27.14
C LYS A 181 5.76 23.56 -26.71
N ALA A 182 6.28 23.85 -25.50
CA ALA A 182 7.44 23.12 -25.02
C ALA A 182 7.15 21.65 -24.76
N CYS A 183 5.96 21.35 -24.20
CA CYS A 183 5.58 19.96 -23.99
C CYS A 183 5.48 19.21 -25.30
N PHE A 184 4.84 19.82 -26.30
CA PHE A 184 4.71 19.17 -27.59
C PHE A 184 6.06 18.99 -28.26
N GLN A 185 6.97 19.94 -28.07
CA GLN A 185 8.30 19.78 -28.65
C GLN A 185 9.05 18.63 -28.00
N PHE A 186 8.84 18.39 -26.71
CA PHE A 186 9.53 17.29 -26.05
C PHE A 186 8.84 15.95 -26.27
N LEU A 187 7.56 15.93 -26.62
CA LEU A 187 6.82 14.67 -26.67
C LEU A 187 7.46 13.59 -27.56
N PRO A 188 7.96 13.89 -28.76
CA PRO A 188 8.64 12.83 -29.54
C PRO A 188 9.84 12.22 -28.85
N MET A 189 10.59 13.01 -28.07
CA MET A 189 11.71 12.42 -27.34
C MET A 189 11.24 11.58 -26.16
N ARG A 190 10.13 11.96 -25.52
CA ARG A 190 9.53 11.09 -24.51
C ARG A 190 9.15 9.74 -25.12
N ALA A 191 8.58 9.74 -26.32
CA ALA A 191 8.26 8.49 -27.00
C ALA A 191 9.52 7.70 -27.35
N ASN A 192 10.57 8.39 -27.80
CA ASN A 192 11.81 7.69 -28.08
C ASN A 192 12.39 7.05 -26.82
N LEU A 193 12.40 7.80 -25.71
CA LEU A 193 12.81 7.24 -24.43
C LEU A 193 12.03 5.98 -24.10
N ASP A 194 10.73 5.97 -24.41
CA ASP A 194 9.94 4.76 -24.19
C ASP A 194 10.49 3.62 -25.03
N LEU A 195 10.75 3.87 -26.31
CA LEU A 195 11.27 2.82 -27.19
C LEU A 195 12.64 2.32 -26.73
N LEU A 196 13.48 3.19 -26.16
CA LEU A 196 14.83 2.81 -25.78
C LEU A 196 14.90 2.03 -24.48
N GLY A 197 13.83 2.03 -23.67
CA GLY A 197 13.83 1.20 -22.48
C GLY A 197 13.51 1.91 -21.19
N TRP A 198 13.13 3.17 -21.24
CA TRP A 198 12.80 3.94 -20.04
C TRP A 198 11.30 4.15 -19.91
N SER A 199 10.50 3.26 -20.47
CA SER A 199 9.05 3.49 -20.50
C SER A 199 8.43 3.53 -19.11
N GLU A 200 9.04 2.90 -18.10
CA GLU A 200 8.49 2.93 -16.75
C GLU A 200 9.17 3.95 -15.85
N ILE A 201 10.00 4.83 -16.41
CA ILE A 201 10.82 5.75 -15.63
C ILE A 201 10.42 7.17 -16.01
N ASP A 202 10.05 7.96 -15.00
CA ASP A 202 9.93 9.41 -15.15
C ASP A 202 11.33 10.01 -15.07
N ILE A 203 11.88 10.41 -16.22
CA ILE A 203 13.28 10.81 -16.25
C ILE A 203 13.54 12.09 -15.46
N PHE A 204 12.50 12.88 -15.18
CA PHE A 204 12.64 14.13 -14.47
C PHE A 204 12.36 14.03 -12.98
N ALA A 205 11.96 12.86 -12.50
CA ALA A 205 11.59 12.71 -11.10
C ALA A 205 12.83 12.67 -10.22
N HIS A 206 12.66 13.08 -8.97
CA HIS A 206 13.75 12.96 -8.01
C HIS A 206 14.07 11.51 -7.72
N SER A 207 13.05 10.66 -7.64
CA SER A 207 13.26 9.23 -7.49
C SER A 207 12.16 8.45 -8.19
N THR B 3 -37.82 28.73 -8.60
CA THR B 3 -36.94 29.40 -7.66
C THR B 3 -36.28 30.60 -8.34
N GLU B 4 -35.94 31.63 -7.56
CA GLU B 4 -35.35 32.85 -8.09
C GLU B 4 -33.84 32.81 -7.92
N ILE B 5 -33.11 32.94 -9.02
CA ILE B 5 -31.66 33.04 -9.00
C ILE B 5 -31.25 34.33 -9.70
N ARG B 6 -30.65 35.24 -8.95
CA ARG B 6 -30.18 36.50 -9.51
C ARG B 6 -28.70 36.37 -9.87
N VAL B 7 -28.35 36.61 -11.14
CA VAL B 7 -26.98 36.49 -11.61
C VAL B 7 -26.41 37.88 -11.79
N HIS B 8 -25.22 38.10 -11.22
CA HIS B 8 -24.58 39.41 -11.27
C HIS B 8 -23.18 39.30 -11.83
N GLN B 9 -22.68 40.42 -12.33
CA GLN B 9 -21.30 40.55 -12.78
C GLN B 9 -20.51 41.35 -11.75
N GLY B 10 -19.47 40.73 -11.21
CA GLY B 10 -18.52 41.42 -10.34
C GLY B 10 -18.85 41.55 -8.86
N ASP B 11 -20.05 42.00 -8.53
CA ASP B 11 -20.38 42.28 -7.13
C ASP B 11 -21.89 42.37 -7.00
N LEU B 12 -22.37 42.26 -5.76
CA LEU B 12 -23.75 42.63 -5.48
C LEU B 12 -23.96 44.12 -5.76
N PRO B 13 -25.14 44.50 -6.24
CA PRO B 13 -25.42 45.93 -6.37
C PRO B 13 -25.55 46.64 -5.03
N ASN B 14 -26.06 45.94 -4.01
CA ASN B 14 -26.22 46.48 -2.67
C ASN B 14 -26.48 45.31 -1.73
N LEU B 15 -26.64 45.62 -0.44
CA LEU B 15 -26.89 44.61 0.58
C LEU B 15 -28.33 44.61 1.08
N ASP B 16 -29.28 45.08 0.26
CA ASP B 16 -30.66 45.19 0.71
C ASP B 16 -31.26 43.83 1.11
N ASN B 17 -30.83 42.76 0.47
CA ASN B 17 -31.31 41.42 0.76
C ASN B 17 -30.53 40.71 1.86
N TYR B 18 -29.55 41.36 2.48
CA TYR B 18 -28.66 40.67 3.39
C TYR B 18 -28.55 41.39 4.72
N ARG B 19 -29.66 41.98 5.17
CA ARG B 19 -29.75 42.49 6.53
C ARG B 19 -30.26 41.38 7.45
N ILE B 20 -29.40 40.39 7.66
CA ILE B 20 -29.73 39.12 8.31
C ILE B 20 -28.58 38.73 9.23
N ASP B 21 -28.84 37.73 10.07
CA ASP B 21 -27.84 37.30 11.05
C ASP B 21 -26.90 36.22 10.52
N ALA B 22 -27.24 35.53 9.44
CA ALA B 22 -26.39 34.49 8.89
C ALA B 22 -26.60 34.37 7.39
N VAL B 23 -25.51 34.19 6.64
CA VAL B 23 -25.56 34.06 5.19
C VAL B 23 -24.82 32.80 4.77
N ALA B 24 -25.44 32.03 3.88
CA ALA B 24 -24.82 30.86 3.27
C ALA B 24 -23.93 31.26 2.12
N VAL B 25 -22.72 30.70 2.06
CA VAL B 25 -21.69 31.10 1.10
C VAL B 25 -21.09 29.85 0.47
N ASP B 26 -20.83 29.92 -0.83
CA ASP B 26 -20.10 28.89 -1.53
C ASP B 26 -19.35 29.55 -2.69
N THR B 27 -18.40 28.83 -3.26
CA THR B 27 -17.61 29.35 -4.37
C THR B 27 -17.49 28.27 -5.44
N GLU B 28 -17.10 28.70 -6.64
CA GLU B 28 -16.62 27.80 -7.67
C GLU B 28 -15.31 28.35 -8.22
N THR B 29 -14.42 27.45 -8.62
CA THR B 29 -13.10 27.84 -9.06
C THR B 29 -12.72 26.98 -10.26
N LEU B 30 -11.54 27.25 -10.81
CA LEU B 30 -10.96 26.39 -11.83
C LEU B 30 -10.23 25.17 -11.28
N GLY B 31 -10.23 24.96 -9.98
CA GLY B 31 -9.60 23.79 -9.42
C GLY B 31 -9.30 23.95 -7.95
N LEU B 32 -8.59 22.98 -7.41
CA LEU B 32 -8.38 22.83 -5.97
C LEU B 32 -7.19 23.61 -5.42
N GLN B 33 -6.42 24.29 -6.27
CA GLN B 33 -5.18 24.94 -5.83
C GLN B 33 -5.29 26.44 -5.97
N PRO B 34 -5.54 27.16 -4.88
CA PRO B 34 -5.85 28.59 -4.98
C PRO B 34 -4.77 29.41 -5.66
N HIS B 35 -3.50 29.00 -5.57
CA HIS B 35 -2.45 29.79 -6.20
C HIS B 35 -2.50 29.67 -7.72
N ARG B 36 -3.04 28.58 -8.25
CA ARG B 36 -3.15 28.42 -9.69
C ARG B 36 -4.54 28.69 -10.24
N ASP B 37 -5.59 28.32 -9.50
CA ASP B 37 -6.95 28.21 -10.03
C ASP B 37 -7.84 29.34 -9.49
N ARG B 38 -8.20 30.28 -10.35
CA ARG B 38 -8.85 31.51 -9.90
C ARG B 38 -10.29 31.27 -9.49
N LEU B 39 -10.78 32.14 -8.60
CA LEU B 39 -12.19 32.20 -8.24
C LEU B 39 -13.04 32.65 -9.42
N CYS B 40 -14.09 31.89 -9.74
CA CYS B 40 -14.94 32.19 -10.88
C CYS B 40 -16.34 32.62 -10.50
N VAL B 41 -16.93 32.04 -9.45
CA VAL B 41 -18.30 32.32 -9.05
C VAL B 41 -18.36 32.34 -7.54
N VAL B 42 -19.16 33.23 -6.97
CA VAL B 42 -19.52 33.19 -5.55
C VAL B 42 -21.04 33.16 -5.42
N GLN B 43 -21.55 32.26 -4.59
CA GLN B 43 -22.99 32.13 -4.38
C GLN B 43 -23.31 32.48 -2.94
N LEU B 44 -24.45 33.14 -2.75
CA LEU B 44 -24.90 33.57 -1.43
C LEU B 44 -26.38 33.28 -1.32
N SER B 45 -26.83 33.02 -0.11
CA SER B 45 -28.26 32.91 0.17
C SER B 45 -28.58 33.43 1.55
N SER B 46 -29.71 34.10 1.66
CA SER B 46 -30.26 34.60 2.92
C SER B 46 -31.01 33.52 3.68
N GLY B 47 -31.13 32.32 3.10
CA GLY B 47 -31.89 31.23 3.63
C GLY B 47 -33.31 31.16 3.15
N ASP B 48 -33.72 32.07 2.28
CA ASP B 48 -35.08 32.10 1.77
C ASP B 48 -35.08 31.26 0.49
N GLY B 49 -36.12 31.36 -0.31
CA GLY B 49 -36.15 30.56 -1.51
C GLY B 49 -35.37 31.08 -2.70
N THR B 50 -34.66 32.20 -2.55
CA THR B 50 -33.80 32.73 -3.59
C THR B 50 -32.33 32.74 -3.21
N ALA B 51 -31.48 32.86 -4.23
CA ALA B 51 -30.03 32.85 -4.10
C ALA B 51 -29.45 33.88 -5.07
N ASP B 52 -28.26 34.40 -4.74
CA ASP B 52 -27.50 35.28 -5.61
C ASP B 52 -26.23 34.61 -6.11
N VAL B 53 -26.00 34.66 -7.41
CA VAL B 53 -24.84 34.05 -8.05
C VAL B 53 -24.03 35.15 -8.74
N ILE B 54 -22.81 35.39 -8.27
CA ILE B 54 -21.98 36.52 -8.68
C ILE B 54 -20.78 36.00 -9.46
N GLN B 55 -20.68 36.39 -10.73
CA GLN B 55 -19.52 36.05 -11.55
C GLN B 55 -18.34 36.98 -11.29
N ILE B 56 -17.19 36.38 -11.00
CA ILE B 56 -15.95 37.10 -10.71
C ILE B 56 -15.07 37.09 -11.94
N ALA B 57 -14.59 38.26 -12.36
CA ALA B 57 -13.78 38.37 -13.56
C ALA B 57 -12.35 37.93 -13.26
N LYS B 58 -11.64 37.49 -14.30
CA LYS B 58 -10.22 37.22 -14.17
C LYS B 58 -9.46 38.46 -13.72
N GLY B 59 -8.61 38.27 -12.71
CA GLY B 59 -7.81 39.32 -12.15
C GLY B 59 -8.54 40.29 -11.24
N GLN B 60 -9.83 40.08 -11.00
CA GLN B 60 -10.58 40.99 -10.15
C GLN B 60 -10.09 40.93 -8.72
N LYS B 61 -9.78 42.09 -8.15
CA LYS B 61 -9.20 42.19 -6.82
C LYS B 61 -10.19 42.71 -5.78
N SER B 62 -11.32 43.27 -6.20
CA SER B 62 -12.21 43.98 -5.30
C SER B 62 -13.66 43.60 -5.59
N ALA B 63 -14.45 43.49 -4.52
CA ALA B 63 -15.90 43.34 -4.62
C ALA B 63 -16.50 43.94 -3.36
N PRO B 64 -16.55 45.27 -3.27
CA PRO B 64 -16.74 45.92 -1.97
C PRO B 64 -18.01 45.55 -1.23
N ASN B 65 -19.15 45.38 -1.90
CA ASN B 65 -20.35 45.07 -1.14
C ASN B 65 -20.31 43.63 -0.60
N LEU B 66 -19.94 42.68 -1.46
CA LEU B 66 -19.75 41.30 -1.01
C LEU B 66 -18.70 41.23 0.09
N VAL B 67 -17.57 41.90 -0.09
CA VAL B 67 -16.50 41.80 0.90
C VAL B 67 -16.93 42.45 2.20
N ARG B 68 -17.69 43.55 2.11
CA ARG B 68 -18.29 44.14 3.29
C ARG B 68 -19.11 43.11 4.05
N LEU B 69 -19.90 42.32 3.32
CA LEU B 69 -20.68 41.26 3.96
C LEU B 69 -19.75 40.24 4.60
N LEU B 70 -18.70 39.83 3.90
CA LEU B 70 -17.77 38.82 4.41
C LEU B 70 -17.06 39.27 5.67
N SER B 71 -16.84 40.58 5.85
CA SER B 71 -16.10 41.09 6.98
C SER B 71 -16.98 41.57 8.13
N ASP B 72 -18.30 41.48 8.00
CA ASP B 72 -19.22 41.93 9.04
C ASP B 72 -19.27 40.86 10.12
N ARG B 73 -18.71 41.17 11.29
CA ARG B 73 -18.60 40.18 12.37
C ARG B 73 -19.93 39.87 13.04
N ASP B 74 -20.98 40.63 12.76
CA ASP B 74 -22.31 40.30 13.29
C ASP B 74 -23.06 39.30 12.43
N ILE B 75 -22.49 38.86 11.31
CA ILE B 75 -23.14 37.93 10.40
C ILE B 75 -22.29 36.68 10.29
N THR B 76 -22.87 35.54 10.68
CA THR B 76 -22.19 34.25 10.53
C THR B 76 -22.23 33.77 9.09
N LYS B 77 -21.07 33.43 8.55
CA LYS B 77 -20.96 32.84 7.22
C LYS B 77 -21.02 31.32 7.32
N ILE B 78 -22.01 30.72 6.66
CA ILE B 78 -22.19 29.27 6.66
C ILE B 78 -21.56 28.69 5.41
N PHE B 79 -20.72 27.67 5.58
CA PHE B 79 -20.09 26.97 4.48
C PHE B 79 -20.33 25.49 4.65
N HIS B 80 -20.17 24.75 3.57
CA HIS B 80 -19.90 23.31 3.63
C HIS B 80 -18.45 23.12 3.21
N PHE B 81 -17.61 22.58 4.11
CA PHE B 81 -16.16 22.52 3.92
C PHE B 81 -15.57 23.91 3.66
N GLY B 82 -15.78 24.79 4.63
CA GLY B 82 -15.27 26.14 4.55
C GLY B 82 -13.76 26.25 4.50
N ARG B 83 -13.04 25.21 4.88
CA ARG B 83 -11.58 25.22 4.77
C ARG B 83 -11.11 25.68 3.39
N PHE B 84 -11.79 25.24 2.34
CA PHE B 84 -11.40 25.63 0.99
C PHE B 84 -11.92 27.02 0.63
N ASP B 85 -13.22 27.26 0.82
CA ASP B 85 -13.81 28.53 0.44
C ASP B 85 -13.12 29.69 1.14
N LEU B 86 -12.83 29.55 2.43
CA LEU B 86 -12.14 30.62 3.15
C LEU B 86 -10.79 30.92 2.54
N ALA B 87 -10.05 29.87 2.15
CA ALA B 87 -8.74 30.06 1.57
C ALA B 87 -8.83 30.82 0.25
N ILE B 88 -9.74 30.37 -0.63
CA ILE B 88 -9.80 31.00 -1.96
C ILE B 88 -10.34 32.41 -1.85
N LEU B 89 -11.29 32.66 -0.93
CA LEU B 89 -11.81 34.01 -0.75
C LEU B 89 -10.73 34.94 -0.24
N ALA B 90 -9.97 34.51 0.78
CA ALA B 90 -8.91 35.36 1.29
C ALA B 90 -7.84 35.60 0.23
N HIS B 91 -7.52 34.57 -0.55
CA HIS B 91 -6.50 34.73 -1.58
C HIS B 91 -6.96 35.73 -2.63
N THR B 92 -8.26 35.73 -2.95
CA THR B 92 -8.75 36.55 -4.04
C THR B 92 -8.99 37.99 -3.60
N PHE B 93 -9.65 38.18 -2.45
CA PHE B 93 -10.07 39.52 -2.05
C PHE B 93 -9.31 40.06 -0.85
N GLY B 94 -8.43 39.28 -0.24
CA GLY B 94 -7.57 39.82 0.80
C GLY B 94 -8.21 39.95 2.16
N VAL B 95 -9.39 39.38 2.37
CA VAL B 95 -10.10 39.46 3.65
C VAL B 95 -10.45 38.05 4.12
N MET B 96 -10.00 37.70 5.32
CA MET B 96 -10.34 36.41 5.90
C MET B 96 -11.53 36.53 6.84
N PRO B 97 -12.66 35.92 6.55
CA PRO B 97 -13.79 35.90 7.49
C PRO B 97 -13.37 35.28 8.81
N ASP B 98 -13.95 35.75 9.91
CA ASP B 98 -13.61 35.20 11.21
C ASP B 98 -14.82 34.77 12.04
N VAL B 99 -16.02 34.79 11.47
CA VAL B 99 -17.21 34.25 12.14
C VAL B 99 -17.85 33.27 11.16
N VAL B 100 -17.66 31.97 11.39
CA VAL B 100 -18.03 30.96 10.41
C VAL B 100 -18.71 29.78 11.08
N PHE B 101 -19.46 29.04 10.27
CA PHE B 101 -20.04 27.75 10.64
C PHE B 101 -19.79 26.83 9.46
N CYS B 102 -19.32 25.61 9.73
CA CYS B 102 -19.03 24.63 8.69
C CYS B 102 -19.87 23.37 8.90
N THR B 103 -20.67 23.01 7.90
CA THR B 103 -21.51 21.84 8.01
C THR B 103 -20.72 20.53 7.97
N LYS B 104 -19.49 20.54 7.44
CA LYS B 104 -18.69 19.32 7.41
C LYS B 104 -18.14 18.97 8.80
N ILE B 105 -17.59 19.96 9.50
CA ILE B 105 -17.18 19.72 10.87
C ILE B 105 -18.37 19.31 11.73
N ALA B 106 -19.50 19.99 11.57
CA ALA B 106 -20.68 19.63 12.36
C ALA B 106 -21.12 18.20 12.06
N SER B 107 -21.08 17.79 10.79
CA SER B 107 -21.43 16.42 10.46
C SER B 107 -20.46 15.44 11.11
N LYS B 108 -19.16 15.72 11.03
CA LYS B 108 -18.20 14.83 11.64
C LYS B 108 -18.34 14.76 13.16
N LEU B 109 -18.90 15.80 13.77
CA LEU B 109 -19.11 15.82 15.21
C LEU B 109 -20.46 15.26 15.63
N THR B 110 -21.36 14.99 14.70
CA THR B 110 -22.70 14.57 15.10
C THR B 110 -23.12 13.30 14.39
N ARG B 111 -22.86 13.19 13.10
CA ARG B 111 -23.26 12.01 12.33
C ARG B 111 -22.19 10.93 12.46
N THR B 112 -22.01 10.45 13.69
CA THR B 112 -20.98 9.46 14.00
C THR B 112 -21.33 8.07 13.51
N TYR B 113 -22.54 7.85 13.04
CA TYR B 113 -22.99 6.55 12.56
C TYR B 113 -22.74 6.33 11.07
N THR B 114 -22.03 7.24 10.40
CA THR B 114 -21.73 7.08 8.99
C THR B 114 -20.36 7.65 8.71
N ASP B 115 -19.76 7.25 7.59
CA ASP B 115 -18.49 7.83 7.18
C ASP B 115 -18.60 8.73 5.95
N ARG B 116 -19.80 9.01 5.47
CA ARG B 116 -20.02 9.80 4.27
C ARG B 116 -20.63 11.12 4.71
N HIS B 117 -19.84 12.18 4.61
CA HIS B 117 -20.19 13.50 5.11
C HIS B 117 -20.35 14.54 4.02
N GLY B 118 -20.45 14.14 2.76
CA GLY B 118 -20.68 15.10 1.70
C GLY B 118 -22.06 15.73 1.80
N LEU B 119 -22.19 16.89 1.15
CA LEU B 119 -23.42 17.67 1.23
C LEU B 119 -24.63 16.93 0.68
N LYS B 120 -24.48 16.18 -0.42
CA LYS B 120 -25.62 15.45 -0.96
C LYS B 120 -26.17 14.46 0.05
N GLU B 121 -25.27 13.70 0.70
CA GLU B 121 -25.69 12.68 1.65
C GLU B 121 -26.34 13.32 2.86
N ILE B 122 -25.77 14.44 3.32
CA ILE B 122 -26.34 15.17 4.46
C ILE B 122 -27.74 15.68 4.15
N CYS B 123 -27.91 16.33 3.00
CA CYS B 123 -29.22 16.87 2.69
C CYS B 123 -30.24 15.75 2.54
N GLY B 124 -29.85 14.64 1.92
CA GLY B 124 -30.80 13.54 1.77
C GLY B 124 -31.24 12.95 3.09
N GLU B 125 -30.30 12.78 4.03
CA GLU B 125 -30.62 12.12 5.33
C GLU B 125 -31.35 13.06 6.31
N LEU B 126 -30.91 14.32 6.41
CA LEU B 126 -31.48 15.23 7.44
C LEU B 126 -32.66 16.04 6.90
N LEU B 127 -32.95 15.99 5.59
CA LEU B 127 -34.02 16.87 5.02
C LEU B 127 -34.82 16.15 3.93
N ASN B 128 -34.58 14.86 3.69
CA ASN B 128 -35.20 14.13 2.58
C ASN B 128 -35.34 15.01 1.35
N VAL B 129 -34.29 15.75 1.04
CA VAL B 129 -34.22 16.57 -0.17
C VAL B 129 -33.19 15.94 -1.08
N ASN B 130 -33.56 15.73 -2.33
CA ASN B 130 -32.67 15.11 -3.29
C ASN B 130 -31.97 16.21 -4.08
N ILE B 131 -30.67 16.33 -3.87
CA ILE B 131 -29.84 17.22 -4.67
C ILE B 131 -29.30 16.40 -5.84
N SER B 132 -29.50 16.90 -7.04
CA SER B 132 -28.97 16.28 -8.24
C SER B 132 -27.71 17.02 -8.64
N LYS B 133 -26.61 16.28 -8.73
CA LYS B 133 -25.30 16.86 -8.93
C LYS B 133 -24.96 16.74 -10.41
N GLN B 134 -24.27 17.75 -10.91
CA GLN B 134 -23.97 17.82 -12.34
C GLN B 134 -23.20 16.57 -12.74
N GLN B 135 -23.51 16.05 -13.93
CA GLN B 135 -22.92 14.80 -14.38
C GLN B 135 -21.58 14.98 -15.06
N GLN B 136 -21.12 16.21 -15.24
CA GLN B 136 -19.83 16.48 -15.86
C GLN B 136 -19.35 17.82 -15.34
N SER B 137 -18.10 17.88 -14.91
CA SER B 137 -17.51 19.16 -14.52
C SER B 137 -17.65 20.13 -15.68
N SER B 138 -17.50 21.43 -15.44
CA SER B 138 -17.59 22.36 -16.55
C SER B 138 -16.69 23.56 -16.32
N ASP B 139 -16.60 24.37 -17.36
CA ASP B 139 -15.79 25.57 -17.42
C ASP B 139 -16.52 26.71 -16.70
N TRP B 140 -16.24 26.85 -15.41
CA TRP B 140 -16.90 27.88 -14.62
C TRP B 140 -16.41 29.27 -14.98
N ALA B 141 -15.36 29.37 -15.78
CA ALA B 141 -14.82 30.65 -16.21
C ALA B 141 -15.48 31.12 -17.50
N ALA B 142 -16.42 30.35 -18.04
CA ALA B 142 -17.11 30.72 -19.27
C ALA B 142 -17.75 32.09 -19.12
N GLU B 143 -17.70 32.88 -20.20
CA GLU B 143 -18.31 34.20 -20.16
C GLU B 143 -19.80 34.16 -19.82
N THR B 144 -20.54 33.22 -20.40
CA THR B 144 -21.95 33.04 -20.09
C THR B 144 -22.20 31.68 -19.48
N LEU B 145 -22.67 31.66 -18.23
CA LEU B 145 -23.05 30.40 -17.60
C LEU B 145 -24.36 29.89 -18.19
N SER B 146 -24.48 28.57 -18.34
CA SER B 146 -25.75 28.02 -18.80
C SER B 146 -26.78 28.07 -17.68
N ARG B 147 -28.06 27.94 -18.05
CA ARG B 147 -29.10 27.89 -17.05
C ARG B 147 -28.92 26.71 -16.09
N ALA B 148 -28.58 25.54 -16.64
CA ALA B 148 -28.34 24.37 -15.79
C ALA B 148 -27.17 24.60 -14.83
N GLN B 149 -26.11 25.23 -15.33
CA GLN B 149 -24.95 25.55 -14.51
C GLN B 149 -25.36 26.51 -13.39
N ILE B 150 -26.14 27.53 -13.73
CA ILE B 150 -26.56 28.54 -12.75
C ILE B 150 -27.42 27.89 -11.67
N GLU B 151 -28.35 27.02 -12.08
CA GLU B 151 -29.22 26.36 -11.13
C GLU B 151 -28.45 25.41 -10.21
N TYR B 152 -27.46 24.70 -10.74
CA TYR B 152 -26.61 23.89 -9.86
C TYR B 152 -25.89 24.77 -8.82
N ALA B 153 -25.22 25.82 -9.30
CA ALA B 153 -24.48 26.68 -8.39
C ALA B 153 -25.38 27.22 -7.29
N ALA B 154 -26.60 27.62 -7.65
CA ALA B 154 -27.53 28.10 -6.62
C ALA B 154 -27.96 26.97 -5.70
N SER B 155 -28.13 25.76 -6.24
CA SER B 155 -28.58 24.62 -5.44
C SER B 155 -27.61 24.33 -4.31
N ASP B 156 -26.35 24.72 -4.48
CA ASP B 156 -25.36 24.42 -3.45
C ASP B 156 -25.48 25.29 -2.20
N VAL B 157 -26.19 26.41 -2.24
CA VAL B 157 -26.37 27.28 -1.08
C VAL B 157 -27.80 27.32 -0.51
N LEU B 158 -28.80 26.84 -1.24
CA LEU B 158 -30.20 27.00 -0.83
C LEU B 158 -30.56 26.30 0.48
N TYR B 159 -29.80 25.32 0.94
CA TYR B 159 -30.22 24.51 2.08
C TYR B 159 -29.33 24.60 3.32
N LEU B 160 -28.28 25.42 3.30
CA LEU B 160 -27.33 25.43 4.41
C LEU B 160 -27.93 25.96 5.71
N HIS B 161 -28.86 26.93 5.66
CA HIS B 161 -29.49 27.41 6.90
C HIS B 161 -30.27 26.31 7.63
N ARG B 162 -31.06 25.53 6.90
CA ARG B 162 -31.83 24.47 7.54
C ARG B 162 -30.91 23.43 8.17
N LEU B 163 -29.80 23.15 7.49
CA LEU B 163 -28.81 22.24 8.05
C LEU B 163 -28.18 22.82 9.29
N LYS B 164 -27.82 24.10 9.27
CA LYS B 164 -27.24 24.71 10.47
C LYS B 164 -28.19 24.57 11.65
N ASP B 165 -29.48 24.79 11.43
CA ASP B 165 -30.43 24.67 12.53
C ASP B 165 -30.48 23.25 13.09
N ILE B 166 -30.51 22.26 12.21
CA ILE B 166 -30.57 20.88 12.69
C ILE B 166 -29.27 20.49 13.38
N PHE B 167 -28.12 20.85 12.80
CA PHE B 167 -26.85 20.51 13.41
C PHE B 167 -26.69 21.18 14.77
N GLU B 168 -27.19 22.40 14.92
CA GLU B 168 -27.14 23.04 16.24
C GLU B 168 -27.99 22.27 17.24
N GLU B 169 -29.17 21.79 16.82
CA GLU B 169 -29.97 20.95 17.71
C GLU B 169 -29.22 19.69 18.11
N ARG B 170 -28.57 19.03 17.15
CA ARG B 170 -27.83 17.80 17.48
C ARG B 170 -26.63 18.07 18.36
N LEU B 171 -25.91 19.17 18.11
CA LEU B 171 -24.76 19.50 18.93
C LEU B 171 -25.18 19.79 20.36
N LYS B 172 -26.33 20.44 20.55
CA LYS B 172 -26.81 20.65 21.91
C LYS B 172 -27.20 19.32 22.54
N ARG B 173 -27.88 18.46 21.77
CA ARG B 173 -28.35 17.18 22.28
C ARG B 173 -27.21 16.30 22.74
N GLU B 174 -26.13 16.25 21.96
CA GLU B 174 -24.96 15.42 22.24
C GLU B 174 -23.89 16.13 23.05
N GLU B 175 -24.17 17.35 23.51
CA GLU B 175 -23.30 18.10 24.42
C GLU B 175 -21.92 18.35 23.81
N ARG B 176 -21.90 18.78 22.55
CA ARG B 176 -20.66 19.06 21.85
C ARG B 176 -20.60 20.49 21.34
N GLU B 177 -21.40 21.39 21.90
CA GLU B 177 -21.44 22.76 21.41
C GLU B 177 -20.10 23.48 21.57
N SER B 178 -19.44 23.31 22.72
CA SER B 178 -18.19 24.04 22.90
C SER B 178 -17.06 23.48 22.04
N VAL B 179 -17.06 22.17 21.79
CA VAL B 179 -16.07 21.59 20.88
C VAL B 179 -16.26 22.15 19.48
N ALA B 180 -17.49 22.10 18.96
CA ALA B 180 -17.74 22.60 17.63
C ALA B 180 -17.42 24.08 17.52
N LYS B 181 -17.81 24.86 18.54
CA LYS B 181 -17.54 26.30 18.51
C LYS B 181 -16.05 26.57 18.43
N ALA B 182 -15.25 25.83 19.20
CA ALA B 182 -13.81 26.01 19.15
C ALA B 182 -13.22 25.61 17.81
N CYS B 183 -13.74 24.54 17.21
CA CYS B 183 -13.29 24.16 15.87
C CYS B 183 -13.60 25.24 14.85
N PHE B 184 -14.79 25.81 14.91
CA PHE B 184 -15.14 26.88 13.97
C PHE B 184 -14.29 28.11 14.20
N GLN B 185 -13.93 28.37 15.46
CA GLN B 185 -13.06 29.50 15.77
C GLN B 185 -11.68 29.29 15.18
N PHE B 186 -11.19 28.04 15.16
CA PHE B 186 -9.88 27.76 14.58
C PHE B 186 -9.88 27.64 13.07
N LEU B 187 -11.01 27.36 12.44
CA LEU B 187 -11.02 27.08 11.00
C LEU B 187 -10.36 28.14 10.13
N PRO B 188 -10.56 29.44 10.33
CA PRO B 188 -9.85 30.44 9.51
C PRO B 188 -8.33 30.31 9.57
N MET B 189 -7.77 29.94 10.72
CA MET B 189 -6.32 29.78 10.76
C MET B 189 -5.87 28.51 10.04
N ARG B 190 -6.69 27.46 10.05
CA ARG B 190 -6.39 26.29 9.22
C ARG B 190 -6.34 26.69 7.75
N ALA B 191 -7.27 27.55 7.31
CA ALA B 191 -7.25 28.03 5.94
C ALA B 191 -6.00 28.88 5.67
N ASN B 192 -5.62 29.74 6.60
CA ASN B 192 -4.39 30.50 6.43
C ASN B 192 -3.19 29.57 6.29
N LEU B 193 -3.13 28.52 7.11
CA LEU B 193 -2.06 27.54 7.00
C LEU B 193 -2.03 26.94 5.61
N ASP B 194 -3.21 26.68 5.04
CA ASP B 194 -3.27 26.17 3.67
C ASP B 194 -2.66 27.18 2.69
N LEU B 195 -3.02 28.45 2.83
CA LEU B 195 -2.46 29.46 1.92
C LEU B 195 -0.96 29.58 2.07
N LEU B 196 -0.43 29.38 3.27
CA LEU B 196 1.00 29.57 3.50
C LEU B 196 1.85 28.39 3.02
N GLY B 197 1.27 27.23 2.73
CA GLY B 197 2.07 26.16 2.18
C GLY B 197 2.01 24.82 2.91
N TRP B 198 1.11 24.70 3.88
CA TRP B 198 0.93 23.47 4.65
C TRP B 198 -0.32 22.68 4.26
N SER B 199 -0.76 22.77 3.01
CA SER B 199 -2.01 22.14 2.63
C SER B 199 -1.99 20.62 2.81
N GLU B 200 -0.82 19.99 2.76
CA GLU B 200 -0.75 18.54 2.90
C GLU B 200 -0.34 18.07 4.29
N ILE B 201 -0.31 18.97 5.27
CA ILE B 201 0.20 18.64 6.60
C ILE B 201 -0.90 18.83 7.62
N ASP B 202 -1.17 17.78 8.39
CA ASP B 202 -1.95 17.90 9.62
C ASP B 202 -1.02 18.44 10.70
N ILE B 203 -1.15 19.73 11.02
CA ILE B 203 -0.18 20.37 11.88
C ILE B 203 -0.18 19.81 13.30
N PHE B 204 -1.25 19.11 13.70
CA PHE B 204 -1.38 18.55 15.04
C PHE B 204 -0.98 17.09 15.13
N ALA B 205 -0.61 16.48 14.02
CA ALA B 205 -0.30 15.05 14.00
C ALA B 205 1.06 14.81 14.64
N HIS B 206 1.23 13.61 15.19
CA HIS B 206 2.51 13.22 15.75
C HIS B 206 3.57 13.12 14.67
N SER B 207 3.22 12.61 13.50
CA SER B 207 4.14 12.59 12.38
C SER B 207 3.42 12.75 11.05
N THR C 3 -45.63 -8.39 9.76
CA THR C 3 -45.15 -8.85 11.06
C THR C 3 -45.60 -7.90 12.17
N GLU C 4 -45.98 -8.47 13.31
CA GLU C 4 -46.25 -7.69 14.50
C GLU C 4 -44.92 -7.31 15.16
N ILE C 5 -44.71 -6.01 15.33
CA ILE C 5 -43.53 -5.49 16.00
C ILE C 5 -44.02 -4.62 17.15
N ARG C 6 -43.69 -5.03 18.37
CA ARG C 6 -44.07 -4.33 19.58
C ARG C 6 -42.91 -3.44 20.01
N VAL C 7 -43.18 -2.14 20.13
CA VAL C 7 -42.16 -1.16 20.49
C VAL C 7 -42.34 -0.76 21.93
N HIS C 8 -41.26 -0.78 22.70
CA HIS C 8 -41.30 -0.48 24.13
C HIS C 8 -40.31 0.63 24.41
N GLN C 9 -40.54 1.33 25.52
CA GLN C 9 -39.62 2.33 26.04
C GLN C 9 -38.93 1.79 27.28
N GLY C 10 -37.61 1.73 27.24
CA GLY C 10 -36.80 1.36 28.40
C GLY C 10 -36.58 -0.11 28.65
N ASP C 11 -37.65 -0.91 28.65
CA ASP C 11 -37.52 -2.31 29.04
C ASP C 11 -38.74 -3.08 28.54
N LEU C 12 -38.60 -4.40 28.49
CA LEU C 12 -39.75 -5.27 28.33
C LEU C 12 -40.71 -5.13 29.52
N PRO C 13 -42.01 -5.22 29.29
CA PRO C 13 -42.93 -5.21 30.44
C PRO C 13 -42.83 -6.48 31.30
N ASN C 14 -42.54 -7.62 30.68
CA ASN C 14 -42.41 -8.89 31.40
C ASN C 14 -41.73 -9.87 30.46
N LEU C 15 -41.52 -11.10 30.95
CA LEU C 15 -40.87 -12.14 30.16
C LEU C 15 -41.87 -13.21 29.70
N ASP C 16 -43.15 -12.86 29.60
CA ASP C 16 -44.16 -13.85 29.25
C ASP C 16 -43.90 -14.45 27.86
N ASN C 17 -43.34 -13.68 26.94
CA ASN C 17 -43.05 -14.13 25.59
C ASN C 17 -41.68 -14.77 25.44
N TYR C 18 -40.90 -14.89 26.51
CA TYR C 18 -39.51 -15.31 26.38
C TYR C 18 -39.18 -16.44 27.35
N ARG C 19 -40.13 -17.33 27.57
CA ARG C 19 -39.87 -18.60 28.26
C ARG C 19 -39.46 -19.65 27.22
N ILE C 20 -38.26 -19.45 26.67
CA ILE C 20 -37.80 -20.18 25.49
C ILE C 20 -36.33 -20.53 25.66
N ASP C 21 -35.86 -21.40 24.76
CA ASP C 21 -34.48 -21.88 24.82
C ASP C 21 -33.48 -20.97 24.12
N ALA C 22 -33.92 -20.12 23.19
CA ALA C 22 -32.99 -19.26 22.47
C ALA C 22 -33.68 -17.98 22.05
N VAL C 23 -32.96 -16.86 22.16
CA VAL C 23 -33.50 -15.55 21.83
C VAL C 23 -32.54 -14.88 20.85
N ALA C 24 -33.08 -14.32 19.77
CA ALA C 24 -32.30 -13.54 18.82
C ALA C 24 -32.15 -12.11 19.32
N VAL C 25 -30.93 -11.58 19.23
CA VAL C 25 -30.62 -10.27 19.80
C VAL C 25 -29.85 -9.44 18.78
N ASP C 26 -30.18 -8.16 18.71
CA ASP C 26 -29.40 -7.21 17.92
C ASP C 26 -29.49 -5.85 18.61
N THR C 27 -28.62 -4.93 18.22
CA THR C 27 -28.62 -3.59 18.76
C THR C 27 -28.46 -2.57 17.66
N GLU C 28 -28.76 -1.31 18.02
CA GLU C 28 -28.56 -0.14 17.14
C GLU C 28 -27.96 0.95 18.04
N THR C 29 -26.88 1.65 17.64
CA THR C 29 -26.15 2.60 18.45
C THR C 29 -25.94 3.85 17.63
N LEU C 30 -25.29 4.85 18.23
CA LEU C 30 -24.85 6.01 17.47
C LEU C 30 -23.52 5.80 16.76
N GLY C 31 -22.91 4.62 16.83
CA GLY C 31 -21.68 4.37 16.11
C GLY C 31 -20.94 3.18 16.66
N LEU C 32 -19.73 2.99 16.13
CA LEU C 32 -18.94 1.78 16.35
C LEU C 32 -18.06 1.82 17.60
N GLN C 33 -18.05 2.92 18.34
CA GLN C 33 -17.15 3.07 19.48
C GLN C 33 -17.95 3.14 20.77
N PRO C 34 -18.01 2.03 21.54
CA PRO C 34 -18.92 1.99 22.68
C PRO C 34 -18.68 3.07 23.73
N HIS C 35 -17.44 3.54 23.88
CA HIS C 35 -17.20 4.58 24.87
C HIS C 35 -17.76 5.94 24.45
N ARG C 36 -17.92 6.19 23.15
CA ARG C 36 -18.49 7.45 22.71
C ARG C 36 -19.95 7.35 22.28
N ASP C 37 -20.34 6.24 21.66
CA ASP C 37 -21.60 6.13 20.91
C ASP C 37 -22.59 5.24 21.66
N ARG C 38 -23.64 5.85 22.22
CA ARG C 38 -24.51 5.15 23.15
C ARG C 38 -25.42 4.13 22.46
N LEU C 39 -25.82 3.12 23.23
CA LEU C 39 -26.84 2.16 22.84
C LEU C 39 -28.20 2.85 22.74
N CYS C 40 -28.89 2.67 21.61
CA CYS C 40 -30.16 3.33 21.36
C CYS C 40 -31.34 2.38 21.32
N VAL C 41 -31.16 1.17 20.80
CA VAL C 41 -32.23 0.19 20.62
C VAL C 41 -31.67 -1.18 20.95
N VAL C 42 -32.48 -2.03 21.58
CA VAL C 42 -32.21 -3.45 21.73
C VAL C 42 -33.38 -4.22 21.13
N GLN C 43 -33.08 -5.17 20.22
CA GLN C 43 -34.15 -5.95 19.53
C GLN C 43 -34.10 -7.42 19.94
N LEU C 44 -35.26 -8.05 20.15
CA LEU C 44 -35.41 -9.44 20.59
C LEU C 44 -36.43 -10.13 19.70
N SER C 45 -36.23 -11.43 19.50
CA SER C 45 -37.25 -12.25 18.85
C SER C 45 -37.23 -13.65 19.44
N SER C 46 -38.40 -14.23 19.63
CA SER C 46 -38.51 -15.62 20.07
C SER C 46 -38.41 -16.61 18.93
N GLY C 47 -38.37 -16.15 17.69
CA GLY C 47 -38.39 -17.03 16.54
C GLY C 47 -39.76 -17.33 16.00
N ASP C 48 -40.82 -16.76 16.57
CA ASP C 48 -42.18 -17.02 16.14
C ASP C 48 -42.66 -16.05 15.07
N GLY C 49 -41.75 -15.31 14.44
CA GLY C 49 -42.13 -14.34 13.43
C GLY C 49 -42.52 -12.98 13.95
N THR C 50 -42.44 -12.74 15.25
CA THR C 50 -42.67 -11.43 15.83
C THR C 50 -41.40 -10.94 16.51
N ALA C 51 -41.33 -9.64 16.75
CA ALA C 51 -40.14 -9.07 17.36
C ALA C 51 -40.53 -8.00 18.37
N ASP C 52 -39.65 -7.78 19.34
CA ASP C 52 -39.76 -6.71 20.30
C ASP C 52 -38.62 -5.72 20.07
N VAL C 53 -38.95 -4.44 19.98
CA VAL C 53 -37.99 -3.38 19.75
C VAL C 53 -38.03 -2.44 20.94
N ILE C 54 -36.93 -2.36 21.69
CA ILE C 54 -36.91 -1.63 22.95
C ILE C 54 -36.02 -0.43 22.73
N GLN C 55 -36.62 0.76 22.79
CA GLN C 55 -35.86 1.99 22.68
C GLN C 55 -35.24 2.34 24.03
N ILE C 56 -33.93 2.55 24.05
CA ILE C 56 -33.18 2.83 25.27
C ILE C 56 -32.91 4.34 25.39
N ALA C 57 -33.22 4.91 26.55
CA ALA C 57 -33.06 6.34 26.74
C ALA C 57 -31.59 6.68 27.01
N LYS C 58 -31.23 7.92 26.70
CA LYS C 58 -29.92 8.45 27.05
C LYS C 58 -29.69 8.41 28.55
N GLY C 59 -28.52 7.93 28.94
CA GLY C 59 -28.14 7.80 30.33
C GLY C 59 -28.78 6.66 31.08
N GLN C 60 -29.58 5.83 30.40
CA GLN C 60 -30.27 4.74 31.08
C GLN C 60 -29.26 3.70 31.57
N LYS C 61 -29.34 3.36 32.85
CA LYS C 61 -28.37 2.47 33.48
C LYS C 61 -28.91 1.07 33.75
N SER C 62 -30.23 0.88 33.69
CA SER C 62 -30.82 -0.40 34.07
C SER C 62 -31.96 -0.76 33.11
N ALA C 63 -32.12 -2.07 32.89
CA ALA C 63 -33.26 -2.64 32.16
C ALA C 63 -33.51 -4.02 32.72
N PRO C 64 -34.16 -4.12 33.88
CA PRO C 64 -34.10 -5.36 34.68
C PRO C 64 -34.61 -6.62 33.99
N ASN C 65 -35.69 -6.53 33.21
CA ASN C 65 -36.22 -7.74 32.58
C ASN C 65 -35.29 -8.20 31.47
N LEU C 66 -34.85 -7.25 30.64
CA LEU C 66 -33.88 -7.55 29.61
C LEU C 66 -32.61 -8.12 30.22
N VAL C 67 -32.11 -7.52 31.30
CA VAL C 67 -30.86 -8.00 31.87
C VAL C 67 -31.04 -9.38 32.48
N ARG C 68 -32.24 -9.68 32.99
CA ARG C 68 -32.51 -11.06 33.49
C ARG C 68 -32.39 -12.02 32.31
N LEU C 69 -32.91 -11.63 31.14
CA LEU C 69 -32.77 -12.47 29.94
C LEU C 69 -31.31 -12.62 29.55
N LEU C 70 -30.55 -11.52 29.53
CA LEU C 70 -29.15 -11.57 29.13
C LEU C 70 -28.32 -12.42 30.09
N SER C 71 -28.72 -12.51 31.35
CA SER C 71 -27.96 -13.25 32.35
C SER C 71 -28.33 -14.72 32.44
N ASP C 72 -29.45 -15.14 31.87
CA ASP C 72 -29.96 -16.48 32.09
C ASP C 72 -29.12 -17.46 31.29
N ARG C 73 -28.35 -18.29 32.00
CA ARG C 73 -27.45 -19.26 31.39
C ARG C 73 -28.17 -20.39 30.67
N ASP C 74 -29.47 -20.55 30.88
CA ASP C 74 -30.20 -21.61 30.18
C ASP C 74 -30.72 -21.18 28.83
N ILE C 75 -30.49 -19.93 28.42
CA ILE C 75 -30.97 -19.39 27.16
C ILE C 75 -29.77 -18.96 26.35
N THR C 76 -29.58 -19.56 25.18
CA THR C 76 -28.52 -19.15 24.27
C THR C 76 -28.95 -17.89 23.54
N LYS C 77 -28.08 -16.87 23.57
CA LYS C 77 -28.29 -15.62 22.83
C LYS C 77 -27.67 -15.71 21.45
N ILE C 78 -28.49 -15.56 20.41
CA ILE C 78 -28.04 -15.64 19.03
C ILE C 78 -27.81 -14.23 18.50
N PHE C 79 -26.63 -14.01 17.92
CA PHE C 79 -26.24 -12.74 17.33
C PHE C 79 -25.73 -12.98 15.92
N HIS C 80 -25.69 -11.91 15.13
CA HIS C 80 -24.82 -11.83 13.97
C HIS C 80 -23.73 -10.81 14.30
N PHE C 81 -22.47 -11.26 14.30
CA PHE C 81 -21.32 -10.48 14.78
C PHE C 81 -21.52 -10.00 16.21
N GLY C 82 -21.72 -10.96 17.11
CA GLY C 82 -21.92 -10.68 18.52
C GLY C 82 -20.74 -10.03 19.19
N ARG C 83 -19.54 -10.10 18.61
CA ARG C 83 -18.40 -9.38 19.18
C ARG C 83 -18.72 -7.93 19.52
N PHE C 84 -19.47 -7.25 18.65
CA PHE C 84 -19.84 -5.86 18.90
C PHE C 84 -20.98 -5.74 19.91
N ASP C 85 -22.07 -6.48 19.67
CA ASP C 85 -23.25 -6.37 20.51
C ASP C 85 -22.95 -6.72 21.95
N LEU C 86 -22.14 -7.75 22.18
CA LEU C 86 -21.76 -8.11 23.54
C LEU C 86 -21.03 -6.97 24.22
N ALA C 87 -20.15 -6.29 23.48
CA ALA C 87 -19.39 -5.18 24.04
C ALA C 87 -20.31 -4.05 24.42
N ILE C 88 -21.21 -3.65 23.52
CA ILE C 88 -22.04 -2.49 23.82
C ILE C 88 -23.05 -2.81 24.93
N LEU C 89 -23.56 -4.04 24.97
CA LEU C 89 -24.48 -4.43 26.04
C LEU C 89 -23.77 -4.45 27.38
N ALA C 90 -22.58 -5.05 27.44
CA ALA C 90 -21.85 -5.09 28.71
C ALA C 90 -21.47 -3.69 29.16
N HIS C 91 -21.06 -2.84 28.21
CA HIS C 91 -20.70 -1.47 28.57
C HIS C 91 -21.91 -0.70 29.10
N THR C 92 -23.10 -0.98 28.56
CA THR C 92 -24.26 -0.16 28.92
C THR C 92 -24.92 -0.65 30.21
N PHE C 93 -25.13 -1.96 30.34
CA PHE C 93 -25.91 -2.49 31.46
C PHE C 93 -25.06 -3.26 32.46
N GLY C 94 -23.77 -3.45 32.19
CA GLY C 94 -22.88 -4.04 33.17
C GLY C 94 -22.94 -5.54 33.25
N VAL C 95 -23.62 -6.21 32.32
CA VAL C 95 -23.76 -7.65 32.30
C VAL C 95 -23.27 -8.18 30.97
N MET C 96 -22.29 -9.09 31.01
CA MET C 96 -21.80 -9.74 29.81
C MET C 96 -22.43 -11.10 29.65
N PRO C 97 -23.23 -11.33 28.60
CA PRO C 97 -23.76 -12.66 28.35
C PRO C 97 -22.63 -13.67 28.19
N ASP C 98 -22.87 -14.90 28.63
CA ASP C 98 -21.83 -15.92 28.51
C ASP C 98 -22.29 -17.21 27.84
N VAL C 99 -23.50 -17.26 27.29
CA VAL C 99 -23.96 -18.39 26.50
C VAL C 99 -24.45 -17.82 25.17
N VAL C 100 -23.64 -17.93 24.12
CA VAL C 100 -23.91 -17.20 22.88
C VAL C 100 -23.68 -18.10 21.68
N PHE C 101 -24.30 -17.69 20.57
CA PHE C 101 -24.07 -18.24 19.24
C PHE C 101 -23.96 -17.06 18.29
N CYS C 102 -22.95 -17.09 17.42
CA CYS C 102 -22.71 -16.02 16.46
C CYS C 102 -22.78 -16.59 15.05
N THR C 103 -23.68 -16.06 14.23
CA THR C 103 -23.83 -16.53 12.87
C THR C 103 -22.66 -16.15 11.97
N LYS C 104 -21.90 -15.10 12.32
CA LYS C 104 -20.75 -14.75 11.48
C LYS C 104 -19.59 -15.72 11.67
N ILE C 105 -19.28 -16.07 12.91
CA ILE C 105 -18.27 -17.12 13.15
C ILE C 105 -18.70 -18.44 12.50
N ALA C 106 -19.96 -18.82 12.66
CA ALA C 106 -20.45 -20.04 12.04
C ALA C 106 -20.30 -19.98 10.52
N SER C 107 -20.64 -18.83 9.93
CA SER C 107 -20.46 -18.68 8.49
C SER C 107 -19.00 -18.82 8.10
N LYS C 108 -18.10 -18.20 8.85
CA LYS C 108 -16.69 -18.33 8.52
C LYS C 108 -16.18 -19.75 8.69
N LEU C 109 -16.84 -20.55 9.53
CA LEU C 109 -16.44 -21.94 9.71
C LEU C 109 -17.14 -22.90 8.78
N THR C 110 -18.12 -22.46 8.02
CA THR C 110 -18.84 -23.43 7.19
C THR C 110 -18.96 -22.97 5.76
N ARG C 111 -19.24 -21.70 5.53
CA ARG C 111 -19.37 -21.17 4.18
C ARG C 111 -17.98 -20.78 3.68
N THR C 112 -17.14 -21.79 3.53
CA THR C 112 -15.75 -21.63 3.13
C THR C 112 -15.58 -21.33 1.66
N TYR C 113 -16.66 -21.41 0.88
CA TYR C 113 -16.62 -21.17 -0.56
C TYR C 113 -16.89 -19.72 -0.93
N THR C 114 -16.94 -18.82 0.05
CA THR C 114 -17.17 -17.40 -0.21
C THR C 114 -16.40 -16.58 0.80
N ASP C 115 -16.16 -15.32 0.44
CA ASP C 115 -15.56 -14.36 1.35
C ASP C 115 -16.53 -13.29 1.81
N ARG C 116 -17.83 -13.45 1.50
CA ARG C 116 -18.86 -12.49 1.87
C ARG C 116 -19.70 -13.16 2.95
N HIS C 117 -19.58 -12.65 4.18
CA HIS C 117 -20.23 -13.23 5.34
C HIS C 117 -21.27 -12.31 5.96
N GLY C 118 -21.68 -11.27 5.25
CA GLY C 118 -22.71 -10.40 5.77
C GLY C 118 -24.06 -11.08 5.84
N LEU C 119 -24.91 -10.53 6.69
CA LEU C 119 -26.23 -11.11 6.95
C LEU C 119 -27.11 -11.15 5.70
N LYS C 120 -27.06 -10.11 4.86
CA LYS C 120 -27.88 -10.14 3.66
C LYS C 120 -27.54 -11.33 2.77
N GLU C 121 -26.25 -11.57 2.54
CA GLU C 121 -25.87 -12.66 1.66
C GLU C 121 -26.19 -14.02 2.29
N ILE C 122 -25.98 -14.17 3.59
CA ILE C 122 -26.30 -15.42 4.25
C ILE C 122 -27.79 -15.71 4.14
N CYS C 123 -28.63 -14.72 4.44
CA CYS C 123 -30.07 -14.95 4.36
C CYS C 123 -30.51 -15.23 2.92
N GLY C 124 -29.93 -14.52 1.95
CA GLY C 124 -30.30 -14.77 0.57
C GLY C 124 -29.95 -16.18 0.10
N GLU C 125 -28.74 -16.62 0.44
CA GLU C 125 -28.24 -17.93 -0.06
C GLU C 125 -28.78 -19.10 0.76
N LEU C 126 -29.14 -18.88 2.03
CA LEU C 126 -29.49 -20.03 2.90
C LEU C 126 -31.01 -20.12 3.06
N LEU C 127 -31.74 -19.02 2.85
CA LEU C 127 -33.17 -19.04 3.07
C LEU C 127 -33.99 -18.51 1.90
N ASN C 128 -33.34 -17.98 0.87
CA ASN C 128 -34.01 -17.28 -0.22
C ASN C 128 -34.94 -16.19 0.30
N VAL C 129 -34.47 -15.47 1.31
CA VAL C 129 -35.20 -14.36 1.89
C VAL C 129 -34.45 -13.09 1.52
N ASN C 130 -35.17 -12.10 1.04
CA ASN C 130 -34.56 -10.85 0.59
C ASN C 130 -34.63 -9.85 1.73
N ILE C 131 -33.48 -9.50 2.28
CA ILE C 131 -33.39 -8.43 3.26
C ILE C 131 -33.10 -7.15 2.50
N SER C 132 -33.93 -6.14 2.72
CA SER C 132 -33.72 -4.83 2.12
C SER C 132 -33.08 -3.92 3.16
N LYS C 133 -31.92 -3.38 2.83
CA LYS C 133 -31.13 -2.61 3.77
C LYS C 133 -31.39 -1.14 3.49
N GLN C 134 -31.30 -0.33 4.54
CA GLN C 134 -31.63 1.08 4.41
C GLN C 134 -30.74 1.72 3.36
N GLN C 135 -31.34 2.53 2.50
CA GLN C 135 -30.63 3.17 1.40
C GLN C 135 -29.99 4.47 1.85
N GLN C 136 -30.23 4.82 3.12
CA GLN C 136 -29.71 6.00 3.78
C GLN C 136 -29.39 5.57 5.20
N SER C 137 -28.80 6.45 5.98
CA SER C 137 -28.60 6.16 7.38
C SER C 137 -29.73 6.79 8.19
N SER C 138 -29.65 6.65 9.52
CA SER C 138 -30.63 7.28 10.36
C SER C 138 -29.96 7.64 11.67
N ASP C 139 -30.69 8.38 12.50
CA ASP C 139 -30.15 8.84 13.78
C ASP C 139 -30.23 7.73 14.83
N TRP C 140 -31.40 7.11 14.95
CA TRP C 140 -31.77 6.05 15.88
C TRP C 140 -31.92 6.61 17.30
N ALA C 141 -31.47 7.84 17.51
CA ALA C 141 -31.66 8.48 18.81
C ALA C 141 -32.94 9.29 18.84
N ALA C 142 -33.69 9.29 17.75
CA ALA C 142 -34.94 10.01 17.66
C ALA C 142 -35.92 9.57 18.73
N GLU C 143 -36.66 10.53 19.28
CA GLU C 143 -37.64 10.19 20.30
C GLU C 143 -38.66 9.18 19.76
N THR C 144 -39.13 9.41 18.52
CA THR C 144 -40.07 8.50 17.87
C THR C 144 -39.44 7.94 16.61
N LEU C 145 -39.23 6.62 16.57
CA LEU C 145 -38.72 5.97 15.37
C LEU C 145 -39.82 5.88 14.30
N SER C 146 -39.43 6.04 13.04
CA SER C 146 -40.38 5.86 11.95
C SER C 146 -40.74 4.39 11.75
N ARG C 147 -41.84 4.15 11.04
CA ARG C 147 -42.23 2.78 10.70
C ARG C 147 -41.18 2.09 9.83
N ALA C 148 -40.62 2.80 8.87
CA ALA C 148 -39.58 2.21 8.03
C ALA C 148 -38.38 1.82 8.84
N GLN C 149 -38.00 2.68 9.79
CA GLN C 149 -36.89 2.40 10.69
C GLN C 149 -37.20 1.19 11.56
N ILE C 150 -38.42 1.12 12.10
CA ILE C 150 -38.79 0.01 12.98
C ILE C 150 -38.77 -1.31 12.22
N GLU C 151 -39.29 -1.32 10.99
CA GLU C 151 -39.29 -2.54 10.19
C GLU C 151 -37.87 -2.96 9.81
N TYR C 152 -37.03 -2.00 9.40
CA TYR C 152 -35.65 -2.32 9.10
C TYR C 152 -34.93 -2.92 10.29
N ALA C 153 -35.18 -2.40 11.49
CA ALA C 153 -34.56 -2.95 12.68
C ALA C 153 -35.07 -4.36 12.98
N ALA C 154 -36.37 -4.58 12.82
CA ALA C 154 -36.93 -5.91 13.10
C ALA C 154 -36.40 -6.96 12.14
N SER C 155 -36.14 -6.58 10.90
CA SER C 155 -35.67 -7.56 9.92
C SER C 155 -34.35 -8.20 10.34
N ASP C 156 -33.57 -7.55 11.20
CA ASP C 156 -32.28 -8.07 11.67
C ASP C 156 -32.37 -9.20 12.69
N VAL C 157 -33.52 -9.39 13.34
CA VAL C 157 -33.68 -10.49 14.29
C VAL C 157 -34.66 -11.56 13.83
N LEU C 158 -35.49 -11.30 12.83
CA LEU C 158 -36.55 -12.22 12.46
C LEU C 158 -36.06 -13.56 11.94
N TYR C 159 -34.82 -13.67 11.47
CA TYR C 159 -34.36 -14.88 10.79
C TYR C 159 -33.22 -15.62 11.46
N LEU C 160 -32.74 -15.17 12.63
CA LEU C 160 -31.53 -15.76 13.20
C LEU C 160 -31.74 -17.19 13.70
N HIS C 161 -32.93 -17.53 14.20
CA HIS C 161 -33.18 -18.91 14.62
C HIS C 161 -33.04 -19.90 13.47
N ARG C 162 -33.63 -19.59 12.32
CA ARG C 162 -33.56 -20.49 11.18
C ARG C 162 -32.11 -20.65 10.70
N LEU C 163 -31.36 -19.55 10.74
CA LEU C 163 -29.96 -19.59 10.36
C LEU C 163 -29.18 -20.46 11.34
N LYS C 164 -29.43 -20.29 12.64
CA LYS C 164 -28.73 -21.10 13.62
C LYS C 164 -28.99 -22.58 13.40
N ASP C 165 -30.25 -22.96 13.12
CA ASP C 165 -30.57 -24.35 12.82
C ASP C 165 -29.77 -24.87 11.64
N ILE C 166 -29.72 -24.11 10.54
CA ILE C 166 -29.00 -24.56 9.36
C ILE C 166 -27.50 -24.63 9.64
N PHE C 167 -26.95 -23.62 10.31
CA PHE C 167 -25.53 -23.64 10.61
C PHE C 167 -25.17 -24.80 11.52
N GLU C 168 -26.04 -25.16 12.47
CA GLU C 168 -25.76 -26.33 13.29
C GLU C 168 -25.74 -27.60 12.46
N GLU C 169 -26.65 -27.70 11.47
CA GLU C 169 -26.59 -28.84 10.57
C GLU C 169 -25.27 -28.89 9.80
N ARG C 170 -24.83 -27.75 9.29
CA ARG C 170 -23.58 -27.73 8.54
C ARG C 170 -22.38 -28.01 9.43
N LEU C 171 -22.37 -27.48 10.64
CA LEU C 171 -21.26 -27.73 11.55
C LEU C 171 -21.17 -29.21 11.90
N LYS C 172 -22.31 -29.87 12.06
CA LYS C 172 -22.27 -31.30 12.30
C LYS C 172 -21.75 -32.03 11.07
N ARG C 173 -22.21 -31.61 9.88
CA ARG C 173 -21.82 -32.30 8.64
C ARG C 173 -20.32 -32.22 8.39
N GLU C 174 -19.72 -31.06 8.60
CA GLU C 174 -18.29 -30.86 8.35
C GLU C 174 -17.43 -31.11 9.58
N GLU C 175 -18.01 -31.59 10.68
CA GLU C 175 -17.28 -32.03 11.87
C GLU C 175 -16.49 -30.90 12.52
N ARG C 176 -17.13 -29.75 12.68
CA ARG C 176 -16.52 -28.57 13.27
C ARG C 176 -17.26 -28.10 14.51
N GLU C 177 -18.04 -28.97 15.14
CA GLU C 177 -18.84 -28.55 16.29
C GLU C 177 -17.98 -28.10 17.46
N SER C 178 -16.90 -28.82 17.77
CA SER C 178 -16.08 -28.43 18.90
C SER C 178 -15.29 -27.15 18.63
N VAL C 179 -14.90 -26.92 17.38
CA VAL C 179 -14.26 -25.66 17.01
C VAL C 179 -15.21 -24.50 17.27
N ALA C 180 -16.44 -24.63 16.76
CA ALA C 180 -17.42 -23.56 16.96
C ALA C 180 -17.69 -23.35 18.44
N LYS C 181 -17.82 -24.44 19.19
CA LYS C 181 -18.10 -24.30 20.62
C LYS C 181 -17.00 -23.53 21.33
N ALA C 182 -15.75 -23.81 21.02
CA ALA C 182 -14.64 -23.07 21.62
C ALA C 182 -14.63 -21.60 21.20
N CYS C 183 -14.92 -21.33 19.92
CA CYS C 183 -14.99 -19.94 19.48
C CYS C 183 -16.09 -19.18 20.22
N PHE C 184 -17.26 -19.80 20.35
CA PHE C 184 -18.35 -19.14 21.07
C PHE C 184 -18.02 -18.97 22.54
N GLN C 185 -17.30 -19.93 23.13
CA GLN C 185 -16.91 -19.80 24.52
C GLN C 185 -15.96 -18.63 24.73
N PHE C 186 -15.08 -18.38 23.75
CA PHE C 186 -14.15 -17.26 23.88
C PHE C 186 -14.74 -15.92 23.50
N LEU C 187 -15.81 -15.89 22.70
CA LEU C 187 -16.32 -14.62 22.18
C LEU C 187 -16.62 -13.56 23.24
N PRO C 188 -17.24 -13.88 24.38
CA PRO C 188 -17.43 -12.84 25.40
C PRO C 188 -16.14 -12.20 25.89
N MET C 189 -15.07 -12.99 26.01
CA MET C 189 -13.81 -12.40 26.42
C MET C 189 -13.18 -11.58 25.32
N ARG C 190 -13.40 -11.95 24.06
CA ARG C 190 -12.96 -11.09 22.95
C ARG C 190 -13.64 -9.74 23.01
N ALA C 191 -14.94 -9.72 23.34
CA ALA C 191 -15.65 -8.46 23.50
C ALA C 191 -15.11 -7.68 24.70
N ASN C 192 -14.86 -8.37 25.81
CA ASN C 192 -14.25 -7.70 26.97
C ASN C 192 -12.91 -7.08 26.61
N LEU C 193 -12.06 -7.82 25.90
CA LEU C 193 -10.79 -7.27 25.41
C LEU C 193 -11.01 -6.01 24.59
N ASP C 194 -12.08 -6.00 23.78
CA ASP C 194 -12.40 -4.80 23.01
C ASP C 194 -12.68 -3.64 23.95
N LEU C 195 -13.51 -3.88 24.97
CA LEU C 195 -13.83 -2.80 25.91
C LEU C 195 -12.61 -2.30 26.67
N LEU C 196 -11.66 -3.19 26.97
CA LEU C 196 -10.52 -2.78 27.77
C LEU C 196 -9.48 -2.01 26.98
N GLY C 197 -9.54 -2.02 25.66
CA GLY C 197 -8.62 -1.22 24.87
C GLY C 197 -7.84 -1.94 23.80
N TRP C 198 -8.15 -3.22 23.55
CA TRP C 198 -7.46 -3.99 22.52
C TRP C 198 -8.35 -4.21 21.30
N SER C 199 -9.30 -3.30 21.06
CA SER C 199 -10.25 -3.52 19.98
C SER C 199 -9.60 -3.56 18.61
N GLU C 200 -8.44 -2.94 18.45
CA GLU C 200 -7.74 -2.94 17.17
C GLU C 200 -6.61 -3.95 17.10
N ILE C 201 -6.51 -4.85 18.08
CA ILE C 201 -5.38 -5.77 18.19
C ILE C 201 -5.91 -7.19 18.10
N ASP C 202 -5.36 -7.96 17.18
CA ASP C 202 -5.54 -9.41 17.18
C ASP C 202 -4.59 -9.99 18.21
N ILE C 203 -5.13 -10.38 19.37
CA ILE C 203 -4.27 -10.76 20.49
C ILE C 203 -3.46 -12.02 20.19
N PHE C 204 -3.87 -12.81 19.20
CA PHE C 204 -3.19 -14.06 18.87
C PHE C 204 -2.22 -13.92 17.71
N ALA C 205 -2.11 -12.75 17.11
CA ALA C 205 -1.27 -12.61 15.93
C ALA C 205 0.19 -12.56 16.34
N HIS C 206 1.07 -12.98 15.43
CA HIS C 206 2.50 -12.86 15.68
C HIS C 206 2.93 -11.40 15.72
N SER C 207 2.40 -10.57 14.83
CA SER C 207 2.65 -9.14 14.88
C SER C 207 1.46 -8.34 14.38
N THR D 3 -30.26 -28.57 -23.64
CA THR D 3 -28.95 -29.13 -23.27
C THR D 3 -29.12 -30.37 -22.42
N GLU D 4 -28.63 -31.51 -22.92
CA GLU D 4 -28.70 -32.75 -22.17
C GLU D 4 -27.56 -32.78 -21.18
N ILE D 5 -27.90 -32.93 -19.90
CA ILE D 5 -26.92 -33.07 -18.82
C ILE D 5 -27.21 -34.36 -18.09
N ARG D 6 -26.26 -35.29 -18.14
CA ARG D 6 -26.39 -36.57 -17.45
C ARG D 6 -25.71 -36.49 -16.10
N VAL D 7 -26.46 -36.74 -15.04
CA VAL D 7 -25.95 -36.67 -13.67
C VAL D 7 -25.71 -38.08 -13.16
N HIS D 8 -24.52 -38.31 -12.60
CA HIS D 8 -24.12 -39.62 -12.10
C HIS D 8 -23.73 -39.51 -10.64
N GLN D 9 -23.82 -40.63 -9.93
CA GLN D 9 -23.34 -40.75 -8.56
C GLN D 9 -22.06 -41.56 -8.57
N GLY D 10 -20.98 -40.97 -8.07
CA GLY D 10 -19.72 -41.69 -7.89
C GLY D 10 -18.77 -41.82 -9.07
N ASP D 11 -19.26 -42.26 -10.21
CA ASP D 11 -18.39 -42.54 -11.35
C ASP D 11 -19.24 -42.66 -12.61
N LEU D 12 -18.58 -42.51 -13.76
CA LEU D 12 -19.20 -42.88 -15.01
C LEU D 12 -19.50 -44.37 -15.03
N PRO D 13 -20.57 -44.78 -15.72
CA PRO D 13 -20.79 -46.23 -15.89
C PRO D 13 -19.78 -46.88 -16.81
N ASN D 14 -19.29 -46.15 -17.80
CA ASN D 14 -18.32 -46.66 -18.78
C ASN D 14 -17.75 -45.46 -19.52
N LEU D 15 -16.84 -45.73 -20.45
CA LEU D 15 -16.24 -44.68 -21.27
C LEU D 15 -16.76 -44.72 -22.69
N ASP D 16 -17.98 -45.26 -22.88
CA ASP D 16 -18.54 -45.41 -24.21
C ASP D 16 -18.73 -44.07 -24.89
N ASN D 17 -18.98 -43.02 -24.11
CA ASN D 17 -19.16 -41.67 -24.63
C ASN D 17 -17.85 -40.91 -24.74
N TYR D 18 -16.72 -41.55 -24.45
CA TYR D 18 -15.44 -40.86 -24.37
C TYR D 18 -14.36 -41.56 -25.15
N ARG D 19 -14.73 -42.12 -26.31
CA ARG D 19 -13.75 -42.63 -27.27
C ARG D 19 -13.37 -41.49 -28.23
N ILE D 20 -12.65 -40.52 -27.69
CA ILE D 20 -12.38 -39.25 -28.34
C ILE D 20 -10.94 -38.84 -28.05
N ASP D 21 -10.45 -37.84 -28.78
CA ASP D 21 -9.09 -37.38 -28.61
C ASP D 21 -8.90 -36.33 -27.52
N ALA D 22 -9.97 -35.65 -27.09
CA ALA D 22 -9.83 -34.65 -26.04
C ALA D 22 -11.11 -34.53 -25.25
N VAL D 23 -10.99 -34.37 -23.94
CA VAL D 23 -12.14 -34.25 -23.04
C VAL D 23 -12.00 -32.97 -22.24
N ALA D 24 -13.08 -32.22 -22.13
CA ALA D 24 -13.13 -31.04 -21.29
C ALA D 24 -13.45 -31.43 -19.86
N VAL D 25 -12.71 -30.88 -18.91
CA VAL D 25 -12.80 -31.29 -17.50
C VAL D 25 -12.91 -30.03 -16.65
N ASP D 26 -13.75 -30.11 -15.62
CA ASP D 26 -13.84 -29.07 -14.62
C ASP D 26 -14.24 -29.73 -13.30
N THR D 27 -14.09 -28.99 -12.21
CA THR D 27 -14.44 -29.48 -10.88
C THR D 27 -15.23 -28.42 -10.11
N GLU D 28 -15.89 -28.86 -9.05
CA GLU D 28 -16.40 -27.94 -8.05
C GLU D 28 -16.02 -28.44 -6.68
N THR D 29 -15.78 -27.52 -5.76
CA THR D 29 -15.29 -27.88 -4.44
C THR D 29 -15.98 -27.01 -3.40
N LEU D 30 -15.66 -27.24 -2.14
CA LEU D 30 -16.08 -26.36 -1.06
C LEU D 30 -15.18 -25.16 -0.86
N GLY D 31 -14.15 -24.97 -1.68
CA GLY D 31 -13.31 -23.80 -1.54
C GLY D 31 -11.98 -23.99 -2.25
N LEU D 32 -11.10 -23.01 -2.03
CA LEU D 32 -9.86 -22.89 -2.78
C LEU D 32 -8.69 -23.66 -2.18
N GLN D 33 -8.86 -24.32 -1.04
CA GLN D 33 -7.74 -24.95 -0.34
C GLN D 33 -7.89 -26.46 -0.33
N PRO D 34 -7.18 -27.19 -1.20
CA PRO D 34 -7.44 -28.63 -1.34
C PRO D 34 -7.28 -29.42 -0.06
N HIS D 35 -6.42 -28.99 0.85
CA HIS D 35 -6.26 -29.74 2.09
C HIS D 35 -7.46 -29.58 3.02
N ARG D 36 -8.21 -28.49 2.92
CA ARG D 36 -9.40 -28.31 3.75
C ARG D 36 -10.70 -28.60 3.04
N ASP D 37 -10.81 -28.26 1.75
CA ASP D 37 -12.08 -28.17 1.04
C ASP D 37 -12.25 -29.29 0.01
N ARG D 38 -13.15 -30.22 0.29
CA ARG D 38 -13.21 -31.46 -0.48
C ARG D 38 -13.82 -31.23 -1.86
N LEU D 39 -13.43 -32.10 -2.81
CA LEU D 39 -14.06 -32.16 -4.13
C LEU D 39 -15.50 -32.62 -4.06
N CYS D 40 -16.42 -31.88 -4.67
CA CYS D 40 -17.84 -32.17 -4.63
C CYS D 40 -18.44 -32.58 -5.97
N VAL D 41 -17.99 -32.01 -7.09
CA VAL D 41 -18.57 -32.26 -8.41
C VAL D 41 -17.44 -32.31 -9.43
N VAL D 42 -17.53 -33.23 -10.39
CA VAL D 42 -16.69 -33.25 -11.57
C VAL D 42 -17.54 -33.20 -12.84
N GLN D 43 -17.20 -32.31 -13.77
CA GLN D 43 -17.95 -32.19 -15.02
C GLN D 43 -17.06 -32.56 -16.18
N LEU D 44 -17.65 -33.21 -17.17
CA LEU D 44 -16.95 -33.68 -18.35
C LEU D 44 -17.80 -33.35 -19.57
N SER D 45 -17.14 -33.09 -20.69
CA SER D 45 -17.87 -33.00 -21.94
C SER D 45 -17.01 -33.53 -23.08
N SER D 46 -17.64 -34.25 -24.00
CA SER D 46 -16.95 -34.72 -25.19
C SER D 46 -16.88 -33.67 -26.30
N GLY D 47 -17.52 -32.52 -26.11
CA GLY D 47 -17.60 -31.52 -27.15
C GLY D 47 -18.79 -31.63 -28.06
N ASP D 48 -19.68 -32.61 -27.84
CA ASP D 48 -20.84 -32.82 -28.68
C ASP D 48 -22.07 -32.05 -28.19
N GLY D 49 -21.89 -31.07 -27.31
CA GLY D 49 -23.00 -30.30 -26.79
C GLY D 49 -23.71 -30.92 -25.60
N THR D 50 -23.23 -32.05 -25.11
CA THR D 50 -23.75 -32.70 -23.91
C THR D 50 -22.67 -32.72 -22.84
N ALA D 51 -23.08 -32.94 -21.60
CA ALA D 51 -22.16 -32.95 -20.48
C ALA D 51 -22.53 -34.03 -19.49
N ASP D 52 -21.53 -34.51 -18.75
CA ASP D 52 -21.71 -35.42 -17.63
C ASP D 52 -21.33 -34.73 -16.33
N VAL D 53 -22.19 -34.82 -15.33
CA VAL D 53 -21.96 -34.21 -14.02
C VAL D 53 -21.93 -35.32 -12.99
N ILE D 54 -20.79 -35.53 -12.35
CA ILE D 54 -20.57 -36.64 -11.42
C ILE D 54 -20.45 -36.07 -10.02
N GLN D 55 -21.37 -36.44 -9.15
CA GLN D 55 -21.31 -36.07 -7.75
C GLN D 55 -20.34 -36.98 -7.01
N ILE D 56 -19.39 -36.39 -6.30
CA ILE D 56 -18.39 -37.12 -5.53
C ILE D 56 -18.80 -37.13 -4.07
N ALA D 57 -18.81 -38.31 -3.46
CA ALA D 57 -19.26 -38.46 -2.10
C ALA D 57 -18.14 -38.06 -1.14
N LYS D 58 -18.53 -37.64 0.06
CA LYS D 58 -17.56 -37.38 1.10
C LYS D 58 -16.73 -38.63 1.43
N GLY D 59 -15.42 -38.45 1.50
CA GLY D 59 -14.52 -39.54 1.78
C GLY D 59 -14.27 -40.49 0.61
N GLN D 60 -14.82 -40.22 -0.55
CA GLN D 60 -14.64 -41.11 -1.70
C GLN D 60 -13.19 -41.07 -2.16
N LYS D 61 -12.59 -42.25 -2.30
CA LYS D 61 -11.19 -42.36 -2.64
C LYS D 61 -10.94 -42.85 -4.06
N SER D 62 -11.93 -43.44 -4.72
CA SER D 62 -11.73 -44.05 -6.02
C SER D 62 -12.89 -43.75 -6.95
N ALA D 63 -12.56 -43.63 -8.24
CA ALA D 63 -13.57 -43.53 -9.31
C ALA D 63 -12.92 -44.13 -10.54
N PRO D 64 -12.87 -45.45 -10.63
CA PRO D 64 -11.96 -46.09 -11.61
C PRO D 64 -12.18 -45.70 -13.06
N ASN D 65 -13.41 -45.54 -13.53
CA ASN D 65 -13.62 -45.20 -14.94
C ASN D 65 -13.17 -43.77 -15.24
N LEU D 66 -13.63 -42.81 -14.44
CA LEU D 66 -13.19 -41.44 -14.59
C LEU D 66 -11.66 -41.34 -14.49
N VAL D 67 -11.08 -42.02 -13.49
CA VAL D 67 -9.65 -41.93 -13.29
C VAL D 67 -8.92 -42.58 -14.46
N ARG D 68 -9.49 -43.64 -15.03
CA ARG D 68 -8.91 -44.25 -16.21
C ARG D 68 -8.87 -43.25 -17.35
N LEU D 69 -9.95 -42.47 -17.50
CA LEU D 69 -9.95 -41.40 -18.50
C LEU D 69 -8.87 -40.37 -18.20
N LEU D 70 -8.77 -39.92 -16.95
CA LEU D 70 -7.79 -38.91 -16.58
C LEU D 70 -6.35 -39.38 -16.77
N SER D 71 -6.12 -40.68 -16.67
CA SER D 71 -4.75 -41.22 -16.79
C SER D 71 -4.35 -41.51 -18.22
N ASP D 72 -5.31 -41.52 -19.17
CA ASP D 72 -5.04 -41.92 -20.54
C ASP D 72 -4.28 -40.81 -21.24
N ARG D 73 -3.01 -41.07 -21.56
CA ARG D 73 -2.12 -40.10 -22.18
C ARG D 73 -2.48 -39.78 -23.62
N ASP D 74 -3.32 -40.59 -24.26
CA ASP D 74 -3.77 -40.31 -25.62
C ASP D 74 -4.91 -39.31 -25.68
N ILE D 75 -5.41 -38.84 -24.53
CA ILE D 75 -6.54 -37.92 -24.46
C ILE D 75 -6.10 -36.64 -23.76
N THR D 76 -6.18 -35.52 -24.47
CA THR D 76 -5.86 -34.23 -23.87
C THR D 76 -7.01 -33.76 -22.98
N LYS D 77 -6.69 -33.39 -21.75
CA LYS D 77 -7.66 -32.82 -20.83
C LYS D 77 -7.64 -31.31 -20.95
N ILE D 78 -8.77 -30.72 -21.30
CA ILE D 78 -8.88 -29.27 -21.45
C ILE D 78 -9.47 -28.69 -20.19
N PHE D 79 -8.81 -27.68 -19.63
CA PHE D 79 -9.26 -26.98 -18.44
C PHE D 79 -9.27 -25.49 -18.74
N HIS D 80 -10.02 -24.75 -17.94
CA HIS D 80 -9.79 -23.32 -17.77
C HIS D 80 -9.23 -23.12 -16.37
N PHE D 81 -8.00 -22.59 -16.29
CA PHE D 81 -7.24 -22.53 -15.03
C PHE D 81 -7.08 -23.89 -14.40
N GLY D 82 -6.45 -24.79 -15.15
CA GLY D 82 -6.21 -26.14 -14.70
C GLY D 82 -5.32 -26.24 -13.50
N ARG D 83 -4.55 -25.21 -13.18
CA ARG D 83 -3.72 -25.23 -11.98
C ARG D 83 -4.49 -25.68 -10.74
N PHE D 84 -5.74 -25.25 -10.59
CA PHE D 84 -6.55 -25.66 -9.45
C PHE D 84 -7.14 -27.05 -9.63
N ASP D 85 -7.80 -27.27 -10.77
CA ASP D 85 -8.48 -28.55 -11.00
C ASP D 85 -7.50 -29.71 -10.94
N LEU D 86 -6.31 -29.56 -11.53
CA LEU D 86 -5.30 -30.60 -11.47
C LEU D 86 -4.91 -30.90 -10.03
N ALA D 87 -4.76 -29.85 -9.22
CA ALA D 87 -4.37 -30.02 -7.83
C ALA D 87 -5.42 -30.81 -7.07
N ILE D 88 -6.69 -30.40 -7.20
CA ILE D 88 -7.73 -31.04 -6.41
C ILE D 88 -7.97 -32.47 -6.91
N LEU D 89 -7.87 -32.69 -8.23
CA LEU D 89 -8.03 -34.04 -8.76
C LEU D 89 -6.92 -34.96 -8.26
N ALA D 90 -5.67 -34.49 -8.30
CA ALA D 90 -4.58 -35.35 -7.83
C ALA D 90 -4.69 -35.59 -6.34
N HIS D 91 -5.10 -34.58 -5.58
CA HIS D 91 -5.26 -34.75 -4.14
C HIS D 91 -6.37 -35.74 -3.82
N THR D 92 -7.42 -35.78 -4.63
CA THR D 92 -8.58 -36.62 -4.34
C THR D 92 -8.40 -38.06 -4.82
N PHE D 93 -7.93 -38.26 -6.05
CA PHE D 93 -7.88 -39.59 -6.63
C PHE D 93 -6.47 -40.17 -6.77
N GLY D 94 -5.42 -39.40 -6.48
CA GLY D 94 -4.10 -39.97 -6.47
C GLY D 94 -3.45 -40.09 -7.83
N VAL D 95 -4.04 -39.50 -8.87
CA VAL D 95 -3.49 -39.53 -10.23
C VAL D 95 -3.30 -38.09 -10.68
N MET D 96 -2.06 -37.79 -11.07
CA MET D 96 -1.75 -36.43 -11.59
C MET D 96 -1.84 -36.46 -13.12
N PRO D 97 -2.86 -35.89 -13.81
CA PRO D 97 -2.85 -35.84 -15.28
C PRO D 97 -1.59 -35.17 -15.80
N ASP D 98 -1.10 -35.66 -16.95
CA ASP D 98 0.11 -35.09 -17.53
C ASP D 98 -0.02 -34.72 -19.00
N VAL D 99 -1.21 -34.74 -19.57
CA VAL D 99 -1.46 -34.25 -20.93
C VAL D 99 -2.62 -33.27 -20.84
N VAL D 100 -2.34 -31.97 -20.86
CA VAL D 100 -3.34 -30.96 -20.53
C VAL D 100 -3.26 -29.80 -21.50
N PHE D 101 -4.34 -29.05 -21.57
CA PHE D 101 -4.43 -27.77 -22.26
C PHE D 101 -5.20 -26.85 -21.33
N CYS D 102 -4.69 -25.64 -21.13
CA CYS D 102 -5.32 -24.66 -20.23
C CYS D 102 -5.67 -23.42 -21.04
N THR D 103 -6.96 -23.08 -21.08
CA THR D 103 -7.40 -21.93 -21.84
C THR D 103 -6.98 -20.61 -21.21
N LYS D 104 -6.69 -20.58 -19.91
CA LYS D 104 -6.24 -19.33 -19.30
C LYS D 104 -4.80 -18.99 -19.64
N ILE D 105 -3.90 -19.97 -19.59
CA ILE D 105 -2.54 -19.73 -20.07
C ILE D 105 -2.57 -19.33 -21.53
N ALA D 106 -3.36 -20.03 -22.34
CA ALA D 106 -3.45 -19.68 -23.76
C ALA D 106 -3.95 -18.26 -23.94
N SER D 107 -4.96 -17.86 -23.15
CA SER D 107 -5.44 -16.49 -23.22
C SER D 107 -4.34 -15.49 -22.88
N LYS D 108 -3.59 -15.76 -21.81
CA LYS D 108 -2.52 -14.85 -21.44
C LYS D 108 -1.43 -14.82 -22.50
N LEU D 109 -1.30 -15.87 -23.31
CA LEU D 109 -0.31 -15.90 -24.37
C LEU D 109 -0.82 -15.35 -25.69
N THR D 110 -2.10 -15.07 -25.81
CA THR D 110 -2.59 -14.64 -27.13
C THR D 110 -3.42 -13.37 -27.03
N ARG D 111 -4.27 -13.25 -26.01
CA ARG D 111 -5.11 -12.07 -25.83
C ARG D 111 -4.31 -11.03 -25.04
N THR D 112 -3.25 -10.55 -25.66
CA THR D 112 -2.31 -9.62 -25.05
C THR D 112 -2.84 -8.19 -24.98
N TYR D 113 -3.99 -7.92 -25.59
CA TYR D 113 -4.61 -6.61 -25.61
C TYR D 113 -5.59 -6.38 -24.47
N THR D 114 -5.64 -7.28 -23.50
CA THR D 114 -6.53 -7.12 -22.35
C THR D 114 -5.86 -7.70 -21.11
N ASP D 115 -6.35 -7.28 -19.94
CA ASP D 115 -5.92 -7.87 -18.68
C ASP D 115 -7.02 -8.70 -18.03
N ARG D 116 -8.13 -8.90 -18.73
CA ARG D 116 -9.26 -9.66 -18.23
C ARG D 116 -9.31 -11.00 -18.96
N HIS D 117 -9.02 -12.08 -18.23
CA HIS D 117 -8.88 -13.42 -18.80
C HIS D 117 -9.88 -14.45 -18.29
N GLY D 118 -10.96 -14.05 -17.61
CA GLY D 118 -11.92 -15.03 -17.15
C GLY D 118 -12.69 -15.71 -18.27
N LEU D 119 -13.23 -16.88 -17.93
CA LEU D 119 -13.94 -17.71 -18.90
C LEU D 119 -15.17 -17.03 -19.48
N LYS D 120 -15.93 -16.30 -18.67
CA LYS D 120 -17.11 -15.63 -19.18
C LYS D 120 -16.72 -14.66 -20.30
N GLU D 121 -15.70 -13.85 -20.04
CA GLU D 121 -15.24 -12.85 -21.01
C GLU D 121 -14.63 -13.48 -22.24
N ILE D 122 -13.88 -14.58 -22.07
CA ILE D 122 -13.30 -15.24 -23.22
C ILE D 122 -14.40 -15.80 -24.10
N CYS D 123 -15.39 -16.44 -23.49
CA CYS D 123 -16.50 -16.99 -24.26
C CYS D 123 -17.27 -15.88 -24.95
N GLY D 124 -17.44 -14.74 -24.27
CA GLY D 124 -18.14 -13.63 -24.87
C GLY D 124 -17.43 -13.09 -26.09
N GLU D 125 -16.12 -12.89 -25.99
CA GLU D 125 -15.37 -12.29 -27.08
C GLU D 125 -15.20 -13.28 -28.22
N LEU D 126 -14.80 -14.51 -27.92
CA LEU D 126 -14.41 -15.47 -28.94
C LEU D 126 -15.61 -16.14 -29.61
N LEU D 127 -16.72 -16.34 -28.90
CA LEU D 127 -17.82 -17.12 -29.44
C LEU D 127 -19.13 -16.35 -29.52
N ASN D 128 -19.18 -15.14 -28.98
CA ASN D 128 -20.42 -14.38 -28.82
C ASN D 128 -21.48 -15.19 -28.11
N VAL D 129 -21.07 -15.94 -27.09
CA VAL D 129 -21.99 -16.73 -26.28
C VAL D 129 -22.04 -16.08 -24.90
N ASN D 130 -23.24 -15.87 -24.40
CA ASN D 130 -23.42 -15.19 -23.12
C ASN D 130 -23.57 -16.25 -22.05
N ILE D 131 -22.59 -16.33 -21.17
CA ILE D 131 -22.66 -17.19 -20.00
C ILE D 131 -23.25 -16.38 -18.85
N SER D 132 -24.30 -16.90 -18.22
CA SER D 132 -24.90 -16.28 -17.07
C SER D 132 -24.40 -17.00 -15.82
N LYS D 133 -23.77 -16.25 -14.93
CA LYS D 133 -23.09 -16.80 -13.77
C LYS D 133 -23.98 -16.67 -12.53
N GLN D 134 -23.72 -17.54 -11.57
CA GLN D 134 -24.54 -17.59 -10.37
C GLN D 134 -24.54 -16.25 -9.66
N GLN D 135 -25.67 -15.90 -9.06
CA GLN D 135 -25.81 -14.62 -8.38
C GLN D 135 -25.32 -14.71 -6.94
N GLN D 136 -24.91 -15.91 -6.53
CA GLN D 136 -24.39 -16.21 -5.21
C GLN D 136 -23.66 -17.53 -5.35
N SER D 137 -23.09 -18.01 -4.26
CA SER D 137 -22.48 -19.33 -4.28
C SER D 137 -23.50 -20.31 -3.74
N SER D 138 -23.17 -21.60 -3.75
CA SER D 138 -24.11 -22.56 -3.21
C SER D 138 -23.39 -23.74 -2.59
N ASP D 139 -24.18 -24.57 -1.92
CA ASP D 139 -23.73 -25.76 -1.21
C ASP D 139 -23.56 -26.89 -2.21
N TRP D 140 -22.35 -27.00 -2.76
CA TRP D 140 -22.11 -28.04 -3.74
C TRP D 140 -22.09 -29.42 -3.10
N ALA D 141 -22.07 -29.50 -1.78
CA ALA D 141 -22.12 -30.77 -1.07
C ALA D 141 -23.54 -31.22 -0.78
N ALA D 142 -24.55 -30.47 -1.23
CA ALA D 142 -25.93 -30.86 -1.02
C ALA D 142 -26.15 -32.25 -1.60
N GLU D 143 -26.96 -33.05 -0.91
CA GLU D 143 -27.23 -34.41 -1.40
C GLU D 143 -27.86 -34.39 -2.79
N THR D 144 -28.83 -33.51 -3.03
CA THR D 144 -29.43 -33.37 -4.35
C THR D 144 -29.14 -31.97 -4.89
N LEU D 145 -28.42 -31.91 -6.02
CA LEU D 145 -28.20 -30.63 -6.68
C LEU D 145 -29.47 -30.16 -7.38
N SER D 146 -29.69 -28.85 -7.37
CA SER D 146 -30.84 -28.29 -8.05
C SER D 146 -30.61 -28.28 -9.56
N ARG D 147 -31.71 -28.13 -10.31
CA ARG D 147 -31.60 -28.00 -11.76
C ARG D 147 -30.75 -26.80 -12.15
N ALA D 148 -30.91 -25.68 -11.45
CA ALA D 148 -30.09 -24.51 -11.74
C ALA D 148 -28.61 -24.81 -11.49
N GLN D 149 -28.31 -25.52 -10.40
CA GLN D 149 -26.93 -25.90 -10.14
C GLN D 149 -26.39 -26.78 -11.25
N ILE D 150 -27.18 -27.76 -11.69
CA ILE D 150 -26.71 -28.69 -12.72
C ILE D 150 -26.43 -27.94 -14.01
N GLU D 151 -27.32 -27.02 -14.39
CA GLU D 151 -27.11 -26.31 -15.64
C GLU D 151 -25.89 -25.39 -15.53
N TYR D 152 -25.72 -24.74 -14.38
CA TYR D 152 -24.53 -23.89 -14.17
C TYR D 152 -23.25 -24.71 -14.25
N ALA D 153 -23.24 -25.89 -13.62
CA ALA D 153 -22.05 -26.73 -13.62
C ALA D 153 -21.72 -27.23 -15.03
N ALA D 154 -22.74 -27.61 -15.80
CA ALA D 154 -22.49 -28.06 -17.17
C ALA D 154 -21.99 -26.93 -18.06
N SER D 155 -22.47 -25.71 -17.85
CA SER D 155 -22.08 -24.57 -18.70
C SER D 155 -20.58 -24.31 -18.68
N ASP D 156 -19.87 -24.72 -17.63
CA ASP D 156 -18.44 -24.49 -17.53
C ASP D 156 -17.59 -25.38 -18.44
N VAL D 157 -18.15 -26.47 -18.97
CA VAL D 157 -17.42 -27.37 -19.87
C VAL D 157 -17.94 -27.38 -21.30
N LEU D 158 -19.13 -26.83 -21.56
CA LEU D 158 -19.74 -26.96 -22.89
C LEU D 158 -18.96 -26.27 -24.01
N TYR D 159 -18.09 -25.31 -23.71
CA TYR D 159 -17.48 -24.49 -24.75
C TYR D 159 -15.96 -24.60 -24.84
N LEU D 160 -15.31 -25.44 -24.03
CA LEU D 160 -13.85 -25.43 -23.99
C LEU D 160 -13.21 -25.98 -25.27
N HIS D 161 -13.84 -26.93 -25.96
CA HIS D 161 -13.29 -27.40 -27.22
C HIS D 161 -13.21 -26.30 -28.26
N ARG D 162 -14.27 -25.50 -28.40
CA ARG D 162 -14.28 -24.43 -29.38
C ARG D 162 -13.23 -23.39 -29.05
N LEU D 163 -13.05 -23.11 -27.76
CA LEU D 163 -12.00 -22.20 -27.34
C LEU D 163 -10.63 -22.77 -27.67
N LYS D 164 -10.42 -24.06 -27.40
CA LYS D 164 -9.11 -24.65 -27.71
C LYS D 164 -8.81 -24.52 -29.20
N ASP D 165 -9.80 -24.77 -30.06
CA ASP D 165 -9.57 -24.62 -31.50
C ASP D 165 -9.17 -23.20 -31.86
N ILE D 166 -9.87 -22.21 -31.30
CA ILE D 166 -9.53 -20.82 -31.62
C ILE D 166 -8.16 -20.46 -31.06
N PHE D 167 -7.88 -20.83 -29.82
CA PHE D 167 -6.59 -20.49 -29.24
C PHE D 167 -5.45 -21.15 -30.00
N GLU D 168 -5.65 -22.36 -30.50
CA GLU D 168 -4.62 -22.99 -31.31
C GLU D 168 -4.38 -22.22 -32.60
N GLU D 169 -5.46 -21.71 -33.22
CA GLU D 169 -5.27 -20.85 -34.38
C GLU D 169 -4.45 -19.61 -34.03
N ARG D 170 -4.76 -18.98 -32.90
CA ARG D 170 -4.01 -17.77 -32.52
C ARG D 170 -2.56 -18.08 -32.15
N LEU D 171 -2.32 -19.19 -31.46
CA LEU D 171 -0.95 -19.55 -31.11
C LEU D 171 -0.14 -19.80 -32.36
N LYS D 172 -0.76 -20.41 -33.38
CA LYS D 172 -0.05 -20.61 -34.64
C LYS D 172 0.21 -19.27 -35.32
N ARG D 173 -0.78 -18.38 -35.33
CA ARG D 173 -0.63 -17.10 -36.02
C ARG D 173 0.50 -16.26 -35.46
N GLU D 174 0.60 -16.17 -34.13
CA GLU D 174 1.64 -15.37 -33.49
C GLU D 174 2.91 -16.14 -33.19
N GLU D 175 2.98 -17.40 -33.60
CA GLU D 175 4.19 -18.22 -33.52
C GLU D 175 4.64 -18.44 -32.08
N ARG D 176 3.69 -18.78 -31.22
CA ARG D 176 3.94 -19.03 -29.80
C ARG D 176 3.55 -20.45 -29.41
N GLU D 177 3.44 -21.34 -30.39
CA GLU D 177 3.00 -22.70 -30.12
C GLU D 177 3.95 -23.44 -29.17
N SER D 178 5.26 -23.31 -29.38
CA SER D 178 6.20 -24.02 -28.52
C SER D 178 6.25 -23.45 -27.12
N VAL D 179 6.01 -22.15 -26.97
CA VAL D 179 5.90 -21.55 -25.64
C VAL D 179 4.73 -22.18 -24.90
N ALA D 180 3.57 -22.21 -25.54
CA ALA D 180 2.39 -22.77 -24.89
C ALA D 180 2.61 -24.24 -24.56
N LYS D 181 3.22 -24.99 -25.48
CA LYS D 181 3.46 -26.41 -25.23
C LYS D 181 4.32 -26.60 -23.99
N ALA D 182 5.38 -25.80 -23.84
CA ALA D 182 6.22 -25.91 -22.65
C ALA D 182 5.48 -25.51 -21.39
N CYS D 183 4.65 -24.48 -21.46
CA CYS D 183 3.85 -24.10 -20.30
C CYS D 183 2.90 -25.22 -19.88
N PHE D 184 2.21 -25.82 -20.86
CA PHE D 184 1.30 -26.91 -20.51
C PHE D 184 2.06 -28.11 -19.96
N GLN D 185 3.26 -28.35 -20.46
CA GLN D 185 4.06 -29.46 -19.95
C GLN D 185 4.44 -29.22 -18.48
N PHE D 186 4.73 -27.98 -18.12
CA PHE D 186 5.08 -27.68 -16.74
C PHE D 186 3.88 -27.57 -15.81
N LEU D 187 2.68 -27.32 -16.34
CA LEU D 187 1.54 -27.05 -15.48
C LEU D 187 1.27 -28.12 -14.41
N PRO D 188 1.33 -29.42 -14.70
CA PRO D 188 1.14 -30.41 -13.61
C PRO D 188 2.14 -30.29 -12.48
N MET D 189 3.39 -29.94 -12.76
CA MET D 189 4.33 -29.73 -11.66
C MET D 189 4.04 -28.45 -10.89
N ARG D 190 3.55 -27.41 -11.54
CA ARG D 190 3.09 -26.24 -10.80
C ARG D 190 1.97 -26.60 -9.84
N ALA D 191 1.04 -27.45 -10.29
CA ALA D 191 -0.04 -27.91 -9.42
C ALA D 191 0.49 -28.76 -8.27
N ASN D 192 1.46 -29.65 -8.57
CA ASN D 192 2.07 -30.44 -7.51
C ASN D 192 2.75 -29.53 -6.49
N LEU D 193 3.48 -28.52 -6.96
CA LEU D 193 4.12 -27.57 -6.05
C LEU D 193 3.08 -26.92 -5.16
N ASP D 194 1.90 -26.63 -5.71
CA ASP D 194 0.82 -26.09 -4.88
C ASP D 194 0.44 -27.07 -3.80
N LEU D 195 0.27 -28.35 -4.16
CA LEU D 195 -0.10 -29.35 -3.17
C LEU D 195 0.96 -29.52 -2.10
N LEU D 196 2.24 -29.36 -2.45
CA LEU D 196 3.31 -29.60 -1.48
C LEU D 196 3.50 -28.45 -0.50
N GLY D 197 2.94 -27.28 -0.76
CA GLY D 197 3.02 -26.19 0.20
C GLY D 197 3.58 -24.89 -0.35
N TRP D 198 3.78 -24.81 -1.66
CA TRP D 198 4.28 -23.61 -2.30
C TRP D 198 3.20 -22.89 -3.09
N SER D 199 1.93 -23.03 -2.67
CA SER D 199 0.85 -22.48 -3.47
C SER D 199 0.90 -20.96 -3.57
N GLU D 200 1.52 -20.28 -2.61
CA GLU D 200 1.62 -18.83 -2.62
C GLU D 200 2.96 -18.31 -3.12
N ILE D 201 3.81 -19.16 -3.68
CA ILE D 201 5.17 -18.76 -4.05
C ILE D 201 5.35 -18.92 -5.55
N ASP D 202 5.76 -17.85 -6.21
CA ASP D 202 6.28 -17.93 -7.58
C ASP D 202 7.71 -18.44 -7.51
N ILE D 203 7.91 -19.71 -7.83
CA ILE D 203 9.21 -20.35 -7.62
C ILE D 203 10.29 -19.75 -8.50
N PHE D 204 9.93 -19.05 -9.58
CA PHE D 204 10.89 -18.46 -10.50
C PHE D 204 11.17 -17.00 -10.24
N ALA D 205 10.53 -16.38 -9.27
CA ALA D 205 10.71 -14.95 -9.08
C ALA D 205 12.01 -14.66 -8.35
N HIS D 206 12.54 -13.47 -8.58
CA HIS D 206 13.72 -13.02 -7.86
C HIS D 206 13.45 -12.82 -6.38
N SER D 207 12.28 -12.29 -6.05
CA SER D 207 11.86 -12.18 -4.66
C SER D 207 10.36 -12.30 -4.52
N THR E 3 26.69 -24.48 31.80
CA THR E 3 25.36 -24.81 31.32
C THR E 3 25.31 -26.25 30.85
N GLU E 4 24.65 -27.13 31.61
CA GLU E 4 24.56 -28.53 31.22
C GLU E 4 23.40 -28.69 30.26
N ILE E 5 23.67 -29.20 29.07
CA ILE E 5 22.67 -29.48 28.05
C ILE E 5 22.76 -30.95 27.68
N ARG E 6 21.70 -31.70 27.93
CA ARG E 6 21.64 -33.11 27.59
C ARG E 6 20.92 -33.26 26.26
N VAL E 7 21.57 -33.86 25.27
CA VAL E 7 20.99 -34.02 23.95
C VAL E 7 20.57 -35.46 23.75
N HIS E 8 19.31 -35.67 23.32
CA HIS E 8 18.77 -36.99 23.13
C HIS E 8 18.20 -37.14 21.72
N GLN E 9 18.12 -38.38 21.26
CA GLN E 9 17.44 -38.76 20.02
C GLN E 9 16.14 -39.47 20.37
N GLY E 10 15.03 -38.93 19.89
CA GLY E 10 13.72 -39.54 20.01
C GLY E 10 12.89 -39.27 21.25
N ASP E 11 13.49 -39.40 22.43
CA ASP E 11 12.70 -39.28 23.66
C ASP E 11 13.64 -39.05 24.84
N LEU E 12 13.05 -38.56 25.92
CA LEU E 12 13.69 -38.56 27.21
C LEU E 12 13.97 -39.99 27.67
N PRO E 13 15.07 -40.23 28.40
CA PRO E 13 15.26 -41.57 28.96
C PRO E 13 14.26 -41.89 30.05
N ASN E 14 13.84 -40.89 30.81
CA ASN E 14 12.85 -41.05 31.88
C ASN E 14 12.35 -39.66 32.26
N LEU E 15 11.42 -39.62 33.21
CA LEU E 15 10.83 -38.37 33.68
C LEU E 15 11.34 -37.99 35.07
N ASP E 16 12.52 -38.46 35.43
CA ASP E 16 13.06 -38.22 36.77
C ASP E 16 13.27 -36.74 37.04
N ASN E 17 13.58 -35.96 36.01
CA ASN E 17 13.83 -34.54 36.14
C ASN E 17 12.58 -33.68 35.99
N TYR E 18 11.39 -34.26 35.82
CA TYR E 18 10.22 -33.46 35.49
C TYR E 18 9.05 -33.77 36.40
N ARG E 19 9.33 -34.03 37.67
CA ARG E 19 8.30 -34.08 38.71
C ARG E 19 8.10 -32.69 39.31
N ILE E 20 7.54 -31.80 38.49
CA ILE E 20 7.49 -30.36 38.78
C ILE E 20 6.12 -29.83 38.35
N ASP E 21 5.82 -28.60 38.77
CA ASP E 21 4.55 -27.99 38.46
C ASP E 21 4.49 -27.36 37.07
N ALA E 22 5.62 -26.97 36.49
CA ALA E 22 5.60 -26.31 35.20
C ALA E 22 6.89 -26.59 34.46
N VAL E 23 6.78 -26.80 33.15
CA VAL E 23 7.94 -27.10 32.30
C VAL E 23 7.95 -26.13 31.14
N ALA E 24 9.13 -25.57 30.85
CA ALA E 24 9.32 -24.72 29.68
C ALA E 24 9.55 -25.57 28.45
N VAL E 25 8.86 -25.24 27.36
CA VAL E 25 8.87 -26.03 26.15
C VAL E 25 9.10 -25.10 24.96
N ASP E 26 9.92 -25.54 24.01
CA ASP E 26 10.07 -24.84 22.75
C ASP E 26 10.37 -25.89 21.69
N THR E 27 10.26 -25.49 20.43
CA THR E 27 10.54 -26.41 19.32
C THR E 27 11.39 -25.70 18.29
N GLU E 28 12.00 -26.50 17.42
CA GLU E 28 12.59 -26.02 16.18
C GLU E 28 12.11 -26.91 15.05
N THR E 29 11.95 -26.32 13.87
CA THR E 29 11.36 -27.04 12.74
C THR E 29 12.13 -26.65 11.49
N LEU E 30 11.73 -27.24 10.36
CA LEU E 30 12.26 -26.80 9.07
C LEU E 30 11.53 -25.59 8.51
N GLY E 31 10.55 -25.02 9.21
CA GLY E 31 9.89 -23.83 8.72
C GLY E 31 8.56 -23.62 9.42
N LEU E 32 7.84 -22.63 8.91
CA LEU E 32 6.63 -22.12 9.56
C LEU E 32 5.35 -22.86 9.16
N GLN E 33 5.43 -23.84 8.27
CA GLN E 33 4.24 -24.51 7.74
C GLN E 33 4.22 -25.97 8.18
N PRO E 34 3.43 -26.32 9.20
CA PRO E 34 3.53 -27.66 9.77
C PRO E 34 3.28 -28.79 8.79
N HIS E 35 2.47 -28.58 7.76
CA HIS E 35 2.22 -29.66 6.82
C HIS E 35 3.44 -29.94 5.94
N ARG E 36 4.30 -28.95 5.72
CA ARG E 36 5.46 -29.17 4.89
C ARG E 36 6.75 -29.40 5.69
N ASP E 37 6.91 -28.69 6.80
CA ASP E 37 8.20 -28.56 7.49
C ASP E 37 8.17 -29.32 8.82
N ARG E 38 8.93 -30.42 8.90
CA ARG E 38 8.81 -31.35 10.02
C ARG E 38 9.44 -30.79 11.29
N LEU E 39 8.94 -31.27 12.43
CA LEU E 39 9.55 -31.01 13.73
C LEU E 39 10.92 -31.66 13.82
N CYS E 40 11.94 -30.89 14.22
CA CYS E 40 13.30 -31.39 14.29
C CYS E 40 13.88 -31.50 15.68
N VAL E 41 13.54 -30.59 16.59
CA VAL E 41 14.12 -30.53 17.93
C VAL E 41 13.01 -30.14 18.91
N VAL E 42 13.02 -30.74 20.09
CA VAL E 42 12.20 -30.28 21.21
C VAL E 42 13.10 -29.94 22.40
N GLN E 43 12.87 -28.78 23.00
CA GLN E 43 13.67 -28.33 24.13
C GLN E 43 12.77 -28.25 25.36
N LEU E 44 13.32 -28.63 26.51
CA LEU E 44 12.59 -28.67 27.77
C LEU E 44 13.48 -28.09 28.85
N SER E 45 12.86 -27.45 29.83
CA SER E 45 13.59 -27.02 31.01
C SER E 45 12.69 -27.05 32.24
N SER E 46 13.28 -27.44 33.36
CA SER E 46 12.68 -27.43 34.68
C SER E 46 12.76 -26.07 35.35
N GLY E 47 13.40 -25.11 34.72
CA GLY E 47 13.64 -23.81 35.31
C GLY E 47 14.96 -23.70 36.01
N ASP E 48 15.76 -24.74 35.97
CA ASP E 48 17.07 -24.77 36.61
C ASP E 48 18.08 -24.26 35.59
N GLY E 49 19.35 -24.48 35.84
CA GLY E 49 20.37 -24.02 34.92
C GLY E 49 20.66 -25.00 33.81
N THR E 50 19.93 -26.12 33.75
CA THR E 50 20.07 -27.10 32.68
C THR E 50 18.80 -27.22 31.83
N ALA E 51 18.99 -27.80 30.65
CA ALA E 51 17.96 -27.98 29.64
C ALA E 51 18.14 -29.34 28.99
N ASP E 52 17.05 -29.90 28.47
CA ASP E 52 17.08 -31.12 27.69
C ASP E 52 16.71 -30.84 26.24
N VAL E 53 17.53 -31.31 25.31
CA VAL E 53 17.34 -31.10 23.88
C VAL E 53 17.17 -32.45 23.20
N ILE E 54 15.98 -32.71 22.66
CA ILE E 54 15.60 -34.02 22.14
C ILE E 54 15.51 -33.91 20.63
N GLN E 55 16.36 -34.64 19.92
CA GLN E 55 16.31 -34.68 18.46
C GLN E 55 15.25 -35.67 18.01
N ILE E 56 14.34 -35.20 17.16
CA ILE E 56 13.24 -36.01 16.64
C ILE E 56 13.59 -36.47 15.25
N ALA E 57 13.44 -37.77 15.00
CA ALA E 57 13.80 -38.35 13.72
C ALA E 57 12.72 -38.09 12.68
N LYS E 58 13.11 -38.11 11.41
CA LYS E 58 12.15 -38.05 10.33
C LYS E 58 11.16 -39.20 10.40
N GLY E 59 9.88 -38.87 10.26
CA GLY E 59 8.81 -39.84 10.30
C GLY E 59 8.46 -40.34 11.69
N GLN E 60 9.10 -39.84 12.74
CA GLN E 60 8.81 -40.33 14.07
C GLN E 60 7.40 -39.94 14.50
N LYS E 61 6.63 -40.93 14.95
CA LYS E 61 5.23 -40.75 15.32
C LYS E 61 5.01 -40.77 16.82
N SER E 62 5.97 -41.25 17.61
CA SER E 62 5.79 -41.51 19.02
C SER E 62 6.96 -41.00 19.82
N ALA E 63 6.67 -40.45 21.00
CA ALA E 63 7.69 -40.06 21.98
C ALA E 63 7.06 -40.18 23.35
N PRO E 64 6.92 -41.40 23.87
CA PRO E 64 5.99 -41.64 24.99
C PRO E 64 6.29 -40.86 26.27
N ASN E 65 7.54 -40.69 26.69
CA ASN E 65 7.79 -40.01 27.95
C ASN E 65 7.48 -38.52 27.81
N LEU E 66 8.00 -37.92 26.74
CA LEU E 66 7.69 -36.53 26.42
C LEU E 66 6.19 -36.33 26.30
N VAL E 67 5.51 -37.23 25.58
CA VAL E 67 4.08 -37.02 25.36
C VAL E 67 3.30 -37.16 26.66
N ARG E 68 3.71 -38.07 27.56
CA ARG E 68 3.10 -38.06 28.89
C ARG E 68 3.24 -36.70 29.55
N LEU E 69 4.42 -36.09 29.44
CA LEU E 69 4.60 -34.75 29.99
C LEU E 69 3.66 -33.75 29.34
N LEU E 70 3.53 -33.78 28.00
CA LEU E 70 2.69 -32.83 27.30
C LEU E 70 1.21 -32.94 27.68
N SER E 71 0.74 -34.14 28.00
CA SER E 71 -0.67 -34.36 28.32
C SER E 71 -0.98 -34.38 29.81
N ASP E 72 -0.01 -34.07 30.66
CA ASP E 72 -0.24 -34.09 32.11
C ASP E 72 -0.91 -32.77 32.50
N ARG E 73 -2.20 -32.84 32.84
CA ARG E 73 -2.97 -31.65 33.17
C ARG E 73 -2.50 -30.94 34.43
N ASP E 74 -1.70 -31.60 35.26
CA ASP E 74 -1.16 -30.98 36.46
C ASP E 74 0.11 -30.20 36.20
N ILE E 75 0.59 -30.16 34.97
CA ILE E 75 1.84 -29.50 34.61
C ILE E 75 1.54 -28.42 33.58
N THR E 76 1.82 -27.17 33.92
CA THR E 76 1.64 -26.07 32.98
C THR E 76 2.79 -26.05 31.98
N LYS E 77 2.46 -26.02 30.69
CA LYS E 77 3.45 -25.90 29.64
C LYS E 77 3.66 -24.42 29.30
N ILE E 78 4.88 -23.94 29.47
CA ILE E 78 5.23 -22.54 29.21
C ILE E 78 5.83 -22.45 27.81
N PHE E 79 5.29 -21.56 26.99
CA PHE E 79 5.80 -21.31 25.65
C PHE E 79 6.04 -19.83 25.48
N HIS E 80 6.86 -19.48 24.49
CA HIS E 80 6.83 -18.17 23.88
C HIS E 80 6.24 -18.33 22.49
N PHE E 81 5.12 -17.66 22.23
CA PHE E 81 4.32 -17.87 21.02
C PHE E 81 3.95 -19.34 20.83
N GLY E 82 3.24 -19.86 21.83
CA GLY E 82 2.80 -21.24 21.81
C GLY E 82 1.85 -21.58 20.68
N ARG E 83 1.23 -20.58 20.06
CA ARG E 83 0.37 -20.84 18.90
C ARG E 83 1.05 -21.73 17.88
N PHE E 84 2.35 -21.53 17.64
CA PHE E 84 3.09 -22.35 16.68
C PHE E 84 3.48 -23.70 17.27
N ASP E 85 4.11 -23.69 18.45
CA ASP E 85 4.58 -24.92 19.05
C ASP E 85 3.45 -25.92 19.29
N LEU E 86 2.30 -25.44 19.76
CA LEU E 86 1.16 -26.32 19.94
C LEU E 86 0.73 -26.95 18.63
N ALA E 87 0.74 -26.16 17.56
CA ALA E 87 0.31 -26.68 16.26
C ALA E 87 1.25 -27.79 15.80
N ILE E 88 2.56 -27.54 15.86
CA ILE E 88 3.50 -28.51 15.32
C ILE E 88 3.55 -29.76 16.20
N LEU E 89 3.43 -29.59 17.53
CA LEU E 89 3.42 -30.75 18.42
C LEU E 89 2.18 -31.60 18.19
N ALA E 90 1.01 -30.97 18.09
CA ALA E 90 -0.22 -31.75 17.87
C ALA E 90 -0.19 -32.43 16.52
N HIS E 91 0.34 -31.76 15.49
CA HIS E 91 0.43 -32.39 14.19
C HIS E 91 1.36 -33.58 14.21
N THR E 92 2.45 -33.51 14.98
CA THR E 92 3.46 -34.55 14.92
C THR E 92 3.09 -35.76 15.79
N PHE E 93 2.66 -35.52 17.04
CA PHE E 93 2.44 -36.62 17.97
C PHE E 93 0.98 -36.91 18.28
N GLY E 94 0.06 -36.11 17.77
CA GLY E 94 -1.35 -36.43 17.91
C GLY E 94 -1.96 -36.06 19.25
N VAL E 95 -1.25 -35.31 20.08
CA VAL E 95 -1.74 -34.88 21.39
C VAL E 95 -1.64 -33.37 21.47
N MET E 96 -2.77 -32.72 21.77
CA MET E 96 -2.78 -31.27 21.93
C MET E 96 -2.74 -30.92 23.41
N PRO E 97 -1.68 -30.28 23.90
CA PRO E 97 -1.67 -29.81 25.29
C PRO E 97 -2.85 -28.87 25.55
N ASP E 98 -3.37 -28.90 26.78
CA ASP E 98 -4.49 -28.03 27.13
C ASP E 98 -4.29 -27.22 28.40
N VAL E 99 -3.09 -27.21 28.98
CA VAL E 99 -2.75 -26.36 30.12
C VAL E 99 -1.47 -25.62 29.74
N VAL E 100 -1.60 -24.35 29.36
CA VAL E 100 -0.49 -23.61 28.77
C VAL E 100 -0.41 -22.20 29.35
N PHE E 101 0.77 -21.63 29.21
CA PHE E 101 1.05 -20.23 29.48
C PHE E 101 1.89 -19.73 28.31
N CYS E 102 1.55 -18.58 27.76
CA CYS E 102 2.29 -18.01 26.63
C CYS E 102 2.84 -16.65 27.02
N THR E 103 4.16 -16.50 26.95
CA THR E 103 4.78 -15.23 27.32
C THR E 103 4.52 -14.13 26.29
N LYS E 104 4.18 -14.46 25.05
CA LYS E 104 3.89 -13.41 24.09
C LYS E 104 2.51 -12.79 24.32
N ILE E 105 1.49 -13.62 24.55
CA ILE E 105 0.19 -13.08 24.94
C ILE E 105 0.32 -12.26 26.22
N ALA E 106 1.06 -12.77 27.20
CA ALA E 106 1.24 -12.03 28.45
C ALA E 106 1.92 -10.69 28.19
N SER E 107 2.92 -10.69 27.31
CA SER E 107 3.57 -9.43 26.96
C SER E 107 2.58 -8.47 26.33
N LYS E 108 1.76 -8.96 25.41
CA LYS E 108 0.78 -8.07 24.78
C LYS E 108 -0.24 -7.57 25.77
N LEU E 109 -0.46 -8.28 26.88
CA LEU E 109 -1.40 -7.84 27.90
C LEU E 109 -0.77 -6.98 28.98
N THR E 110 0.54 -6.87 29.02
CA THR E 110 1.13 -6.15 30.15
C THR E 110 2.12 -5.09 29.69
N ARG E 111 2.96 -5.41 28.72
CA ARG E 111 3.96 -4.47 28.20
C ARG E 111 3.35 -3.60 27.10
N THR E 112 2.36 -2.80 27.51
CA THR E 112 1.60 -1.96 26.59
C THR E 112 2.37 -0.73 26.13
N TYR E 113 3.53 -0.45 26.69
CA TYR E 113 4.36 0.69 26.35
C TYR E 113 5.37 0.41 25.24
N THR E 114 5.29 -0.74 24.59
CA THR E 114 6.21 -1.08 23.51
C THR E 114 5.49 -1.92 22.47
N ASP E 115 6.05 -1.95 21.26
CA ASP E 115 5.51 -2.81 20.22
C ASP E 115 6.44 -3.98 19.89
N ARG E 116 7.51 -4.17 20.64
CA ARG E 116 8.44 -5.28 20.40
C ARG E 116 8.23 -6.30 21.50
N HIS E 117 7.66 -7.45 21.12
CA HIS E 117 7.28 -8.49 22.05
C HIS E 117 8.07 -9.77 21.84
N GLY E 118 9.16 -9.72 21.06
CA GLY E 118 9.99 -10.89 20.89
C GLY E 118 10.72 -11.27 22.15
N LEU E 119 11.14 -12.54 22.21
CA LEU E 119 11.76 -13.08 23.41
C LEU E 119 13.05 -12.35 23.77
N LYS E 120 13.85 -11.97 22.78
CA LYS E 120 15.10 -11.25 23.07
C LYS E 120 14.81 -9.94 23.79
N GLU E 121 13.87 -9.15 23.25
CA GLU E 121 13.56 -7.86 23.86
C GLU E 121 12.96 -8.02 25.25
N ILE E 122 12.10 -9.03 25.43
CA ILE E 122 11.49 -9.25 26.74
C ILE E 122 12.55 -9.62 27.76
N CYS E 123 13.43 -10.57 27.41
CA CYS E 123 14.46 -10.97 28.35
C CYS E 123 15.41 -9.83 28.66
N GLY E 124 15.74 -9.02 27.66
CA GLY E 124 16.62 -7.89 27.88
C GLY E 124 16.03 -6.87 28.84
N GLU E 125 14.76 -6.52 28.63
CA GLU E 125 14.15 -5.49 29.46
C GLU E 125 13.84 -6.02 30.86
N LEU E 126 13.24 -7.22 30.95
CA LEU E 126 12.71 -7.74 32.20
C LEU E 126 13.78 -8.37 33.10
N LEU E 127 14.86 -8.92 32.53
CA LEU E 127 15.82 -9.66 33.32
C LEU E 127 17.24 -9.13 33.19
N ASN E 128 17.47 -8.15 32.32
CA ASN E 128 18.82 -7.70 31.96
C ASN E 128 19.68 -8.88 31.54
N VAL E 129 19.08 -9.80 30.78
CA VAL E 129 19.77 -10.96 30.24
C VAL E 129 19.94 -10.73 28.75
N ASN E 130 21.14 -10.95 28.24
CA ASN E 130 21.42 -10.74 26.83
C ASN E 130 21.32 -12.08 26.12
N ILE E 131 20.31 -12.23 25.28
CA ILE E 131 20.19 -13.39 24.42
C ILE E 131 20.88 -13.09 23.10
N SER E 132 21.78 -13.98 22.72
CA SER E 132 22.49 -13.92 21.45
C SER E 132 21.79 -14.85 20.49
N LYS E 133 21.36 -14.32 19.36
CA LYS E 133 20.53 -15.07 18.44
C LYS E 133 21.40 -15.72 17.37
N GLN E 134 20.77 -16.59 16.58
CA GLN E 134 21.49 -17.40 15.62
C GLN E 134 22.25 -16.55 14.62
N GLN E 135 23.45 -17.00 14.30
CA GLN E 135 24.34 -16.27 13.41
C GLN E 135 24.05 -16.62 11.96
N GLN E 136 23.10 -17.51 11.76
CA GLN E 136 22.61 -18.05 10.49
C GLN E 136 21.42 -18.92 10.85
N SER E 137 20.59 -19.23 9.85
CA SER E 137 19.49 -20.17 10.03
C SER E 137 20.06 -21.50 9.58
N SER E 138 20.65 -22.23 10.52
CA SER E 138 21.19 -23.54 10.24
C SER E 138 20.13 -24.59 9.97
N ASP E 139 20.62 -25.73 9.53
CA ASP E 139 19.92 -26.98 9.17
C ASP E 139 19.59 -27.74 10.44
N TRP E 140 18.41 -27.52 10.99
CA TRP E 140 18.03 -28.20 12.22
C TRP E 140 17.78 -29.69 12.02
N ALA E 141 17.73 -30.17 10.79
CA ALA E 141 17.54 -31.58 10.52
C ALA E 141 18.86 -32.34 10.45
N ALA E 142 19.98 -31.65 10.65
CA ALA E 142 21.29 -32.30 10.63
C ALA E 142 21.36 -33.44 11.63
N GLU E 143 22.02 -34.53 11.24
CA GLU E 143 22.17 -35.68 12.12
C GLU E 143 22.89 -35.30 13.42
N THR E 144 23.97 -34.52 13.33
CA THR E 144 24.68 -34.05 14.50
C THR E 144 24.59 -32.53 14.60
N LEU E 145 23.96 -32.04 15.66
CA LEU E 145 23.91 -30.61 15.90
C LEU E 145 25.26 -30.08 16.37
N SER E 146 25.60 -28.88 15.92
CA SER E 146 26.81 -28.20 16.39
C SER E 146 26.61 -27.68 17.80
N ARG E 147 27.73 -27.36 18.46
CA ARG E 147 27.66 -26.78 19.80
C ARG E 147 26.91 -25.46 19.79
N ALA E 148 27.13 -24.63 18.77
CA ALA E 148 26.40 -23.38 18.67
C ALA E 148 24.90 -23.62 18.55
N GLN E 149 24.51 -24.61 17.76
CA GLN E 149 23.10 -24.95 17.61
C GLN E 149 22.51 -25.40 18.94
N ILE E 150 23.23 -26.27 19.65
CA ILE E 150 22.73 -26.81 20.91
C ILE E 150 22.58 -25.70 21.94
N GLU E 151 23.56 -24.80 22.02
CA GLU E 151 23.47 -23.71 22.98
C GLU E 151 22.35 -22.74 22.63
N TYR E 152 22.18 -22.45 21.34
CA TYR E 152 21.06 -21.60 20.93
C TYR E 152 19.72 -22.25 21.26
N ALA E 153 19.60 -23.56 21.04
CA ALA E 153 18.36 -24.26 21.32
C ALA E 153 18.05 -24.26 22.81
N ALA E 154 19.07 -24.45 23.65
CA ALA E 154 18.85 -24.42 25.08
C ALA E 154 18.49 -23.03 25.57
N SER E 155 19.08 -21.99 24.97
CA SER E 155 18.83 -20.62 25.41
C SER E 155 17.36 -20.24 25.29
N ASP E 156 16.60 -20.91 24.42
CA ASP E 156 15.18 -20.60 24.23
C ASP E 156 14.28 -21.09 25.37
N VAL E 157 14.75 -21.99 26.23
CA VAL E 157 13.94 -22.47 27.35
C VAL E 157 14.48 -22.06 28.71
N LEU E 158 15.73 -21.62 28.82
CA LEU E 158 16.34 -21.38 30.13
C LEU E 158 15.67 -20.28 30.95
N TYR E 159 14.93 -19.37 30.32
CA TYR E 159 14.44 -18.19 31.04
C TYR E 159 12.94 -18.09 31.14
N LEU E 160 12.18 -19.06 30.62
CA LEU E 160 10.73 -18.92 30.56
C LEU E 160 10.09 -18.98 31.94
N HIS E 161 10.64 -19.74 32.88
CA HIS E 161 10.09 -19.75 34.24
C HIS E 161 10.17 -18.36 34.88
N ARG E 162 11.32 -17.70 34.77
CA ARG E 162 11.46 -16.39 35.39
C ARG E 162 10.54 -15.38 34.74
N LEU E 163 10.38 -15.47 33.43
CA LEU E 163 9.45 -14.59 32.74
C LEU E 163 8.01 -14.87 33.17
N LYS E 164 7.63 -16.14 33.28
CA LYS E 164 6.29 -16.47 33.73
C LYS E 164 6.02 -15.90 35.10
N ASP E 165 6.99 -16.02 36.00
CA ASP E 165 6.82 -15.47 37.35
C ASP E 165 6.55 -13.97 37.31
N ILE E 166 7.43 -13.21 36.65
CA ILE E 166 7.31 -11.73 36.56
C ILE E 166 5.96 -11.34 35.94
N PHE E 167 5.60 -11.92 34.80
CA PHE E 167 4.35 -11.55 34.09
C PHE E 167 3.15 -11.76 35.01
N GLU E 168 3.16 -12.80 35.85
CA GLU E 168 1.98 -13.10 36.68
C GLU E 168 1.84 -12.04 37.79
N GLU E 169 2.93 -11.35 38.14
CA GLU E 169 2.86 -10.25 39.13
C GLU E 169 2.23 -9.02 38.46
N ARG E 170 2.58 -8.77 37.20
CA ARG E 170 2.06 -7.58 36.48
C ARG E 170 0.66 -7.87 35.94
N LEU E 171 0.23 -9.13 35.91
CA LEU E 171 -1.16 -9.43 35.46
C LEU E 171 -2.06 -9.23 36.68
N LYS E 172 -1.56 -9.52 37.87
CA LYS E 172 -2.34 -9.27 39.10
C LYS E 172 -2.23 -7.77 39.44
N ARG E 173 -1.09 -7.14 39.18
CA ARG E 173 -1.02 -5.70 39.44
C ARG E 173 -1.99 -4.91 38.58
N GLU E 174 -2.09 -5.24 37.30
CA GLU E 174 -2.96 -4.53 36.37
C GLU E 174 -4.35 -5.15 36.26
N GLU E 175 -4.65 -6.17 37.07
CA GLU E 175 -5.98 -6.75 37.19
C GLU E 175 -6.48 -7.35 35.88
N ARG E 176 -5.61 -8.14 35.23
CA ARG E 176 -5.91 -8.79 33.97
C ARG E 176 -5.79 -10.31 34.05
N GLU E 177 -5.84 -10.87 35.26
CA GLU E 177 -5.66 -12.31 35.41
C GLU E 177 -6.72 -13.12 34.66
N SER E 178 -7.98 -12.71 34.73
CA SER E 178 -9.02 -13.49 34.05
C SER E 178 -8.94 -13.36 32.54
N VAL E 179 -8.51 -12.20 32.04
CA VAL E 179 -8.29 -12.04 30.61
C VAL E 179 -7.22 -12.99 30.13
N ALA E 180 -6.08 -13.01 30.82
CA ALA E 180 -4.99 -13.90 30.44
C ALA E 180 -5.42 -15.35 30.53
N LYS E 181 -6.15 -15.72 31.59
CA LYS E 181 -6.58 -17.10 31.74
C LYS E 181 -7.46 -17.53 30.58
N ALA E 182 -8.39 -16.67 30.17
CA ALA E 182 -9.25 -17.02 29.04
C ALA E 182 -8.47 -17.12 27.74
N CYS E 183 -7.50 -16.23 27.52
CA CYS E 183 -6.66 -16.32 26.32
C CYS E 183 -5.88 -17.63 26.30
N PHE E 184 -5.30 -18.01 27.43
CA PHE E 184 -4.56 -19.26 27.49
C PHE E 184 -5.47 -20.45 27.27
N GLN E 185 -6.69 -20.39 27.81
CA GLN E 185 -7.63 -21.48 27.60
C GLN E 185 -8.01 -21.61 26.14
N PHE E 186 -8.09 -20.50 25.40
CA PHE E 186 -8.44 -20.59 23.99
C PHE E 186 -7.25 -20.94 23.10
N LEU E 187 -6.02 -20.70 23.55
CA LEU E 187 -4.87 -20.86 22.66
C LEU E 187 -4.77 -22.23 21.99
N PRO E 188 -5.02 -23.36 22.67
CA PRO E 188 -5.00 -24.65 21.95
C PRO E 188 -6.00 -24.73 20.81
N MET E 189 -7.18 -24.14 20.96
CA MET E 189 -8.11 -24.15 19.84
C MET E 189 -7.66 -23.24 18.71
N ARG E 190 -6.99 -22.12 19.02
CA ARG E 190 -6.39 -21.31 17.97
C ARG E 190 -5.36 -22.11 17.19
N ALA E 191 -4.56 -22.92 17.88
CA ALA E 191 -3.59 -23.77 17.18
C ALA E 191 -4.29 -24.84 16.36
N ASN E 192 -5.35 -25.45 16.89
CA ASN E 192 -6.10 -26.41 16.10
C ASN E 192 -6.67 -25.76 14.84
N LEU E 193 -7.23 -24.56 14.96
CA LEU E 193 -7.71 -23.82 13.80
C LEU E 193 -6.60 -23.62 12.78
N ASP E 194 -5.37 -23.37 13.26
CA ASP E 194 -4.24 -23.27 12.35
C ASP E 194 -4.04 -24.58 11.58
N LEU E 195 -4.08 -25.70 12.29
CA LEU E 195 -3.90 -26.98 11.62
C LEU E 195 -5.02 -27.27 10.63
N LEU E 196 -6.24 -26.82 10.91
CA LEU E 196 -7.37 -27.15 10.05
C LEU E 196 -7.44 -26.31 8.77
N GLY E 197 -6.71 -25.21 8.68
CA GLY E 197 -6.69 -24.46 7.45
C GLY E 197 -7.02 -22.99 7.56
N TRP E 198 -7.16 -22.49 8.78
CA TRP E 198 -7.47 -21.08 9.01
C TRP E 198 -6.28 -20.30 9.53
N SER E 199 -5.06 -20.75 9.21
CA SER E 199 -3.88 -20.13 9.78
C SER E 199 -3.73 -18.67 9.38
N GLU E 200 -4.31 -18.26 8.25
CA GLU E 200 -4.21 -16.89 7.78
C GLU E 200 -5.46 -16.07 8.09
N ILE E 201 -6.36 -16.58 8.92
CA ILE E 201 -7.66 -15.95 9.16
C ILE E 201 -7.77 -15.59 10.63
N ASP E 202 -8.05 -14.31 10.92
CA ASP E 202 -8.51 -13.89 12.24
C ASP E 202 -9.99 -14.24 12.34
N ILE E 203 -10.31 -15.32 13.05
CA ILE E 203 -11.68 -15.84 13.04
C ILE E 203 -12.67 -14.89 13.69
N PHE E 204 -12.22 -13.95 14.51
CA PHE E 204 -13.10 -13.02 15.20
C PHE E 204 -13.22 -11.67 14.52
N ALA E 205 -12.50 -11.42 13.44
CA ALA E 205 -12.52 -10.12 12.80
C ALA E 205 -13.79 -9.92 11.99
N HIS E 206 -14.18 -8.66 11.83
CA HIS E 206 -15.30 -8.33 10.96
C HIS E 206 -14.98 -8.66 9.51
N SER E 207 -13.76 -8.39 9.10
CA SER E 207 -13.31 -8.75 7.76
C SER E 207 -11.83 -9.11 7.79
N THR F 3 22.92 17.97 37.74
CA THR F 3 21.53 17.62 37.49
C THR F 3 20.81 17.21 38.77
N GLU F 4 20.65 18.17 39.68
CA GLU F 4 19.83 17.95 40.86
C GLU F 4 18.42 17.57 40.43
N ILE F 5 17.98 16.38 40.83
CA ILE F 5 16.64 15.91 40.53
C ILE F 5 15.97 15.51 41.83
N ARG F 6 14.90 16.23 42.19
CA ARG F 6 14.15 15.95 43.40
C ARG F 6 12.97 15.05 43.05
N VAL F 7 12.89 13.90 43.71
CA VAL F 7 11.83 12.93 43.46
C VAL F 7 10.82 13.02 44.59
N HIS F 8 9.54 13.15 44.24
CA HIS F 8 8.48 13.29 45.22
C HIS F 8 7.43 12.22 45.00
N GLN F 9 6.66 11.94 46.05
CA GLN F 9 5.51 11.04 45.99
C GLN F 9 4.23 11.85 46.02
N GLY F 10 3.40 11.68 45.00
CA GLY F 10 2.06 12.26 44.97
C GLY F 10 1.93 13.68 44.51
N ASP F 11 2.74 14.59 45.04
CA ASP F 11 2.58 16.01 44.75
C ASP F 11 3.85 16.74 45.14
N LEU F 12 4.00 17.95 44.61
CA LEU F 12 5.01 18.86 45.12
C LEU F 12 4.74 19.19 46.58
N PRO F 13 5.78 19.38 47.39
CA PRO F 13 5.55 19.83 48.77
C PRO F 13 5.02 21.25 48.82
N ASN F 14 5.42 22.10 47.88
CA ASN F 14 4.97 23.47 47.78
C ASN F 14 5.37 24.00 46.40
N LEU F 15 5.01 25.26 46.14
CA LEU F 15 5.29 25.91 44.86
C LEU F 15 6.41 26.93 44.98
N ASP F 16 7.30 26.79 45.97
CA ASP F 16 8.34 27.79 46.21
C ASP F 16 9.29 27.92 45.04
N ASN F 17 9.52 26.84 44.30
CA ASN F 17 10.42 26.83 43.15
C ASN F 17 9.73 27.21 41.84
N TYR F 18 8.45 27.56 41.87
CA TYR F 18 7.69 27.74 40.63
C TYR F 18 6.95 29.07 40.63
N ARG F 19 7.56 30.11 41.19
CA ARG F 19 7.06 31.48 41.04
C ARG F 19 7.68 32.09 39.78
N ILE F 20 7.27 31.55 38.63
CA ILE F 20 7.92 31.80 37.36
C ILE F 20 6.87 31.99 36.27
N ASP F 21 7.32 32.44 35.10
CA ASP F 21 6.41 32.75 34.00
C ASP F 21 6.23 31.61 33.02
N ALA F 22 7.08 30.58 33.06
CA ALA F 22 6.90 29.43 32.18
C ALA F 22 7.53 28.22 32.84
N VAL F 23 6.86 27.08 32.74
CA VAL F 23 7.33 25.85 33.36
C VAL F 23 7.34 24.76 32.30
N ALA F 24 8.42 24.00 32.23
CA ALA F 24 8.49 22.85 31.34
C ALA F 24 7.83 21.63 31.98
N VAL F 25 6.99 20.94 31.22
CA VAL F 25 6.16 19.86 31.74
C VAL F 25 6.30 18.68 30.79
N ASP F 26 6.37 17.47 31.35
CA ASP F 26 6.30 16.26 30.57
C ASP F 26 5.69 15.18 31.45
N THR F 27 5.27 14.09 30.83
CA THR F 27 4.68 12.96 31.54
C THR F 27 5.28 11.66 31.04
N GLU F 28 5.12 10.61 31.85
CA GLU F 28 5.34 9.24 31.43
C GLU F 28 4.14 8.39 31.86
N THR F 29 3.81 7.40 31.02
CA THR F 29 2.62 6.60 31.23
C THR F 29 2.96 5.15 30.96
N LEU F 30 1.97 4.28 31.12
CA LEU F 30 2.07 2.90 30.68
C LEU F 30 1.75 2.70 29.21
N GLY F 31 1.46 3.75 28.46
CA GLY F 31 1.23 3.60 27.04
C GLY F 31 0.52 4.81 26.46
N LEU F 32 0.14 4.67 25.19
CA LEU F 32 -0.39 5.77 24.38
C LEU F 32 -1.89 6.00 24.49
N GLN F 33 -2.61 5.17 25.23
CA GLN F 33 -4.08 5.26 25.25
C GLN F 33 -4.57 5.68 26.62
N PRO F 34 -4.95 6.95 26.81
CA PRO F 34 -5.23 7.45 28.16
C PRO F 34 -6.33 6.71 28.88
N HIS F 35 -7.30 6.13 28.16
CA HIS F 35 -8.36 5.41 28.83
C HIS F 35 -7.88 4.07 29.39
N ARG F 36 -6.84 3.50 28.82
CA ARG F 36 -6.28 2.24 29.31
C ARG F 36 -5.01 2.42 30.13
N ASP F 37 -4.14 3.37 29.76
CA ASP F 37 -2.76 3.44 30.24
C ASP F 37 -2.58 4.60 31.20
N ARG F 38 -2.40 4.30 32.49
CA ARG F 38 -2.46 5.31 33.53
C ARG F 38 -1.20 6.20 33.53
N LEU F 39 -1.38 7.43 34.00
CA LEU F 39 -0.27 8.35 34.25
C LEU F 39 0.61 7.86 35.41
N CYS F 40 1.93 7.75 35.18
CA CYS F 40 2.82 7.20 36.20
C CYS F 40 3.80 8.21 36.79
N VAL F 41 4.33 9.14 36.00
CA VAL F 41 5.36 10.08 36.45
C VAL F 41 5.05 11.42 35.78
N VAL F 42 5.24 12.52 36.52
CA VAL F 42 5.22 13.88 35.98
C VAL F 42 6.53 14.61 36.25
N GLN F 43 7.10 15.22 35.21
CA GLN F 43 8.38 15.95 35.33
C GLN F 43 8.14 17.45 35.15
N LEU F 44 8.76 18.30 35.97
CA LEU F 44 8.59 19.75 35.94
C LEU F 44 9.99 20.37 35.97
N SER F 45 10.11 21.54 35.35
CA SER F 45 11.34 22.31 35.48
C SER F 45 11.06 23.80 35.42
N SER F 46 11.79 24.55 36.24
CA SER F 46 11.76 26.01 36.28
C SER F 46 12.65 26.63 35.22
N GLY F 47 13.38 25.79 34.47
CA GLY F 47 14.35 26.19 33.49
C GLY F 47 15.77 26.29 33.96
N ASP F 48 16.02 26.00 35.23
CA ASP F 48 17.37 26.04 35.76
C ASP F 48 17.98 24.66 35.54
N GLY F 49 19.08 24.38 36.21
CA GLY F 49 19.75 23.09 36.08
C GLY F 49 19.12 21.96 36.86
N THR F 50 17.99 22.19 37.52
CA THR F 50 17.28 21.14 38.23
C THR F 50 15.89 20.84 37.66
N ALA F 51 15.38 19.67 38.05
CA ALA F 51 14.09 19.14 37.62
C ALA F 51 13.42 18.49 38.81
N ASP F 52 12.08 18.43 38.77
CA ASP F 52 11.28 17.71 39.75
C ASP F 52 10.57 16.53 39.11
N VAL F 53 10.67 15.36 39.72
CA VAL F 53 10.06 14.14 39.23
C VAL F 53 9.07 13.64 40.27
N ILE F 54 7.79 13.61 39.91
CA ILE F 54 6.69 13.32 40.83
C ILE F 54 6.08 11.98 40.44
N GLN F 55 6.18 11.00 41.32
CA GLN F 55 5.57 9.69 41.08
C GLN F 55 4.08 9.73 41.44
N ILE F 56 3.24 9.33 40.50
CA ILE F 56 1.79 9.34 40.67
C ILE F 56 1.34 7.92 40.99
N ALA F 57 0.55 7.78 42.04
CA ALA F 57 0.09 6.48 42.50
C ALA F 57 -1.08 5.99 41.66
N LYS F 58 -1.22 4.67 41.58
CA LYS F 58 -2.40 4.08 40.97
C LYS F 58 -3.68 4.54 41.65
N GLY F 59 -4.65 4.96 40.84
CA GLY F 59 -5.91 5.44 41.35
C GLY F 59 -5.89 6.83 41.92
N GLN F 60 -4.74 7.50 41.90
CA GLN F 60 -4.66 8.84 42.46
C GLN F 60 -5.51 9.80 41.63
N LYS F 61 -6.37 10.56 42.31
CA LYS F 61 -7.32 11.44 41.67
C LYS F 61 -6.98 12.91 41.82
N SER F 62 -6.08 13.26 42.73
CA SER F 62 -5.78 14.65 43.04
C SER F 62 -4.30 14.86 43.25
N ALA F 63 -3.84 16.06 42.89
CA ALA F 63 -2.48 16.50 43.18
C ALA F 63 -2.52 18.01 43.34
N PRO F 64 -2.94 18.50 44.50
CA PRO F 64 -3.37 19.91 44.60
C PRO F 64 -2.33 20.92 44.19
N ASN F 65 -1.05 20.75 44.55
CA ASN F 65 -0.03 21.74 44.20
C ASN F 65 0.26 21.73 42.70
N LEU F 66 0.44 20.53 42.15
CA LEU F 66 0.62 20.39 40.71
C LEU F 66 -0.56 21.01 39.98
N VAL F 67 -1.78 20.72 40.43
CA VAL F 67 -2.95 21.21 39.73
C VAL F 67 -3.03 22.73 39.87
N ARG F 68 -2.57 23.29 41.00
CA ARG F 68 -2.49 24.75 41.11
C ARG F 68 -1.60 25.31 40.02
N LEU F 69 -0.47 24.65 39.77
CA LEU F 69 0.42 25.09 38.70
C LEU F 69 -0.23 24.96 37.32
N LEU F 70 -0.84 23.81 37.05
CA LEU F 70 -1.48 23.55 35.75
C LEU F 70 -2.63 24.50 35.46
N SER F 71 -3.36 24.94 36.49
CA SER F 71 -4.51 25.82 36.32
C SER F 71 -4.17 27.29 36.18
N ASP F 72 -2.93 27.70 36.48
CA ASP F 72 -2.62 29.13 36.60
C ASP F 72 -2.44 29.72 35.21
N ARG F 73 -3.36 30.61 34.83
CA ARG F 73 -3.34 31.22 33.50
C ARG F 73 -2.14 32.13 33.27
N ASP F 74 -1.49 32.60 34.33
CA ASP F 74 -0.32 33.46 34.18
C ASP F 74 0.97 32.68 33.93
N ILE F 75 0.94 31.35 33.91
CA ILE F 75 2.13 30.53 33.75
C ILE F 75 1.97 29.68 32.49
N THR F 76 2.86 29.88 31.52
CA THR F 76 2.86 29.08 30.30
C THR F 76 3.45 27.70 30.56
N LYS F 77 2.72 26.67 30.17
CA LYS F 77 3.20 25.30 30.24
C LYS F 77 3.87 24.92 28.93
N ILE F 78 5.15 24.56 28.99
CA ILE F 78 5.91 24.18 27.80
C ILE F 78 5.93 22.66 27.70
N PHE F 79 5.53 22.14 26.55
CA PHE F 79 5.53 20.72 26.26
C PHE F 79 6.29 20.48 24.96
N HIS F 80 6.72 19.24 24.78
CA HIS F 80 7.01 18.71 23.45
C HIS F 80 5.93 17.70 23.12
N PHE F 81 5.20 17.95 22.03
CA PHE F 81 3.98 17.19 21.69
C PHE F 81 2.98 17.19 22.84
N GLY F 82 2.55 18.40 23.22
CA GLY F 82 1.58 18.57 24.28
C GLY F 82 0.23 17.95 24.02
N ARG F 83 -0.09 17.63 22.76
CA ARG F 83 -1.35 16.95 22.46
C ARG F 83 -1.58 15.74 23.36
N PHE F 84 -0.53 14.96 23.63
CA PHE F 84 -0.65 13.79 24.48
C PHE F 84 -0.66 14.16 25.96
N ASP F 85 0.31 14.96 26.40
CA ASP F 85 0.43 15.30 27.81
C ASP F 85 -0.83 16.00 28.31
N LEU F 86 -1.40 16.91 27.52
CA LEU F 86 -2.62 17.58 27.92
C LEU F 86 -3.75 16.58 28.11
N ALA F 87 -3.85 15.61 27.21
CA ALA F 87 -4.91 14.60 27.28
C ALA F 87 -4.78 13.78 28.55
N ILE F 88 -3.58 13.26 28.83
CA ILE F 88 -3.42 12.38 29.98
C ILE F 88 -3.56 13.17 31.27
N LEU F 89 -3.09 14.42 31.30
CA LEU F 89 -3.23 15.25 32.49
C LEU F 89 -4.69 15.53 32.77
N ALA F 90 -5.45 15.91 31.74
CA ALA F 90 -6.87 16.21 31.94
C ALA F 90 -7.63 14.95 32.34
N HIS F 91 -7.30 13.81 31.75
CA HIS F 91 -7.97 12.57 32.10
C HIS F 91 -7.68 12.17 33.54
N THR F 92 -6.47 12.46 34.03
CA THR F 92 -6.11 11.99 35.36
C THR F 92 -6.60 12.95 36.44
N PHE F 93 -6.40 14.26 36.25
CA PHE F 93 -6.69 15.23 37.30
C PHE F 93 -7.89 16.12 37.00
N GLY F 94 -8.47 16.07 35.81
CA GLY F 94 -9.69 16.80 35.52
C GLY F 94 -9.49 18.25 35.15
N VAL F 95 -8.27 18.71 34.93
CA VAL F 95 -7.97 20.09 34.58
C VAL F 95 -7.24 20.15 33.24
N MET F 96 -7.77 20.92 32.30
CA MET F 96 -7.12 21.10 31.01
C MET F 96 -6.38 22.43 31.01
N PRO F 97 -5.05 22.43 30.94
CA PRO F 97 -4.32 23.70 30.79
C PRO F 97 -4.76 24.42 29.53
N ASP F 98 -4.76 25.76 29.59
CA ASP F 98 -5.18 26.54 28.43
C ASP F 98 -4.18 27.63 28.04
N VAL F 99 -2.99 27.65 28.63
CA VAL F 99 -1.90 28.52 28.20
C VAL F 99 -0.70 27.62 28.00
N VAL F 100 -0.39 27.28 26.75
CA VAL F 100 0.58 26.24 26.45
C VAL F 100 1.48 26.69 25.31
N PHE F 101 2.65 26.06 25.24
CA PHE F 101 3.57 26.18 24.12
C PHE F 101 4.05 24.78 23.80
N CYS F 102 4.04 24.41 22.52
CA CYS F 102 4.45 23.09 22.09
C CYS F 102 5.63 23.23 21.14
N THR F 103 6.76 22.62 21.49
CA THR F 103 7.95 22.71 20.65
C THR F 103 7.82 21.91 19.37
N LYS F 104 6.94 20.91 19.31
CA LYS F 104 6.79 20.15 18.08
C LYS F 104 6.01 20.93 17.02
N ILE F 105 4.91 21.58 17.40
CA ILE F 105 4.23 22.48 16.47
C ILE F 105 5.15 23.59 16.03
N ALA F 106 5.90 24.18 16.97
CA ALA F 106 6.84 25.25 16.61
C ALA F 106 7.87 24.73 15.62
N SER F 107 8.38 23.51 15.84
CA SER F 107 9.34 22.94 14.91
C SER F 107 8.71 22.78 13.53
N LYS F 108 7.48 22.26 13.47
CA LYS F 108 6.83 22.08 12.18
C LYS F 108 6.56 23.42 11.50
N LEU F 109 6.47 24.51 12.26
CA LEU F 109 6.26 25.82 11.68
C LEU F 109 7.54 26.55 11.36
N THR F 110 8.69 26.03 11.76
CA THR F 110 9.92 26.79 11.54
C THR F 110 11.02 25.96 10.90
N ARG F 111 11.19 24.71 11.31
CA ARG F 111 12.22 23.85 10.76
C ARG F 111 11.71 23.15 9.50
N THR F 112 11.43 23.96 8.49
CA THR F 112 10.84 23.48 7.24
C THR F 112 11.83 22.75 6.34
N TYR F 113 13.11 22.76 6.69
CA TYR F 113 14.17 22.13 5.91
C TYR F 113 14.44 20.69 6.32
N THR F 114 13.62 20.11 7.19
CA THR F 114 13.80 18.74 7.63
C THR F 114 12.45 18.10 7.89
N ASP F 115 12.40 16.78 7.89
CA ASP F 115 11.17 16.08 8.26
C ASP F 115 11.26 15.40 9.62
N ARG F 116 12.30 15.64 10.38
CA ARG F 116 12.51 15.01 11.68
C ARG F 116 12.30 16.08 12.76
N HIS F 117 11.18 15.98 13.46
CA HIS F 117 10.76 16.98 14.43
C HIS F 117 10.76 16.43 15.85
N GLY F 118 11.39 15.27 16.05
CA GLY F 118 11.50 14.71 17.38
C GLY F 118 12.44 15.53 18.26
N LEU F 119 12.26 15.34 19.58
CA LEU F 119 13.02 16.11 20.56
C LEU F 119 14.53 15.89 20.43
N LYS F 120 14.95 14.66 20.16
CA LYS F 120 16.38 14.40 20.04
C LYS F 120 17.01 15.23 18.91
N GLU F 121 16.38 15.23 17.73
CA GLU F 121 16.94 15.98 16.62
C GLU F 121 16.93 17.48 16.88
N ILE F 122 15.84 17.98 17.46
CA ILE F 122 15.77 19.41 17.76
C ILE F 122 16.85 19.81 18.75
N CYS F 123 17.01 19.06 19.83
CA CYS F 123 18.01 19.44 20.82
C CYS F 123 19.42 19.36 20.24
N GLY F 124 19.69 18.33 19.44
CA GLY F 124 20.99 18.21 18.82
C GLY F 124 21.32 19.36 17.89
N GLU F 125 20.37 19.73 17.04
CA GLU F 125 20.62 20.75 16.03
C GLU F 125 20.67 22.14 16.66
N LEU F 126 19.68 22.47 17.49
CA LEU F 126 19.52 23.83 17.98
C LEU F 126 20.42 24.14 19.17
N LEU F 127 20.82 23.14 19.96
CA LEU F 127 21.55 23.42 21.19
C LEU F 127 22.90 22.72 21.24
N ASN F 128 23.21 21.85 20.29
CA ASN F 128 24.37 20.96 20.35
C ASN F 128 24.40 20.19 21.66
N VAL F 129 23.24 19.69 22.08
CA VAL F 129 23.13 18.89 23.29
C VAL F 129 22.77 17.49 22.84
N ASN F 130 23.50 16.50 23.34
CA ASN F 130 23.28 15.13 22.91
C ASN F 130 22.39 14.47 23.95
N ILE F 131 21.17 14.17 23.57
CA ILE F 131 20.27 13.40 24.41
C ILE F 131 20.42 11.93 24.05
N SER F 132 20.69 11.11 25.06
CA SER F 132 20.75 9.67 24.89
C SER F 132 19.44 9.12 25.41
N LYS F 133 18.70 8.42 24.56
CA LYS F 133 17.36 7.98 24.91
C LYS F 133 17.40 6.54 25.39
N GLN F 134 16.33 6.14 26.06
CA GLN F 134 16.28 4.84 26.68
C GLN F 134 16.52 3.74 25.66
N GLN F 135 17.37 2.78 26.00
CA GLN F 135 17.74 1.72 25.08
C GLN F 135 16.75 0.56 25.19
N GLN F 136 15.80 0.70 26.09
CA GLN F 136 14.75 -0.26 26.36
C GLN F 136 13.67 0.50 27.10
N SER F 137 12.41 0.27 26.75
CA SER F 137 11.32 0.83 27.53
C SER F 137 11.43 0.31 28.96
N SER F 138 10.66 0.90 29.86
CA SER F 138 10.71 0.36 31.21
C SER F 138 9.36 0.49 31.91
N ASP F 139 9.30 -0.14 33.07
CA ASP F 139 8.13 -0.20 33.94
C ASP F 139 8.06 1.09 34.74
N TRP F 140 7.36 2.09 34.20
CA TRP F 140 7.27 3.38 34.88
C TRP F 140 6.39 3.31 36.11
N ALA F 141 5.67 2.21 36.31
CA ALA F 141 4.83 2.03 37.48
C ALA F 141 5.59 1.39 38.64
N ALA F 142 6.88 1.10 38.46
CA ALA F 142 7.68 0.49 39.52
C ALA F 142 7.66 1.36 40.77
N GLU F 143 7.60 0.71 41.93
CA GLU F 143 7.61 1.45 43.19
C GLU F 143 8.86 2.32 43.33
N THR F 144 10.03 1.80 43.00
CA THR F 144 11.28 2.57 43.02
C THR F 144 11.86 2.66 41.62
N LEU F 145 11.97 3.89 41.11
CA LEU F 145 12.63 4.13 39.84
C LEU F 145 14.14 4.04 39.99
N SER F 146 14.82 3.53 38.97
CA SER F 146 16.27 3.50 39.02
C SER F 146 16.81 4.92 38.80
N ARG F 147 18.08 5.12 39.18
CA ARG F 147 18.72 6.41 38.92
C ARG F 147 18.77 6.73 37.44
N ALA F 148 19.10 5.74 36.61
CA ALA F 148 19.14 5.94 35.17
C ALA F 148 17.76 6.31 34.63
N GLN F 149 16.72 5.66 35.15
CA GLN F 149 15.36 5.95 34.75
C GLN F 149 15.00 7.39 35.13
N ILE F 150 15.33 7.79 36.35
CA ILE F 150 15.00 9.14 36.82
C ILE F 150 15.74 10.18 35.98
N GLU F 151 17.00 9.90 35.64
CA GLU F 151 17.78 10.83 34.83
C GLU F 151 17.20 10.95 33.42
N TYR F 152 16.72 9.83 32.88
CA TYR F 152 16.06 9.86 31.54
C TYR F 152 14.80 10.72 31.63
N ALA F 153 14.06 10.58 32.72
CA ALA F 153 12.84 11.37 32.88
C ALA F 153 13.16 12.85 32.99
N ALA F 154 14.21 13.21 33.73
CA ALA F 154 14.60 14.61 33.86
C ALA F 154 15.11 15.21 32.56
N SER F 155 15.80 14.42 31.73
CA SER F 155 16.34 14.96 30.48
C SER F 155 15.26 15.51 29.56
N ASP F 156 14.02 15.06 29.68
CA ASP F 156 12.95 15.52 28.81
C ASP F 156 12.43 16.90 29.13
N VAL F 157 12.73 17.45 30.30
CA VAL F 157 12.30 18.79 30.66
C VAL F 157 13.43 19.79 30.80
N LEU F 158 14.68 19.35 30.90
CA LEU F 158 15.80 20.23 31.21
C LEU F 158 16.07 21.28 30.13
N TYR F 159 15.63 21.07 28.89
CA TYR F 159 16.05 21.92 27.78
C TYR F 159 14.92 22.68 27.10
N LEU F 160 13.69 22.54 27.56
CA LEU F 160 12.54 23.09 26.84
C LEU F 160 12.51 24.62 26.88
N HIS F 161 12.96 25.25 27.96
CA HIS F 161 13.02 26.71 28.00
C HIS F 161 13.92 27.29 26.90
N ARG F 162 15.11 26.73 26.74
CA ARG F 162 16.03 27.23 25.72
C ARG F 162 15.45 27.03 24.33
N LEU F 163 14.78 25.90 24.12
CA LEU F 163 14.14 25.66 22.84
C LEU F 163 13.02 26.66 22.61
N LYS F 164 12.20 26.92 23.62
CA LYS F 164 11.12 27.89 23.46
C LYS F 164 11.67 29.25 23.09
N ASP F 165 12.77 29.68 23.72
CA ASP F 165 13.35 30.98 23.37
C ASP F 165 13.81 31.02 21.92
N ILE F 166 14.45 29.95 21.47
CA ILE F 166 14.92 29.91 20.09
C ILE F 166 13.76 29.85 19.12
N PHE F 167 12.75 29.02 19.39
CA PHE F 167 11.63 28.95 18.49
C PHE F 167 10.87 30.27 18.42
N GLU F 168 10.74 31.00 19.53
CA GLU F 168 10.09 32.30 19.44
C GLU F 168 10.88 33.29 18.59
N GLU F 169 12.22 33.29 18.71
CA GLU F 169 13.01 34.14 17.82
C GLU F 169 12.81 33.74 16.35
N ARG F 170 12.81 32.44 16.05
CA ARG F 170 12.65 32.02 14.66
C ARG F 170 11.25 32.33 14.14
N LEU F 171 10.22 32.16 14.98
CA LEU F 171 8.86 32.49 14.58
C LEU F 171 8.76 33.98 14.27
N LYS F 172 9.47 34.81 15.02
CA LYS F 172 9.47 36.24 14.75
C LYS F 172 10.15 36.51 13.41
N ARG F 173 11.27 35.83 13.16
CA ARG F 173 12.04 36.07 11.94
C ARG F 173 11.23 35.77 10.69
N GLU F 174 10.48 34.67 10.67
CA GLU F 174 9.69 34.29 9.50
C GLU F 174 8.26 34.81 9.56
N GLU F 175 7.92 35.62 10.56
CA GLU F 175 6.63 36.30 10.65
C GLU F 175 5.46 35.33 10.76
N ARG F 176 5.61 34.33 11.63
CA ARG F 176 4.60 33.31 11.84
C ARG F 176 4.10 33.28 13.28
N GLU F 177 4.28 34.38 14.01
CA GLU F 177 3.90 34.41 15.43
C GLU F 177 2.41 34.20 15.62
N SER F 178 1.57 34.86 14.82
CA SER F 178 0.13 34.72 15.00
C SER F 178 -0.38 33.34 14.59
N VAL F 179 0.28 32.70 13.62
CA VAL F 179 -0.05 31.33 13.26
C VAL F 179 0.21 30.41 14.45
N ALA F 180 1.39 30.52 15.03
CA ALA F 180 1.73 29.68 16.18
C ALA F 180 0.78 29.95 17.33
N LYS F 181 0.47 31.22 17.60
CA LYS F 181 -0.42 31.53 18.72
C LYS F 181 -1.78 30.88 18.53
N ALA F 182 -2.31 30.91 17.32
CA ALA F 182 -3.61 30.29 17.07
C ALA F 182 -3.54 28.77 17.20
N CYS F 183 -2.45 28.17 16.74
CA CYS F 183 -2.27 26.73 16.90
C CYS F 183 -2.22 26.34 18.37
N PHE F 184 -1.45 27.09 19.16
CA PHE F 184 -1.36 26.78 20.59
C PHE F 184 -2.69 26.98 21.28
N GLN F 185 -3.48 27.96 20.84
CA GLN F 185 -4.80 28.16 21.45
C GLN F 185 -5.72 26.99 21.13
N PHE F 186 -5.62 26.43 19.94
CA PHE F 186 -6.48 25.28 19.63
C PHE F 186 -5.99 23.98 20.21
N LEU F 187 -4.71 23.86 20.55
CA LEU F 187 -4.17 22.57 20.96
C LEU F 187 -4.93 21.91 22.12
N PRO F 188 -5.33 22.63 23.17
CA PRO F 188 -6.14 21.99 24.23
C PRO F 188 -7.44 21.37 23.73
N MET F 189 -8.10 21.98 22.75
CA MET F 189 -9.30 21.36 22.22
C MET F 189 -8.99 20.14 21.37
N ARG F 190 -7.86 20.14 20.67
CA ARG F 190 -7.41 18.93 19.99
C ARG F 190 -7.23 17.79 20.98
N ALA F 191 -6.65 18.09 22.15
CA ALA F 191 -6.50 17.07 23.19
C ALA F 191 -7.85 16.61 23.72
N ASN F 192 -8.78 17.55 23.94
CA ASN F 192 -10.11 17.16 24.36
C ASN F 192 -10.79 16.27 23.34
N LEU F 193 -10.67 16.61 22.05
CA LEU F 193 -11.22 15.78 20.98
C LEU F 193 -10.63 14.37 21.07
N ASP F 194 -9.35 14.27 21.38
CA ASP F 194 -8.74 12.95 21.57
C ASP F 194 -9.43 12.19 22.69
N LEU F 195 -9.63 12.85 23.83
CA LEU F 195 -10.28 12.18 24.96
C LEU F 195 -11.70 11.76 24.63
N LEU F 196 -12.41 12.53 23.82
CA LEU F 196 -13.80 12.22 23.53
C LEU F 196 -13.98 11.11 22.51
N GLY F 197 -12.95 10.74 21.76
CA GLY F 197 -13.11 9.63 20.84
C GLY F 197 -12.73 9.89 19.40
N TRP F 198 -12.15 11.05 19.10
CA TRP F 198 -11.73 11.39 17.75
C TRP F 198 -10.21 11.34 17.62
N SER F 199 -9.56 10.50 18.42
CA SER F 199 -8.11 10.47 18.46
C SER F 199 -7.49 10.05 17.12
N GLU F 200 -8.22 9.32 16.30
CA GLU F 200 -7.69 8.88 15.01
C GLU F 200 -8.17 9.71 13.84
N ILE F 201 -8.81 10.85 14.09
CA ILE F 201 -9.45 11.65 13.06
C ILE F 201 -8.84 13.04 13.01
N ASP F 202 -8.37 13.44 11.84
CA ASP F 202 -8.07 14.85 11.57
C ASP F 202 -9.41 15.53 11.28
N ILE F 203 -9.92 16.30 12.25
CA ILE F 203 -11.27 16.84 12.13
C ILE F 203 -11.41 17.85 10.99
N PHE F 204 -10.30 18.40 10.49
CA PHE F 204 -10.34 19.40 9.43
C PHE F 204 -10.10 18.83 8.04
N ALA F 205 -9.82 17.55 7.90
CA ALA F 205 -9.50 17.00 6.59
C ALA F 205 -10.78 16.82 5.78
N HIS F 206 -10.64 16.85 4.46
CA HIS F 206 -11.78 16.57 3.60
C HIS F 206 -12.23 15.12 3.71
N SER F 207 -11.30 14.19 3.79
CA SER F 207 -11.68 12.80 4.05
C SER F 207 -10.63 12.05 4.87
N THR G 3 41.18 24.23 0.66
CA THR G 3 40.34 24.81 -0.39
C THR G 3 40.15 26.30 -0.13
N GLU G 4 39.87 27.05 -1.19
CA GLU G 4 39.60 28.47 -1.10
C GLU G 4 38.12 28.67 -1.35
N ILE G 5 37.41 29.24 -0.38
CA ILE G 5 35.99 29.53 -0.49
C ILE G 5 35.80 31.00 -0.21
N ARG G 6 35.35 31.75 -1.20
CA ARG G 6 35.07 33.17 -1.03
C ARG G 6 33.61 33.39 -0.68
N VAL G 7 33.35 34.03 0.44
CA VAL G 7 31.99 34.29 0.90
C VAL G 7 31.66 35.74 0.63
N HIS G 8 30.51 35.98 -0.01
CA HIS G 8 30.08 37.31 -0.40
C HIS G 8 28.69 37.60 0.16
N GLN G 9 28.38 38.88 0.27
CA GLN G 9 27.04 39.34 0.64
C GLN G 9 26.35 39.89 -0.60
N GLY G 10 25.21 39.30 -0.94
CA GLY G 10 24.34 39.80 -2.01
C GLY G 10 24.65 39.38 -3.43
N ASP G 11 25.91 39.52 -3.85
CA ASP G 11 26.26 39.28 -5.25
C ASP G 11 27.76 39.14 -5.36
N LEU G 12 28.21 38.57 -6.48
CA LEU G 12 29.61 38.65 -6.83
C LEU G 12 30.02 40.10 -7.07
N PRO G 13 31.25 40.47 -6.73
CA PRO G 13 31.71 41.84 -7.08
C PRO G 13 31.88 42.03 -8.57
N ASN G 14 32.29 40.99 -9.30
CA ASN G 14 32.49 41.04 -10.74
C ASN G 14 32.59 39.61 -11.24
N LEU G 15 32.77 39.47 -12.55
CA LEU G 15 32.83 38.15 -13.19
C LEU G 15 34.25 37.79 -13.60
N ASP G 16 35.25 38.37 -12.94
CA ASP G 16 36.65 38.16 -13.32
C ASP G 16 37.07 36.71 -13.20
N ASN G 17 36.47 35.98 -12.26
CA ASN G 17 36.80 34.58 -12.05
C ASN G 17 35.94 33.63 -12.89
N TYR G 18 35.07 34.17 -13.74
CA TYR G 18 34.05 33.39 -14.46
C TYR G 18 34.08 33.70 -15.94
N ARG G 19 35.27 33.90 -16.49
CA ARG G 19 35.46 33.97 -17.94
C ARG G 19 35.71 32.57 -18.49
N ILE G 20 34.67 31.74 -18.45
CA ILE G 20 34.78 30.31 -18.70
C ILE G 20 33.57 29.85 -19.51
N ASP G 21 33.68 28.63 -20.04
CA ASP G 21 32.64 28.08 -20.89
C ASP G 21 31.51 27.43 -20.10
N ALA G 22 31.76 27.05 -18.84
CA ALA G 22 30.76 26.36 -18.04
C ALA G 22 31.01 26.64 -16.56
N VAL G 23 29.95 26.85 -15.81
CA VAL G 23 30.05 27.15 -14.38
C VAL G 23 29.15 26.19 -13.62
N ALA G 24 29.66 25.63 -12.53
CA ALA G 24 28.87 24.79 -11.64
C ALA G 24 28.07 25.64 -10.67
N VAL G 25 26.79 25.30 -10.50
CA VAL G 25 25.85 26.11 -9.73
C VAL G 25 25.08 25.19 -8.80
N ASP G 26 24.85 25.66 -7.57
CA ASP G 26 23.96 24.98 -6.65
C ASP G 26 23.35 26.04 -5.74
N THR G 27 22.29 25.66 -5.04
CA THR G 27 21.61 26.55 -4.12
C THR G 27 21.34 25.82 -2.81
N GLU G 28 21.07 26.61 -1.78
CA GLU G 28 20.49 26.13 -0.54
C GLU G 28 19.33 27.04 -0.16
N THR G 29 18.31 26.45 0.46
CA THR G 29 17.08 27.15 0.75
C THR G 29 16.60 26.73 2.14
N LEU G 30 15.49 27.31 2.56
CA LEU G 30 14.82 26.86 3.78
C LEU G 30 13.90 25.67 3.56
N GLY G 31 13.83 25.11 2.37
CA GLY G 31 13.01 23.94 2.14
C GLY G 31 12.71 23.75 0.67
N LEU G 32 11.85 22.76 0.41
CA LEU G 32 11.58 22.29 -0.94
C LEU G 32 10.48 23.05 -1.68
N GLN G 33 9.82 24.02 -1.05
CA GLN G 33 8.67 24.66 -1.69
C GLN G 33 8.98 26.13 -1.97
N PRO G 34 9.31 26.48 -3.21
CA PRO G 34 9.83 27.83 -3.50
C PRO G 34 8.89 28.95 -3.11
N HIS G 35 7.58 28.73 -3.13
CA HIS G 35 6.67 29.80 -2.77
C HIS G 35 6.68 30.09 -1.27
N ARG G 36 7.07 29.11 -0.45
CA ARG G 36 7.17 29.31 0.99
C ARG G 36 8.60 29.51 1.47
N ASP G 37 9.57 28.80 0.90
CA ASP G 37 10.90 28.63 1.47
C ASP G 37 11.92 29.43 0.66
N ARG G 38 12.44 30.50 1.24
CA ARG G 38 13.24 31.46 0.47
C ARG G 38 14.61 30.89 0.15
N LEU G 39 15.19 31.37 -0.95
CA LEU G 39 16.58 31.11 -1.29
C LEU G 39 17.51 31.75 -0.28
N CYS G 40 18.46 30.99 0.26
CA CYS G 40 19.34 31.53 1.29
C CYS G 40 20.80 31.67 0.86
N VAL G 41 21.34 30.74 0.08
CA VAL G 41 22.75 30.73 -0.29
C VAL G 41 22.83 30.25 -1.73
N VAL G 42 23.73 30.84 -2.53
CA VAL G 42 24.10 30.34 -3.85
C VAL G 42 25.59 30.04 -3.98
N GLN G 43 25.90 28.84 -4.50
CA GLN G 43 27.30 28.39 -4.65
C GLN G 43 27.67 28.33 -6.13
N LEU G 44 28.87 28.79 -6.50
CA LEU G 44 29.36 28.84 -7.87
C LEU G 44 30.75 28.24 -7.88
N SER G 45 31.13 27.63 -8.99
CA SER G 45 32.51 27.19 -9.18
C SER G 45 32.90 27.30 -10.64
N SER G 46 34.15 27.70 -10.87
CA SER G 46 34.77 27.75 -12.18
C SER G 46 35.27 26.39 -12.63
N GLY G 47 35.16 25.40 -11.76
CA GLY G 47 35.65 24.05 -11.95
C GLY G 47 37.04 23.82 -11.43
N ASP G 48 37.67 24.84 -10.88
CA ASP G 48 39.02 24.71 -10.34
C ASP G 48 38.86 24.31 -8.88
N GLY G 49 39.90 24.43 -8.09
CA GLY G 49 39.82 24.06 -6.69
C GLY G 49 39.16 25.07 -5.78
N THR G 50 38.64 26.19 -6.30
CA THR G 50 37.91 27.16 -5.50
C THR G 50 36.43 27.30 -5.87
N ALA G 51 35.67 27.85 -4.92
CA ALA G 51 34.24 28.06 -5.03
C ALA G 51 33.87 29.41 -4.43
N ASP G 52 32.76 29.97 -4.90
CA ASP G 52 32.18 31.18 -4.33
C ASP G 52 30.85 30.88 -3.65
N VAL G 53 30.69 31.35 -2.42
CA VAL G 53 29.47 31.13 -1.64
C VAL G 53 28.87 32.49 -1.34
N ILE G 54 27.67 32.74 -1.87
CA ILE G 54 27.00 34.03 -1.83
C ILE G 54 25.78 33.92 -0.92
N GLN G 55 25.78 34.69 0.16
CA GLN G 55 24.62 34.75 1.05
C GLN G 55 23.58 35.70 0.47
N ILE G 56 22.35 35.22 0.32
CA ILE G 56 21.25 36.01 -0.24
C ILE G 56 20.38 36.50 0.90
N ALA G 57 20.10 37.80 0.90
CA ALA G 57 19.35 38.42 1.98
C ALA G 57 17.86 38.18 1.80
N LYS G 58 17.13 38.22 2.91
CA LYS G 58 15.67 38.18 2.87
C LYS G 58 15.11 39.34 2.06
N GLY G 59 14.19 39.02 1.16
CA GLY G 59 13.56 40.00 0.31
C GLY G 59 14.40 40.52 -0.84
N GLN G 60 15.61 40.01 -1.03
CA GLN G 60 16.45 40.51 -2.11
C GLN G 60 15.87 40.11 -3.47
N LYS G 61 15.72 41.10 -4.34
CA LYS G 61 15.07 40.92 -5.63
C LYS G 61 16.04 40.88 -6.81
N SER G 62 17.28 41.35 -6.62
CA SER G 62 18.21 41.50 -7.72
C SER G 62 19.61 41.10 -7.27
N ALA G 63 20.37 40.56 -8.22
CA ALA G 63 21.79 40.28 -8.04
C ALA G 63 22.47 40.40 -9.39
N PRO G 64 22.75 41.63 -9.83
CA PRO G 64 23.02 41.84 -11.26
C PRO G 64 24.16 41.02 -11.83
N ASN G 65 25.27 40.84 -11.12
CA ASN G 65 26.39 40.09 -11.69
C ASN G 65 26.04 38.61 -11.79
N LEU G 66 25.50 38.05 -10.71
CA LEU G 66 25.03 36.67 -10.75
C LEU G 66 23.98 36.47 -11.84
N VAL G 67 23.01 37.38 -11.94
CA VAL G 67 21.96 37.17 -12.93
C VAL G 67 22.52 37.31 -14.35
N ARG G 68 23.50 38.22 -14.54
CA ARG G 68 24.20 38.30 -15.82
C ARG G 68 24.84 36.97 -16.17
N LEU G 69 25.45 36.31 -15.18
CA LEU G 69 26.04 35.00 -15.43
C LEU G 69 24.97 33.99 -15.80
N LEU G 70 23.87 33.95 -15.04
CA LEU G 70 22.81 32.99 -15.29
C LEU G 70 22.16 33.18 -16.66
N SER G 71 22.15 34.42 -17.17
CA SER G 71 21.53 34.74 -18.44
C SER G 71 22.43 34.50 -19.66
N ASP G 72 23.73 34.30 -19.47
CA ASP G 72 24.66 34.26 -20.59
C ASP G 72 24.54 32.90 -21.24
N ARG G 73 24.02 32.88 -22.47
CA ARG G 73 23.78 31.65 -23.22
C ARG G 73 25.06 30.99 -23.72
N ASP G 74 26.20 31.66 -23.63
CA ASP G 74 27.47 31.04 -24.01
C ASP G 74 28.09 30.23 -22.87
N ILE G 75 27.48 30.20 -21.70
CA ILE G 75 28.02 29.49 -20.53
C ILE G 75 27.01 28.45 -20.08
N THR G 76 27.41 27.18 -20.10
CA THR G 76 26.55 26.11 -19.60
C THR G 76 26.56 26.07 -18.07
N LYS G 77 25.38 26.06 -17.48
CA LYS G 77 25.22 25.92 -16.04
C LYS G 77 25.06 24.45 -15.67
N ILE G 78 25.97 23.94 -14.86
CA ILE G 78 25.95 22.55 -14.42
C ILE G 78 25.27 22.46 -13.06
N PHE G 79 24.27 21.58 -12.95
CA PHE G 79 23.56 21.32 -11.71
C PHE G 79 23.56 19.82 -11.45
N HIS G 80 23.31 19.46 -10.20
CA HIS G 80 22.82 18.14 -9.85
C HIS G 80 21.37 18.29 -9.42
N PHE G 81 20.45 17.64 -10.13
CA PHE G 81 19.01 17.85 -9.97
C PHE G 81 18.64 19.32 -10.15
N GLY G 82 18.97 19.84 -11.32
CA GLY G 82 18.69 21.23 -11.66
C GLY G 82 17.23 21.59 -11.68
N ARG G 83 16.34 20.61 -11.76
CA ARG G 83 14.90 20.88 -11.70
C ARG G 83 14.54 21.79 -10.53
N PHE G 84 15.17 21.59 -9.37
CA PHE G 84 14.87 22.42 -8.21
C PHE G 84 15.58 23.77 -8.28
N ASP G 85 16.89 23.75 -8.53
CA ASP G 85 17.66 24.99 -8.55
C ASP G 85 17.13 25.97 -9.59
N LEU G 86 16.77 25.49 -10.78
CA LEU G 86 16.21 26.37 -11.79
C LEU G 86 14.93 27.01 -11.28
N ALA G 87 14.10 26.25 -10.59
CA ALA G 87 12.83 26.77 -10.09
C ALA G 87 13.08 27.86 -9.08
N ILE G 88 13.96 27.61 -8.11
CA ILE G 88 14.14 28.59 -7.03
C ILE G 88 14.87 29.82 -7.55
N LEU G 89 15.81 29.64 -8.47
CA LEU G 89 16.52 30.79 -9.05
C LEU G 89 15.56 31.66 -9.85
N ALA G 90 14.73 31.05 -10.70
CA ALA G 90 13.79 31.85 -11.49
C ALA G 90 12.77 32.52 -10.59
N HIS G 91 12.29 31.83 -9.55
CA HIS G 91 11.32 32.42 -8.66
C HIS G 91 11.91 33.60 -7.90
N THR G 92 13.21 33.53 -7.58
CA THR G 92 13.81 34.58 -6.76
C THR G 92 14.24 35.77 -7.60
N PHE G 93 14.90 35.53 -8.73
CA PHE G 93 15.50 36.60 -9.52
C PHE G 93 14.81 36.87 -10.85
N GLY G 94 13.83 36.07 -11.23
CA GLY G 94 13.05 36.36 -12.43
C GLY G 94 13.69 35.95 -13.73
N VAL G 95 14.79 35.20 -13.70
CA VAL G 95 15.49 34.74 -14.90
C VAL G 95 15.55 33.22 -14.88
N MET G 96 15.09 32.61 -15.96
CA MET G 96 15.18 31.16 -16.10
C MET G 96 16.36 30.82 -16.98
N PRO G 97 17.40 30.19 -16.45
CA PRO G 97 18.51 29.75 -17.30
C PRO G 97 18.00 28.79 -18.36
N ASP G 98 18.61 28.84 -19.54
CA ASP G 98 18.16 27.99 -20.63
C ASP G 98 19.27 27.19 -21.28
N VAL G 99 20.47 27.18 -20.71
CA VAL G 99 21.57 26.34 -21.17
C VAL G 99 22.09 25.60 -19.95
N VAL G 100 21.71 24.33 -19.78
CA VAL G 100 21.95 23.62 -18.54
C VAL G 100 22.44 22.21 -18.83
N PHE G 101 23.10 21.64 -17.84
CA PHE G 101 23.49 20.23 -17.80
C PHE G 101 23.14 19.75 -16.41
N CYS G 102 22.48 18.60 -16.32
CA CYS G 102 22.07 18.03 -15.04
C CYS G 102 22.73 16.67 -14.87
N THR G 103 23.50 16.52 -13.81
CA THR G 103 24.18 15.26 -13.55
C THR G 103 23.23 14.16 -13.13
N LYS G 104 22.04 14.49 -12.63
CA LYS G 104 21.09 13.44 -12.25
C LYS G 104 20.44 12.82 -13.47
N ILE G 105 19.99 13.64 -14.43
CA ILE G 105 19.51 13.08 -15.69
C ILE G 105 20.61 12.27 -16.39
N ALA G 106 21.83 12.80 -16.43
CA ALA G 106 22.92 12.05 -17.05
C ALA G 106 23.15 10.72 -16.36
N SER G 107 23.09 10.71 -15.03
CA SER G 107 23.24 9.47 -14.29
C SER G 107 22.13 8.50 -14.65
N LYS G 108 20.89 8.99 -14.71
CA LYS G 108 19.77 8.13 -15.05
C LYS G 108 19.87 7.62 -16.47
N LEU G 109 20.58 8.33 -17.35
CA LEU G 109 20.75 7.89 -18.73
C LEU G 109 21.97 7.00 -18.93
N THR G 110 22.84 6.88 -17.94
CA THR G 110 24.04 6.10 -18.19
C THR G 110 24.30 5.06 -17.12
N ARG G 111 24.09 5.40 -15.84
CA ARG G 111 24.31 4.47 -14.75
C ARG G 111 23.06 3.60 -14.54
N THR G 112 22.77 2.80 -15.56
CA THR G 112 21.60 1.94 -15.60
C THR G 112 21.72 0.71 -14.69
N TYR G 113 22.89 0.47 -14.12
CA TYR G 113 23.13 -0.67 -13.26
C TYR G 113 22.88 -0.38 -11.78
N THR G 114 22.30 0.78 -11.46
CA THR G 114 21.94 1.10 -10.09
C THR G 114 20.68 1.95 -10.12
N ASP G 115 19.98 2.00 -8.98
CA ASP G 115 18.83 2.89 -8.86
C ASP G 115 19.12 4.05 -7.92
N ARG G 116 20.36 4.18 -7.48
CA ARG G 116 20.80 5.21 -6.55
C ARG G 116 21.62 6.23 -7.34
N HIS G 117 21.02 7.40 -7.57
CA HIS G 117 21.56 8.45 -8.41
C HIS G 117 21.92 9.72 -7.65
N GLY G 118 22.02 9.66 -6.33
CA GLY G 118 22.39 10.82 -5.57
C GLY G 118 23.83 11.22 -5.81
N LEU G 119 24.12 12.49 -5.50
CA LEU G 119 25.45 13.05 -5.74
C LEU G 119 26.52 12.28 -4.97
N LYS G 120 26.22 11.88 -3.74
CA LYS G 120 27.20 11.12 -2.96
C LYS G 120 27.59 9.84 -3.68
N GLU G 121 26.61 9.10 -4.18
CA GLU G 121 26.91 7.84 -4.85
C GLU G 121 27.69 8.06 -6.14
N ILE G 122 27.29 9.07 -6.92
CA ILE G 122 28.00 9.38 -8.14
C ILE G 122 29.45 9.74 -7.85
N CYS G 123 29.69 10.63 -6.89
CA CYS G 123 31.06 11.02 -6.60
C CYS G 123 31.87 9.83 -6.10
N GLY G 124 31.27 8.98 -5.27
CA GLY G 124 31.95 7.81 -4.79
C GLY G 124 32.36 6.85 -5.89
N GLU G 125 31.44 6.61 -6.83
CA GLU G 125 31.73 5.64 -7.88
C GLU G 125 32.69 6.21 -8.92
N LEU G 126 32.44 7.42 -9.40
CA LEU G 126 33.19 7.93 -10.54
C LEU G 126 34.54 8.54 -10.16
N LEU G 127 34.70 9.09 -8.95
CA LEU G 127 35.94 9.79 -8.65
C LEU G 127 36.68 9.24 -7.44
N ASN G 128 36.08 8.30 -6.72
CA ASN G 128 36.60 7.79 -5.46
C ASN G 128 36.86 8.90 -4.45
N VAL G 129 36.01 9.92 -4.43
CA VAL G 129 36.12 11.00 -3.46
C VAL G 129 34.99 10.80 -2.45
N ASN G 130 35.32 10.83 -1.17
CA ASN G 130 34.33 10.61 -0.13
C ASN G 130 33.87 11.96 0.37
N ILE G 131 32.63 12.32 0.09
CA ILE G 131 32.03 13.52 0.64
C ILE G 131 31.33 13.14 1.92
N SER G 132 31.62 13.84 3.00
CA SER G 132 30.95 13.62 4.28
C SER G 132 29.88 14.68 4.48
N LYS G 133 28.64 14.25 4.62
CA LYS G 133 27.50 15.13 4.68
C LYS G 133 27.10 15.32 6.15
N GLN G 134 26.42 16.43 6.42
CA GLN G 134 26.10 16.78 7.79
C GLN G 134 25.25 15.69 8.41
N GLN G 135 25.12 15.73 9.74
CA GLN G 135 24.38 14.71 10.45
C GLN G 135 22.90 15.04 10.50
N GLN G 136 22.52 16.18 9.95
CA GLN G 136 21.15 16.68 9.86
C GLN G 136 21.20 17.84 8.87
N SER G 137 20.13 18.61 8.82
CA SER G 137 20.17 19.83 8.02
C SER G 137 20.55 20.98 8.95
N SER G 138 20.56 22.19 8.42
CA SER G 138 20.87 23.31 9.29
C SER G 138 20.15 24.56 8.80
N ASP G 139 20.22 25.59 9.64
CA ASP G 139 19.59 26.89 9.41
C ASP G 139 20.44 27.69 8.45
N TRP G 140 20.17 27.54 7.15
CA TRP G 140 20.92 28.25 6.14
C TRP G 140 20.61 29.73 6.10
N ALA G 141 19.60 30.19 6.84
CA ALA G 141 19.24 31.60 6.90
C ALA G 141 20.01 32.36 7.97
N ALA G 142 20.91 31.71 8.70
CA ALA G 142 21.67 32.36 9.74
C ALA G 142 22.45 33.54 9.16
N GLU G 143 22.54 34.62 9.92
CA GLU G 143 23.29 35.79 9.46
C GLU G 143 24.75 35.45 9.15
N THR G 144 25.40 34.69 10.01
CA THR G 144 26.77 34.24 9.77
C THR G 144 26.79 32.72 9.68
N LEU G 145 27.18 32.20 8.52
CA LEU G 145 27.33 30.76 8.36
C LEU G 145 28.56 30.24 9.09
N SER G 146 28.43 29.03 9.63
CA SER G 146 29.54 28.37 10.31
C SER G 146 30.56 27.88 9.27
N ARG G 147 31.77 27.57 9.77
CA ARG G 147 32.79 27.02 8.89
C ARG G 147 32.36 25.67 8.30
N ALA G 148 31.73 24.83 9.11
CA ALA G 148 31.21 23.56 8.62
C ALA G 148 30.16 23.78 7.53
N GLN G 149 29.29 24.77 7.72
CA GLN G 149 28.30 25.07 6.71
C GLN G 149 28.97 25.49 5.41
N ILE G 150 29.96 26.38 5.51
CA ILE G 150 30.62 26.90 4.32
C ILE G 150 31.33 25.79 3.56
N GLU G 151 32.01 24.91 4.29
CA GLU G 151 32.71 23.81 3.63
C GLU G 151 31.73 22.83 3.00
N TYR G 152 30.63 22.51 3.70
CA TYR G 152 29.64 21.60 3.13
C TYR G 152 29.01 22.18 1.88
N ALA G 153 28.71 23.48 1.89
CA ALA G 153 28.12 24.13 0.74
C ALA G 153 29.08 24.16 -0.44
N ALA G 154 30.36 24.43 -0.19
CA ALA G 154 31.31 24.46 -1.29
C ALA G 154 31.53 23.06 -1.88
N SER G 155 31.55 22.04 -1.03
CA SER G 155 31.80 20.68 -1.50
C SER G 155 30.76 20.21 -2.52
N ASP G 156 29.57 20.81 -2.52
CA ASP G 156 28.50 20.43 -3.43
C ASP G 156 28.70 20.91 -4.86
N VAL G 157 29.59 21.88 -5.10
CA VAL G 157 29.87 22.37 -6.45
C VAL G 157 31.27 22.03 -6.94
N LEU G 158 32.18 21.62 -6.06
CA LEU G 158 33.58 21.44 -6.41
C LEU G 158 33.83 20.35 -7.44
N TYR G 159 32.91 19.40 -7.64
CA TYR G 159 33.18 18.23 -8.46
C TYR G 159 32.28 18.10 -9.70
N LEU G 160 31.38 19.04 -9.94
CA LEU G 160 30.42 18.89 -11.01
C LEU G 160 31.07 18.93 -12.40
N HIS G 161 32.13 19.72 -12.57
CA HIS G 161 32.84 19.74 -13.84
C HIS G 161 33.42 18.38 -14.21
N ARG G 162 34.07 17.71 -13.26
CA ARG G 162 34.66 16.41 -13.53
C ARG G 162 33.57 15.40 -13.85
N LEU G 163 32.44 15.49 -13.15
CA LEU G 163 31.32 14.61 -13.45
C LEU G 163 30.77 14.90 -14.83
N LYS G 164 30.62 16.16 -15.20
CA LYS G 164 30.12 16.46 -16.54
C LYS G 164 31.04 15.88 -17.59
N ASP G 165 32.35 15.96 -17.39
CA ASP G 165 33.28 15.41 -18.38
C ASP G 165 33.11 13.90 -18.51
N ILE G 166 32.97 13.21 -17.39
CA ILE G 166 32.81 11.76 -17.44
C ILE G 166 31.46 11.38 -18.04
N PHE G 167 30.39 12.05 -17.61
CA PHE G 167 29.09 11.71 -18.16
C PHE G 167 29.02 11.99 -19.66
N GLU G 168 29.66 13.07 -20.12
CA GLU G 168 29.70 13.33 -21.55
C GLU G 168 30.45 12.25 -22.33
N GLU G 169 31.57 11.74 -21.78
CA GLU G 169 32.22 10.60 -22.43
C GLU G 169 31.30 9.37 -22.47
N ARG G 170 30.61 9.07 -21.36
CA ARG G 170 29.75 7.90 -21.34
C ARG G 170 28.56 8.05 -22.27
N LEU G 171 27.99 9.25 -22.35
CA LEU G 171 26.86 9.48 -23.25
C LEU G 171 27.30 9.30 -24.70
N LYS G 172 28.53 9.71 -25.03
CA LYS G 172 28.99 9.44 -26.39
C LYS G 172 29.16 7.94 -26.58
N ARG G 173 29.72 7.26 -25.59
CA ARG G 173 29.99 5.82 -25.70
C ARG G 173 28.73 4.99 -25.91
N GLU G 174 27.67 5.30 -25.17
CA GLU G 174 26.41 4.56 -25.29
C GLU G 174 25.45 5.17 -26.29
N GLU G 175 25.88 6.20 -27.01
CA GLU G 175 25.15 6.78 -28.13
C GLU G 175 23.80 7.39 -27.69
N ARG G 176 23.84 8.15 -26.60
CA ARG G 176 22.65 8.78 -26.03
C ARG G 176 22.80 10.30 -25.97
N GLU G 177 23.69 10.87 -26.78
CA GLU G 177 23.94 12.30 -26.70
C GLU G 177 22.71 13.13 -27.07
N SER G 178 21.99 12.74 -28.11
CA SER G 178 20.82 13.52 -28.52
C SER G 178 19.66 13.38 -27.55
N VAL G 179 19.52 12.22 -26.90
CA VAL G 179 18.51 12.06 -25.87
C VAL G 179 18.79 13.01 -24.72
N ALA G 180 20.03 13.01 -24.24
CA ALA G 180 20.40 13.89 -23.14
C ALA G 180 20.19 15.34 -23.54
N LYS G 181 20.57 15.71 -24.77
CA LYS G 181 20.41 17.10 -25.19
C LYS G 181 18.95 17.51 -25.16
N ALA G 182 18.05 16.65 -25.62
CA ALA G 182 16.63 16.98 -25.61
C ALA G 182 16.08 17.08 -24.18
N CYS G 183 16.54 16.19 -23.30
CA CYS G 183 16.13 16.27 -21.90
C CYS G 183 16.58 17.58 -21.27
N PHE G 184 17.82 17.97 -21.52
CA PHE G 184 18.32 19.23 -20.97
C PHE G 184 17.58 20.42 -21.56
N GLN G 185 17.20 20.35 -22.83
CA GLN G 185 16.45 21.45 -23.43
C GLN G 185 15.09 21.60 -22.75
N PHE G 186 14.45 20.48 -22.41
CA PHE G 186 13.15 20.58 -21.75
C PHE G 186 13.23 20.90 -20.26
N LEU G 187 14.37 20.63 -19.61
CA LEU G 187 14.45 20.78 -18.16
C LEU G 187 14.02 22.15 -17.63
N PRO G 188 14.41 23.28 -18.21
CA PRO G 188 13.91 24.57 -17.71
C PRO G 188 12.40 24.70 -17.75
N MET G 189 11.74 24.13 -18.77
CA MET G 189 10.29 24.17 -18.78
C MET G 189 9.67 23.23 -17.75
N ARG G 190 10.33 22.11 -17.44
CA ARG G 190 9.88 21.30 -16.32
C ARG G 190 9.92 22.10 -15.02
N ALA G 191 10.98 22.89 -14.84
CA ALA G 191 11.06 23.75 -13.66
C ALA G 191 9.95 24.80 -13.67
N ASN G 192 9.67 25.38 -14.82
CA ASN G 192 8.58 26.34 -14.91
C ASN G 192 7.25 25.69 -14.58
N LEU G 193 7.00 24.49 -15.10
CA LEU G 193 5.78 23.75 -14.75
C LEU G 193 5.68 23.56 -13.25
N ASP G 194 6.81 23.30 -12.59
CA ASP G 194 6.80 23.19 -11.13
C ASP G 194 6.35 24.50 -10.50
N LEU G 195 6.91 25.62 -10.97
CA LEU G 195 6.53 26.91 -10.38
C LEU G 195 5.06 27.23 -10.61
N LEU G 196 4.50 26.80 -11.75
CA LEU G 196 3.12 27.16 -12.08
C LEU G 196 2.09 26.33 -11.34
N GLY G 197 2.47 25.21 -10.74
CA GLY G 197 1.51 24.46 -9.94
C GLY G 197 1.37 23.00 -10.30
N TRP G 198 2.23 22.49 -11.18
CA TRP G 198 2.19 21.09 -11.59
C TRP G 198 3.34 20.30 -10.97
N SER G 199 3.83 20.74 -9.82
CA SER G 199 5.02 20.14 -9.23
C SER G 199 4.83 18.68 -8.86
N GLU G 200 3.60 18.26 -8.58
CA GLU G 200 3.34 16.87 -8.20
C GLU G 200 2.83 16.02 -9.36
N ILE G 201 2.87 16.54 -10.57
CA ILE G 201 2.26 15.90 -11.74
C ILE G 201 3.34 15.59 -12.75
N ASP G 202 3.42 14.33 -13.17
CA ASP G 202 4.17 13.94 -14.35
C ASP G 202 3.28 14.26 -15.55
N ILE G 203 3.61 15.35 -16.26
CA ILE G 203 2.72 15.84 -17.30
C ILE G 203 2.59 14.87 -18.47
N PHE G 204 3.51 13.93 -18.62
CA PHE G 204 3.48 12.99 -19.72
C PHE G 204 2.86 11.64 -19.37
N ALA G 205 2.46 11.44 -18.12
CA ALA G 205 1.97 10.13 -17.72
C ALA G 205 0.53 9.94 -18.18
N HIS G 206 0.16 8.66 -18.38
CA HIS G 206 -1.22 8.35 -18.71
C HIS G 206 -2.14 8.67 -17.54
N SER G 207 -1.70 8.40 -16.32
CA SER G 207 -2.45 8.76 -15.12
C SER G 207 -1.52 9.13 -13.97
N THR H 3 43.94 -16.85 -5.72
CA THR H 3 43.27 -17.59 -6.79
C THR H 3 43.80 -17.16 -8.15
N GLU H 4 43.83 -18.08 -9.10
CA GLU H 4 44.24 -17.78 -10.47
C GLU H 4 42.99 -17.41 -11.27
N ILE H 5 43.02 -16.22 -11.87
CA ILE H 5 41.93 -15.74 -12.71
C ILE H 5 42.50 -15.41 -14.08
N ARG H 6 42.04 -16.12 -15.10
CA ARG H 6 42.46 -15.89 -16.47
C ARG H 6 41.48 -14.95 -17.16
N VAL H 7 41.97 -13.82 -17.65
CA VAL H 7 41.14 -12.83 -18.31
C VAL H 7 41.36 -12.94 -19.81
N HIS H 8 40.27 -13.02 -20.57
CA HIS H 8 40.33 -13.18 -22.02
C HIS H 8 39.55 -12.08 -22.70
N GLN H 9 39.90 -11.83 -23.96
CA GLN H 9 39.17 -10.90 -24.80
C GLN H 9 38.36 -11.67 -25.82
N GLY H 10 37.04 -11.48 -25.79
CA GLY H 10 36.16 -12.07 -26.79
C GLY H 10 35.69 -13.50 -26.59
N ASP H 11 36.61 -14.42 -26.33
CA ASP H 11 36.26 -15.83 -26.27
C ASP H 11 37.39 -16.59 -25.56
N LEU H 12 37.06 -17.80 -25.13
CA LEU H 12 38.10 -18.73 -24.69
C LEU H 12 39.02 -19.09 -25.85
N PRO H 13 40.31 -19.32 -25.59
CA PRO H 13 41.18 -19.80 -26.67
C PRO H 13 40.86 -21.22 -27.10
N ASN H 14 40.41 -22.06 -26.17
CA ASN H 14 40.05 -23.46 -26.45
C ASN H 14 39.26 -23.99 -25.26
N LEU H 15 38.85 -25.25 -25.36
CA LEU H 15 38.08 -25.90 -24.31
C LEU H 15 38.89 -26.95 -23.55
N ASP H 16 40.22 -26.78 -23.51
CA ASP H 16 41.07 -27.78 -22.87
C ASP H 16 40.76 -27.90 -21.37
N ASN H 17 40.35 -26.81 -20.74
CA ASN H 17 40.04 -26.79 -19.32
C ASN H 17 38.60 -27.16 -19.01
N TYR H 18 37.78 -27.52 -20.01
CA TYR H 18 36.36 -27.70 -19.79
C TYR H 18 35.86 -29.01 -20.37
N ARG H 19 36.68 -30.06 -20.26
CA ARG H 19 36.23 -31.42 -20.54
C ARG H 19 35.70 -32.07 -19.26
N ILE H 20 34.56 -31.56 -18.81
CA ILE H 20 34.05 -31.87 -17.48
C ILE H 20 32.53 -32.05 -17.56
N ASP H 21 31.95 -32.49 -16.43
CA ASP H 21 30.53 -32.77 -16.38
C ASP H 21 29.68 -31.53 -16.10
N ALA H 22 30.23 -30.53 -15.42
CA ALA H 22 29.45 -29.36 -15.05
C ALA H 22 30.35 -28.14 -15.00
N VAL H 23 29.85 -27.01 -15.46
CA VAL H 23 30.58 -25.75 -15.47
C VAL H 23 29.74 -24.69 -14.78
N ALA H 24 30.36 -23.92 -13.90
CA ALA H 24 29.69 -22.79 -13.26
C ALA H 24 29.75 -21.57 -14.16
N VAL H 25 28.61 -20.88 -14.29
CA VAL H 25 28.48 -19.79 -15.24
C VAL H 25 27.84 -18.59 -14.53
N ASP H 26 28.34 -17.40 -14.85
CA ASP H 26 27.71 -16.16 -14.41
C ASP H 26 27.99 -15.11 -15.46
N THR H 27 27.26 -14.01 -15.39
CA THR H 27 27.41 -12.90 -16.32
C THR H 27 27.41 -11.58 -15.57
N GLU H 28 27.92 -10.55 -16.23
CA GLU H 28 27.73 -9.18 -15.81
C GLU H 28 27.26 -8.36 -16.99
N THR H 29 26.43 -7.36 -16.72
CA THR H 29 25.81 -6.58 -17.77
C THR H 29 25.78 -5.13 -17.33
N LEU H 30 25.26 -4.27 -18.20
CA LEU H 30 24.97 -2.90 -17.83
C LEU H 30 23.63 -2.70 -17.13
N GLY H 31 22.87 -3.75 -16.86
CA GLY H 31 21.62 -3.59 -16.16
C GLY H 31 20.72 -4.80 -16.33
N LEU H 32 19.49 -4.64 -15.84
CA LEU H 32 18.54 -5.74 -15.74
C LEU H 32 17.66 -5.94 -16.96
N GLN H 33 17.80 -5.13 -18.00
CA GLN H 33 16.90 -5.18 -19.15
C GLN H 33 17.68 -5.60 -20.39
N PRO H 34 17.58 -6.87 -20.80
CA PRO H 34 18.47 -7.36 -21.86
C PRO H 34 18.37 -6.60 -23.16
N HIS H 35 17.21 -6.02 -23.48
CA HIS H 35 17.09 -5.28 -24.73
C HIS H 35 17.82 -3.95 -24.70
N ARG H 36 18.04 -3.36 -23.52
CA ARG H 36 18.76 -2.11 -23.43
C ARG H 36 20.21 -2.28 -22.96
N ASP H 37 20.48 -3.21 -22.03
CA ASP H 37 21.73 -3.26 -21.28
C ASP H 37 22.56 -4.45 -21.74
N ARG H 38 23.66 -4.18 -22.43
CA ARG H 38 24.41 -5.21 -23.12
C ARG H 38 25.18 -6.11 -22.15
N LEU H 39 25.42 -7.35 -22.57
CA LEU H 39 26.32 -8.26 -21.87
C LEU H 39 27.75 -7.75 -21.93
N CYS H 40 28.42 -7.64 -20.79
CA CYS H 40 29.77 -7.10 -20.78
C CYS H 40 30.85 -8.10 -20.40
N VAL H 41 30.59 -9.02 -19.47
CA VAL H 41 31.61 -9.96 -19.00
C VAL H 41 30.91 -11.31 -18.79
N VAL H 42 31.58 -12.41 -19.13
CA VAL H 42 31.15 -13.77 -18.80
C VAL H 42 32.21 -14.55 -17.99
N GLN H 43 31.76 -15.16 -16.87
CA GLN H 43 32.67 -15.91 -15.97
C GLN H 43 32.35 -17.41 -16.02
N LEU H 44 33.37 -18.27 -16.01
CA LEU H 44 33.26 -19.72 -16.07
C LEU H 44 34.18 -20.30 -15.01
N SER H 45 33.81 -21.44 -14.47
CA SER H 45 34.69 -22.19 -13.59
C SER H 45 34.46 -23.68 -13.73
N SER H 46 35.55 -24.44 -13.64
CA SER H 46 35.53 -25.90 -13.62
C SER H 46 35.24 -26.44 -12.23
N GLY H 47 35.14 -25.58 -11.23
CA GLY H 47 34.98 -25.94 -9.84
C GLY H 47 36.26 -26.04 -9.06
N ASP H 48 37.39 -25.77 -9.69
CA ASP H 48 38.69 -25.84 -9.05
C ASP H 48 38.97 -24.44 -8.48
N GLY H 49 40.21 -24.15 -8.15
CA GLY H 49 40.55 -22.85 -7.62
C GLY H 49 40.75 -21.75 -8.64
N THR H 50 40.57 -22.03 -9.92
CA THR H 50 40.67 -21.01 -10.95
C THR H 50 39.34 -20.74 -11.66
N ALA H 51 39.30 -19.58 -12.31
CA ALA H 51 38.12 -19.08 -13.03
C ALA H 51 38.59 -18.44 -14.33
N ASP H 52 37.70 -18.40 -15.32
CA ASP H 52 37.93 -17.68 -16.56
C ASP H 52 36.98 -16.51 -16.67
N VAL H 53 37.52 -15.33 -16.97
CA VAL H 53 36.75 -14.11 -17.10
C VAL H 53 36.92 -13.59 -18.52
N ILE H 54 35.85 -13.55 -19.29
CA ILE H 54 35.90 -13.21 -20.70
C ILE H 54 35.20 -11.88 -20.84
N GLN H 55 35.94 -10.84 -21.22
CA GLN H 55 35.36 -9.55 -21.50
C GLN H 55 34.75 -9.57 -22.89
N ILE H 56 33.48 -9.20 -23.01
CA ILE H 56 32.75 -9.21 -24.27
C ILE H 56 32.66 -7.79 -24.82
N ALA H 57 33.02 -7.62 -26.09
CA ALA H 57 33.06 -6.32 -26.72
C ALA H 57 31.67 -5.87 -27.11
N LYS H 58 31.48 -4.56 -27.19
CA LYS H 58 30.24 -3.99 -27.71
C LYS H 58 29.97 -4.43 -29.14
N GLY H 59 28.74 -4.88 -29.39
CA GLY H 59 28.30 -5.36 -30.67
C GLY H 59 28.76 -6.75 -31.04
N GLN H 60 29.49 -7.42 -30.17
CA GLN H 60 29.96 -8.77 -30.47
C GLN H 60 28.79 -9.74 -30.51
N LYS H 61 28.67 -10.50 -31.59
CA LYS H 61 27.55 -11.39 -31.82
C LYS H 61 27.91 -12.85 -31.68
N SER H 62 29.19 -13.20 -31.63
CA SER H 62 29.62 -14.58 -31.62
C SER H 62 30.77 -14.77 -30.64
N ALA H 63 30.83 -15.97 -30.06
CA ALA H 63 31.94 -16.41 -29.21
C ALA H 63 32.01 -17.93 -29.34
N PRO H 64 32.61 -18.44 -30.43
CA PRO H 64 32.39 -19.83 -30.83
C PRO H 64 32.72 -20.88 -29.78
N ASN H 65 33.81 -20.73 -29.03
CA ASN H 65 34.18 -21.76 -28.05
C ASN H 65 33.22 -21.74 -26.87
N LEU H 66 32.93 -20.54 -26.36
CA LEU H 66 31.95 -20.39 -25.29
C LEU H 66 30.62 -20.98 -25.72
N VAL H 67 30.18 -20.70 -26.95
CA VAL H 67 28.87 -21.18 -27.37
C VAL H 67 28.88 -22.70 -27.47
N ARG H 68 30.01 -23.29 -27.88
CA ARG H 68 30.11 -24.75 -27.87
C ARG H 68 29.92 -25.30 -26.46
N LEU H 69 30.54 -24.63 -25.47
CA LEU H 69 30.29 -25.03 -24.09
C LEU H 69 28.82 -24.90 -23.70
N LEU H 70 28.18 -23.79 -24.05
CA LEU H 70 26.79 -23.55 -23.70
C LEU H 70 25.83 -24.53 -24.36
N SER H 71 26.16 -25.03 -25.55
CA SER H 71 25.29 -25.93 -26.29
C SER H 71 25.44 -27.40 -25.93
N ASP H 72 26.53 -27.79 -25.27
CA ASP H 72 26.80 -29.21 -25.03
C ASP H 72 25.81 -29.74 -24.01
N ARG H 73 24.88 -30.58 -24.48
CA ARG H 73 23.87 -31.18 -23.61
C ARG H 73 24.48 -32.09 -22.56
N ASP H 74 25.70 -32.57 -22.76
CA ASP H 74 26.33 -33.45 -21.79
C ASP H 74 26.95 -32.71 -20.61
N ILE H 75 26.92 -31.38 -20.60
CA ILE H 75 27.54 -30.57 -19.56
C ILE H 75 26.47 -29.70 -18.91
N THR H 76 26.27 -29.89 -17.61
CA THR H 76 25.31 -29.07 -16.87
C THR H 76 25.89 -27.70 -16.56
N LYS H 77 25.14 -26.66 -16.91
CA LYS H 77 25.49 -25.28 -16.60
C LYS H 77 24.90 -24.88 -15.26
N ILE H 78 25.74 -24.50 -14.32
CA ILE H 78 25.31 -24.11 -12.98
C ILE H 78 25.25 -22.60 -12.90
N PHE H 79 24.10 -22.07 -12.48
CA PHE H 79 23.89 -20.65 -12.30
C PHE H 79 23.38 -20.39 -10.90
N HIS H 80 23.50 -19.15 -10.46
CA HIS H 80 22.66 -18.62 -9.39
C HIS H 80 21.70 -17.62 -10.01
N PHE H 81 20.40 -17.89 -9.87
CA PHE H 81 19.36 -17.14 -10.59
C PHE H 81 19.62 -17.14 -12.09
N GLY H 82 19.65 -18.34 -12.65
CA GLY H 82 19.86 -18.51 -14.07
C GLY H 82 18.80 -17.89 -14.96
N ARG H 83 17.64 -17.57 -14.41
CA ARG H 83 16.60 -16.90 -15.19
C ARG H 83 17.13 -15.68 -15.94
N PHE H 84 17.98 -14.88 -15.29
CA PHE H 84 18.54 -13.70 -15.95
C PHE H 84 19.69 -14.06 -16.90
N ASP H 85 20.65 -14.84 -16.41
CA ASP H 85 21.82 -15.16 -17.22
C ASP H 85 21.42 -15.87 -18.51
N LEU H 86 20.46 -16.80 -18.44
CA LEU H 86 20.00 -17.48 -19.64
C LEU H 86 19.42 -16.48 -20.63
N ALA H 87 18.65 -15.51 -20.13
CA ALA H 87 18.02 -14.54 -21.02
C ALA H 87 19.08 -13.70 -21.72
N ILE H 88 20.05 -13.19 -20.97
CA ILE H 88 21.03 -12.30 -21.58
C ILE H 88 21.96 -13.08 -22.51
N LEU H 89 22.30 -14.33 -22.15
CA LEU H 89 23.13 -15.15 -23.02
C LEU H 89 22.41 -15.46 -24.33
N ALA H 90 21.13 -15.85 -24.24
CA ALA H 90 20.39 -16.17 -25.45
C ALA H 90 20.21 -14.92 -26.32
N HIS H 91 19.95 -13.78 -25.70
CA HIS H 91 19.79 -12.55 -26.46
C HIS H 91 21.09 -12.14 -27.14
N THR H 92 22.24 -12.43 -26.51
CA THR H 92 23.50 -11.97 -27.07
C THR H 92 24.04 -12.92 -28.13
N PHE H 93 24.02 -14.23 -27.86
CA PHE H 93 24.65 -15.19 -28.76
C PHE H 93 23.68 -16.09 -29.51
N GLY H 94 22.38 -16.02 -29.21
CA GLY H 94 21.40 -16.76 -29.97
C GLY H 94 21.24 -18.22 -29.59
N VAL H 95 21.84 -18.65 -28.48
CA VAL H 95 21.76 -20.04 -28.03
C VAL H 95 21.22 -20.05 -26.61
N MET H 96 20.16 -20.82 -26.39
CA MET H 96 19.59 -20.97 -25.06
C MET H 96 20.04 -22.32 -24.48
N PRO H 97 20.83 -22.33 -23.42
CA PRO H 97 21.18 -23.60 -22.77
C PRO H 97 19.93 -24.32 -22.29
N ASP H 98 19.97 -25.66 -22.34
CA ASP H 98 18.82 -26.43 -21.92
C ASP H 98 19.17 -27.53 -20.91
N VAL H 99 20.38 -27.54 -20.36
CA VAL H 99 20.74 -28.43 -19.26
C VAL H 99 21.34 -27.53 -18.18
N VAL H 100 20.54 -27.22 -17.16
CA VAL H 100 20.92 -26.18 -16.20
C VAL H 100 20.60 -26.63 -14.78
N PHE H 101 21.28 -26.00 -13.84
CA PHE H 101 21.00 -26.10 -12.41
C PHE H 101 21.03 -24.69 -11.86
N CYS H 102 20.03 -24.33 -11.06
CA CYS H 102 19.94 -23.01 -10.46
C CYS H 102 19.93 -23.17 -8.95
N THR H 103 20.91 -22.56 -8.28
CA THR H 103 21.00 -22.65 -6.84
C THR H 103 19.92 -21.85 -6.13
N LYS H 104 19.33 -20.84 -6.79
CA LYS H 104 18.27 -20.08 -6.14
C LYS H 104 16.96 -20.87 -6.08
N ILE H 105 16.57 -21.52 -7.16
CA ILE H 105 15.41 -22.41 -7.11
C ILE H 105 15.64 -23.52 -6.07
N ALA H 106 16.83 -24.12 -6.08
CA ALA H 106 17.15 -25.15 -5.11
C ALA H 106 17.04 -24.62 -3.69
N SER H 107 17.51 -23.40 -3.46
CA SER H 107 17.38 -22.79 -2.14
C SER H 107 15.93 -22.62 -1.77
N LYS H 108 15.10 -22.15 -2.71
CA LYS H 108 13.69 -22.00 -2.40
C LYS H 108 13.01 -23.34 -2.16
N LEU H 109 13.57 -24.43 -2.68
CA LEU H 109 13.00 -25.76 -2.48
C LEU H 109 13.56 -26.50 -1.27
N THR H 110 14.61 -25.99 -0.64
CA THR H 110 15.21 -26.75 0.46
C THR H 110 15.41 -25.91 1.70
N ARG H 111 15.83 -24.65 1.54
CA ARG H 111 16.03 -23.76 2.67
C ARG H 111 14.70 -23.08 3.04
N THR H 112 13.74 -23.91 3.46
CA THR H 112 12.40 -23.44 3.78
C THR H 112 12.32 -22.72 5.11
N TYR H 113 13.38 -22.73 5.90
CA TYR H 113 13.45 -22.09 7.20
C TYR H 113 13.95 -20.65 7.12
N THR H 114 14.10 -20.10 5.93
CA THR H 114 14.56 -18.73 5.78
C THR H 114 13.91 -18.11 4.55
N ASP H 115 13.91 -16.79 4.51
CA ASP H 115 13.44 -16.05 3.35
C ASP H 115 14.58 -15.35 2.61
N ARG H 116 15.82 -15.57 3.03
CA ARG H 116 16.98 -14.98 2.37
C ARG H 116 17.63 -16.05 1.50
N HIS H 117 17.50 -15.89 0.19
CA HIS H 117 18.00 -16.85 -0.78
C HIS H 117 19.10 -16.29 -1.67
N GLY H 118 19.67 -15.15 -1.30
CA GLY H 118 20.77 -14.60 -2.05
C GLY H 118 22.03 -15.43 -1.93
N LEU H 119 22.91 -15.24 -2.91
CA LEU H 119 24.14 -16.04 -2.96
C LEU H 119 24.99 -15.83 -1.72
N LYS H 120 25.05 -14.60 -1.21
CA LYS H 120 25.84 -14.35 0.00
C LYS H 120 25.34 -15.17 1.17
N GLU H 121 24.02 -15.19 1.39
CA GLU H 121 23.47 -15.93 2.51
C GLU H 121 23.65 -17.43 2.33
N ILE H 122 23.48 -17.91 1.10
CA ILE H 122 23.67 -19.33 0.83
C ILE H 122 25.12 -19.74 1.12
N CYS H 123 26.08 -18.98 0.60
CA CYS H 123 27.48 -19.35 0.81
C CYS H 123 27.84 -19.29 2.29
N GLY H 124 27.32 -18.29 3.00
CA GLY H 124 27.59 -18.19 4.43
C GLY H 124 27.05 -19.36 5.22
N GLU H 125 25.81 -19.75 4.93
CA GLU H 125 25.18 -20.83 5.69
C GLU H 125 25.75 -22.19 5.30
N LEU H 126 25.86 -22.46 3.99
CA LEU H 126 26.21 -23.79 3.53
C LEU H 126 27.69 -24.11 3.56
N LEU H 127 28.59 -23.13 3.43
CA LEU H 127 30.00 -23.46 3.31
C LEU H 127 30.88 -22.80 4.37
N ASN H 128 30.33 -21.92 5.18
CA ASN H 128 31.10 -21.08 6.10
C ASN H 128 32.21 -20.34 5.35
N VAL H 129 31.90 -19.91 4.13
CA VAL H 129 32.83 -19.12 3.31
C VAL H 129 32.27 -17.72 3.27
N ASN H 130 33.10 -16.73 3.54
CA ASN H 130 32.63 -15.36 3.59
C ASN H 130 32.91 -14.73 2.23
N ILE H 131 31.84 -14.47 1.49
CA ILE H 131 31.93 -13.74 0.24
C ILE H 131 31.76 -12.28 0.57
N SER H 132 32.69 -11.46 0.11
CA SER H 132 32.60 -10.02 0.30
C SER H 132 32.07 -9.42 -0.99
N LYS H 133 30.97 -8.69 -0.87
CA LYS H 133 30.26 -8.16 -2.02
C LYS H 133 30.68 -6.72 -2.24
N GLN H 134 30.60 -6.28 -3.49
CA GLN H 134 31.13 -4.97 -3.84
C GLN H 134 30.41 -3.89 -3.05
N GLN H 135 31.18 -2.93 -2.55
CA GLN H 135 30.62 -1.88 -1.72
C GLN H 135 30.11 -0.74 -2.58
N GLN H 136 30.28 -0.87 -3.88
CA GLN H 136 29.84 0.07 -4.88
C GLN H 136 29.64 -0.74 -6.17
N SER H 137 28.91 -0.16 -7.11
CA SER H 137 28.77 -0.79 -8.42
C SER H 137 29.80 -0.18 -9.33
N SER H 138 30.00 -0.78 -10.50
CA SER H 138 30.94 -0.17 -11.41
C SER H 138 30.56 -0.42 -12.85
N ASP H 139 31.29 0.26 -13.72
CA ASP H 139 31.16 0.23 -15.17
C ASP H 139 31.82 -1.03 -15.71
N TRP H 140 31.02 -2.09 -15.84
CA TRP H 140 31.55 -3.36 -16.33
C TRP H 140 31.90 -3.30 -17.81
N ALA H 141 31.53 -2.23 -18.51
CA ALA H 141 31.87 -2.08 -19.92
C ALA H 141 33.21 -1.39 -20.11
N ALA H 142 33.90 -1.07 -19.03
CA ALA H 142 35.20 -0.40 -19.10
C ALA H 142 36.17 -1.25 -19.93
N GLU H 143 36.98 -0.57 -20.74
CA GLU H 143 37.95 -1.29 -21.57
C GLU H 143 38.90 -2.12 -20.73
N THR H 144 39.38 -1.56 -19.61
CA THR H 144 40.24 -2.28 -18.69
C THR H 144 39.53 -2.43 -17.36
N LEU H 145 39.27 -3.67 -16.97
CA LEU H 145 38.68 -3.96 -15.66
C LEU H 145 39.72 -3.83 -14.57
N SER H 146 39.29 -3.34 -13.41
CA SER H 146 40.18 -3.24 -12.25
C SER H 146 40.41 -4.62 -11.64
N ARG H 147 41.45 -4.70 -10.81
CA ARG H 147 41.72 -5.94 -10.09
C ARG H 147 40.55 -6.33 -9.18
N ALA H 148 39.94 -5.35 -8.52
CA ALA H 148 38.79 -5.63 -7.67
C ALA H 148 37.62 -6.19 -8.49
N GLN H 149 37.40 -5.63 -9.67
CA GLN H 149 36.35 -6.13 -10.55
C GLN H 149 36.64 -7.58 -10.95
N ILE H 150 37.87 -7.86 -11.34
CA ILE H 150 38.22 -9.21 -11.79
C ILE H 150 38.03 -10.20 -10.65
N GLU H 151 38.47 -9.84 -9.45
CA GLU H 151 38.34 -10.74 -8.31
C GLU H 151 36.88 -10.97 -7.95
N TYR H 152 36.05 -9.92 -8.06
CA TYR H 152 34.61 -10.03 -7.71
C TYR H 152 33.90 -10.93 -8.74
N ALA H 153 34.23 -10.75 -10.02
CA ALA H 153 33.63 -11.55 -11.08
C ALA H 153 34.01 -13.01 -10.94
N ALA H 154 35.28 -13.29 -10.62
CA ALA H 154 35.67 -14.67 -10.43
C ALA H 154 35.03 -15.24 -9.19
N SER H 155 34.92 -14.43 -8.13
CA SER H 155 34.34 -14.88 -6.87
C SER H 155 32.90 -15.28 -7.03
N ASP H 156 32.22 -14.78 -8.07
CA ASP H 156 30.82 -15.13 -8.26
C ASP H 156 30.61 -16.55 -8.79
N VAL H 157 31.63 -17.19 -9.35
CA VAL H 157 31.52 -18.56 -9.87
C VAL H 157 32.31 -19.60 -9.09
N LEU H 158 33.23 -19.20 -8.22
CA LEU H 158 34.14 -20.16 -7.58
C LEU H 158 33.46 -21.20 -6.69
N TYR H 159 32.23 -20.97 -6.22
CA TYR H 159 31.64 -21.84 -5.21
C TYR H 159 30.40 -22.60 -5.65
N LEU H 160 29.97 -22.46 -6.90
CA LEU H 160 28.70 -23.04 -7.33
C LEU H 160 28.73 -24.56 -7.36
N HIS H 161 29.88 -25.19 -7.65
CA HIS H 161 29.95 -26.65 -7.61
C HIS H 161 29.68 -27.21 -6.22
N ARG H 162 30.32 -26.64 -5.20
CA ARG H 162 30.12 -27.12 -3.84
C ARG H 162 28.68 -26.92 -3.40
N LEU H 163 28.08 -25.80 -3.81
CA LEU H 163 26.68 -25.55 -3.49
C LEU H 163 25.78 -26.55 -4.20
N LYS H 164 26.05 -26.84 -5.47
CA LYS H 164 25.25 -27.84 -6.16
C LYS H 164 25.30 -29.18 -5.45
N ASP H 165 26.49 -29.61 -5.02
CA ASP H 165 26.59 -30.89 -4.31
C ASP H 165 25.75 -30.89 -3.03
N ILE H 166 25.84 -29.81 -2.24
CA ILE H 166 25.08 -29.77 -1.00
C ILE H 166 23.58 -29.74 -1.30
N PHE H 167 23.16 -28.93 -2.26
CA PHE H 167 21.75 -28.86 -2.60
C PHE H 167 21.24 -30.19 -3.13
N GLU H 168 22.07 -30.93 -3.88
CA GLU H 168 21.65 -32.26 -4.33
C GLU H 168 21.43 -33.19 -3.16
N GLU H 169 22.30 -33.10 -2.14
CA GLU H 169 22.08 -33.89 -0.94
C GLU H 169 20.76 -33.53 -0.26
N ARG H 170 20.47 -32.24 -0.14
CA ARG H 170 19.22 -31.84 0.52
C ARG H 170 17.99 -32.22 -0.28
N LEU H 171 18.04 -32.07 -1.60
CA LEU H 171 16.90 -32.44 -2.45
C LEU H 171 16.64 -33.93 -2.36
N LYS H 172 17.70 -34.75 -2.29
CA LYS H 172 17.51 -36.18 -2.10
C LYS H 172 16.92 -36.49 -0.73
N ARG H 173 17.41 -35.82 0.33
CA ARG H 173 16.97 -36.13 1.67
C ARG H 173 15.48 -35.90 1.87
N GLU H 174 14.95 -34.79 1.36
CA GLU H 174 13.55 -34.45 1.51
C GLU H 174 12.67 -34.91 0.35
N GLU H 175 13.22 -35.69 -0.58
CA GLU H 175 12.48 -36.33 -1.66
C GLU H 175 11.80 -35.32 -2.60
N ARG H 176 12.56 -34.32 -3.03
CA ARG H 176 12.05 -33.28 -3.92
C ARG H 176 12.85 -33.23 -5.22
N GLU H 177 13.55 -34.31 -5.54
CA GLU H 177 14.41 -34.33 -6.72
C GLU H 177 13.62 -34.12 -8.01
N SER H 178 12.47 -34.77 -8.15
CA SER H 178 11.70 -34.62 -9.38
C SER H 178 11.09 -33.23 -9.51
N VAL H 179 10.74 -32.60 -8.39
CA VAL H 179 10.25 -31.22 -8.43
C VAL H 179 11.34 -30.31 -9.00
N ALA H 180 12.54 -30.41 -8.44
CA ALA H 180 13.64 -29.57 -8.91
C ALA H 180 13.92 -29.86 -10.38
N LYS H 181 13.89 -31.14 -10.76
CA LYS H 181 14.17 -31.49 -12.15
C LYS H 181 13.19 -30.83 -13.10
N ALA H 182 11.90 -30.83 -12.75
CA ALA H 182 10.89 -30.20 -13.60
C ALA H 182 11.08 -28.68 -13.64
N CYS H 183 11.43 -28.08 -12.51
CA CYS H 183 11.70 -26.64 -12.50
C CYS H 183 12.87 -26.29 -13.40
N PHE H 184 13.96 -27.06 -13.33
CA PHE H 184 15.10 -26.81 -14.19
C PHE H 184 14.75 -27.02 -15.65
N GLN H 185 13.87 -27.98 -15.94
CA GLN H 185 13.48 -28.20 -17.33
C GLN H 185 12.72 -27.00 -17.87
N PHE H 186 11.89 -26.38 -17.03
CA PHE H 186 11.12 -25.23 -17.50
C PHE H 186 11.93 -23.93 -17.50
N LEU H 187 12.99 -23.83 -16.72
CA LEU H 187 13.69 -22.56 -16.58
C LEU H 187 14.12 -21.90 -17.90
N PRO H 188 14.67 -22.60 -18.88
CA PRO H 188 14.98 -21.94 -20.16
C PRO H 188 13.76 -21.31 -20.83
N MET H 189 12.61 -21.95 -20.74
CA MET H 189 11.42 -21.37 -21.34
C MET H 189 10.90 -20.19 -20.54
N ARG H 190 11.07 -20.19 -19.23
CA ARG H 190 10.82 -19.00 -18.43
C ARG H 190 11.69 -17.83 -18.91
N ALA H 191 12.95 -18.11 -19.24
CA ALA H 191 13.83 -17.08 -19.77
C ALA H 191 13.35 -16.60 -21.14
N ASN H 192 12.91 -17.52 -21.99
CA ASN H 192 12.39 -17.14 -23.29
C ASN H 192 11.14 -16.26 -23.14
N LEU H 193 10.25 -16.62 -22.22
CA LEU H 193 9.10 -15.76 -21.93
C LEU H 193 9.54 -14.36 -21.54
N ASP H 194 10.62 -14.26 -20.76
CA ASP H 194 11.16 -12.94 -20.43
C ASP H 194 11.58 -12.20 -21.69
N LEU H 195 12.31 -12.86 -22.59
CA LEU H 195 12.77 -12.18 -23.80
C LEU H 195 11.59 -11.77 -24.69
N LEU H 196 10.52 -12.55 -24.70
CA LEU H 196 9.39 -12.25 -25.58
C LEU H 196 8.50 -11.13 -25.08
N GLY H 197 8.62 -10.74 -23.81
CA GLY H 197 7.86 -9.61 -23.33
C GLY H 197 6.99 -9.83 -22.11
N TRP H 198 7.11 -11.00 -21.48
CA TRP H 198 6.33 -11.31 -20.28
C TRP H 198 7.19 -11.26 -19.02
N SER H 199 8.25 -10.47 -19.03
CA SER H 199 9.18 -10.48 -17.91
C SER H 199 8.54 -10.04 -16.59
N GLU H 200 7.46 -9.27 -16.64
CA GLU H 200 6.80 -8.80 -15.43
C GLU H 200 5.56 -9.61 -15.08
N ILE H 201 5.31 -10.73 -15.76
CA ILE H 201 4.08 -11.49 -15.62
C ILE H 201 4.42 -12.90 -15.14
N ASP H 202 3.81 -13.31 -14.04
CA ASP H 202 3.80 -14.71 -13.61
C ASP H 202 2.75 -15.44 -14.45
N ILE H 203 3.22 -16.22 -15.44
CA ILE H 203 2.29 -16.80 -16.41
C ILE H 203 1.34 -17.82 -15.77
N PHE H 204 1.66 -18.34 -14.59
CA PHE H 204 0.83 -19.35 -13.94
C PHE H 204 -0.10 -18.78 -12.87
N ALA H 205 -0.07 -17.48 -12.61
CA ALA H 205 -0.89 -16.92 -11.55
C ALA H 205 -2.33 -16.79 -12.03
N HIS H 206 -3.26 -16.82 -11.09
CA HIS H 206 -4.66 -16.59 -11.43
C HIS H 206 -4.89 -15.17 -11.94
N SER H 207 -4.24 -14.19 -11.34
CA SER H 207 -4.30 -12.82 -11.83
C SER H 207 -2.99 -12.09 -11.61
#